data_6FQ2
# 
_entry.id   6FQ2 
# 
_audit_conform.dict_name       mmcif_pdbx.dic 
_audit_conform.dict_version    5.383 
_audit_conform.dict_location   http://mmcif.pdb.org/dictionaries/ascii/mmcif_pdbx.dic 
# 
loop_
_database_2.database_id 
_database_2.database_code 
_database_2.pdbx_database_accession 
_database_2.pdbx_DOI 
PDB   6FQ2         pdb_00006fq2 10.2210/pdb6fq2/pdb 
WWPDB D_1200008772 ?            ?                   
# 
loop_
_pdbx_audit_revision_history.ordinal 
_pdbx_audit_revision_history.data_content_type 
_pdbx_audit_revision_history.major_revision 
_pdbx_audit_revision_history.minor_revision 
_pdbx_audit_revision_history.revision_date 
1 'Structure model' 1 0 2018-12-05 
2 'Structure model' 1 1 2019-02-20 
3 'Structure model' 1 2 2024-01-17 
# 
_pdbx_audit_revision_details.ordinal             1 
_pdbx_audit_revision_details.revision_ordinal    1 
_pdbx_audit_revision_details.data_content_type   'Structure model' 
_pdbx_audit_revision_details.provider            repository 
_pdbx_audit_revision_details.type                'Initial release' 
_pdbx_audit_revision_details.description         ? 
_pdbx_audit_revision_details.details             ? 
# 
loop_
_pdbx_audit_revision_group.ordinal 
_pdbx_audit_revision_group.revision_ordinal 
_pdbx_audit_revision_group.data_content_type 
_pdbx_audit_revision_group.group 
1 2 'Structure model' 'Data collection'        
2 2 'Structure model' 'Database references'    
3 3 'Structure model' 'Data collection'        
4 3 'Structure model' 'Database references'    
5 3 'Structure model' 'Derived calculations'   
6 3 'Structure model' 'Refinement description' 
# 
loop_
_pdbx_audit_revision_category.ordinal 
_pdbx_audit_revision_category.revision_ordinal 
_pdbx_audit_revision_category.data_content_type 
_pdbx_audit_revision_category.category 
1  2 'Structure model' citation                      
2  2 'Structure model' citation_author               
3  2 'Structure model' pdbx_database_proc            
4  2 'Structure model' pdbx_seq_map_depositor_info   
5  3 'Structure model' chem_comp_atom                
6  3 'Structure model' chem_comp_bond                
7  3 'Structure model' database_2                    
8  3 'Structure model' pdbx_initial_refinement_model 
9  3 'Structure model' pdbx_struct_conn_angle        
10 3 'Structure model' struct_conn                   
# 
loop_
_pdbx_audit_revision_item.ordinal 
_pdbx_audit_revision_item.revision_ordinal 
_pdbx_audit_revision_item.data_content_type 
_pdbx_audit_revision_item.item 
1  2 'Structure model' '_citation.journal_volume'                         
2  2 'Structure model' '_citation.page_first'                             
3  2 'Structure model' '_citation.page_last'                              
4  2 'Structure model' '_citation.title'                                  
5  2 'Structure model' '_citation.year'                                   
6  2 'Structure model' '_pdbx_seq_map_depositor_info.one_letter_code_mod' 
7  3 'Structure model' '_database_2.pdbx_DOI'                             
8  3 'Structure model' '_database_2.pdbx_database_accession'              
9  3 'Structure model' '_pdbx_struct_conn_angle.ptnr1_auth_asym_id'       
10 3 'Structure model' '_pdbx_struct_conn_angle.ptnr1_auth_seq_id'        
11 3 'Structure model' '_pdbx_struct_conn_angle.ptnr1_label_asym_id'      
12 3 'Structure model' '_pdbx_struct_conn_angle.ptnr1_label_seq_id'       
13 3 'Structure model' '_pdbx_struct_conn_angle.ptnr2_auth_seq_id'        
14 3 'Structure model' '_pdbx_struct_conn_angle.ptnr2_label_asym_id'      
15 3 'Structure model' '_pdbx_struct_conn_angle.ptnr3_auth_asym_id'       
16 3 'Structure model' '_pdbx_struct_conn_angle.ptnr3_auth_seq_id'        
17 3 'Structure model' '_pdbx_struct_conn_angle.ptnr3_label_asym_id'      
18 3 'Structure model' '_pdbx_struct_conn_angle.ptnr3_label_seq_id'       
19 3 'Structure model' '_pdbx_struct_conn_angle.value'                    
20 3 'Structure model' '_struct_conn.pdbx_dist_value'                     
21 3 'Structure model' '_struct_conn.ptnr1_auth_asym_id'                  
22 3 'Structure model' '_struct_conn.ptnr1_auth_comp_id'                  
23 3 'Structure model' '_struct_conn.ptnr1_auth_seq_id'                   
24 3 'Structure model' '_struct_conn.ptnr1_label_asym_id'                 
25 3 'Structure model' '_struct_conn.ptnr1_label_atom_id'                 
26 3 'Structure model' '_struct_conn.ptnr1_label_comp_id'                 
27 3 'Structure model' '_struct_conn.ptnr1_label_seq_id'                  
28 3 'Structure model' '_struct_conn.ptnr2_auth_asym_id'                  
29 3 'Structure model' '_struct_conn.ptnr2_auth_comp_id'                  
30 3 'Structure model' '_struct_conn.ptnr2_auth_seq_id'                   
31 3 'Structure model' '_struct_conn.ptnr2_label_asym_id'                 
32 3 'Structure model' '_struct_conn.ptnr2_label_atom_id'                 
33 3 'Structure model' '_struct_conn.ptnr2_label_comp_id'                 
34 3 'Structure model' '_struct_conn.ptnr2_label_seq_id'                  
# 
_pdbx_database_status.status_code                     REL 
_pdbx_database_status.status_code_sf                  REL 
_pdbx_database_status.status_code_mr                  ? 
_pdbx_database_status.entry_id                        6FQ2 
_pdbx_database_status.recvd_initial_deposition_date   2018-02-13 
_pdbx_database_status.SG_entry                        N 
_pdbx_database_status.deposit_site                    PDBE 
_pdbx_database_status.process_site                    PDBE 
_pdbx_database_status.status_code_cs                  ? 
_pdbx_database_status.methods_development_category    ? 
_pdbx_database_status.pdb_format_compatible           Y 
_pdbx_database_status.status_code_nmr_data            ? 
# 
_pdbx_database_related.db_name        PDB 
_pdbx_database_related.details        . 
_pdbx_database_related.db_id          4U5M 
_pdbx_database_related.content_type   unspecified 
# 
loop_
_audit_author.name 
_audit_author.pdbx_ordinal 
_audit_author.identifier_ORCID 
'Schmitt, E.'  1 ? 
'Mechulam, Y.' 2 ? 
'Phan, A.T.'   3 ? 
'Heddi, B.'    4 ? 
'Bakalar, B.'  5 ? 
# 
_citation.abstract                  ? 
_citation.abstract_id_CAS           ? 
_citation.book_id_ISBN              ? 
_citation.book_publisher            ? 
_citation.book_publisher_city       ? 
_citation.book_title                ? 
_citation.coordinate_linkage        ? 
_citation.country                   GE 
_citation.database_id_Medline       ? 
_citation.details                   ? 
_citation.id                        primary 
_citation.journal_abbrev            'Angew. Chem. Int. Ed. Engl.' 
_citation.journal_id_ASTM           ACIEAY 
_citation.journal_id_CSD            0179 
_citation.journal_id_ISSN           1521-3773 
_citation.journal_full              ? 
_citation.journal_issue             ? 
_citation.journal_volume            58 
_citation.language                  ? 
_citation.page_first                2331 
_citation.page_last                 2335 
_citation.title                     'A Minimal Sequence for Left-Handed G-Quadruplex Formation.' 
_citation.year                      2019 
_citation.database_id_CSD           ? 
_citation.pdbx_database_id_DOI      10.1002/anie.201812628 
_citation.pdbx_database_id_PubMed   30481397 
_citation.unpublished_flag          ? 
# 
loop_
_citation_author.citation_id 
_citation_author.name 
_citation_author.ordinal 
_citation_author.identifier_ORCID 
primary 'Bakalar, B.'  1 ? 
primary 'Heddi, B.'    2 ? 
primary 'Schmitt, E.'  3 ? 
primary 'Mechulam, Y.' 4 ? 
primary 'Phan, A.T.'   5 ? 
# 
loop_
_entity.id 
_entity.type 
_entity.src_method 
_entity.pdbx_description 
_entity.formula_weight 
_entity.pdbx_number_of_molecules 
_entity.pdbx_ec 
_entity.pdbx_mutation 
_entity.pdbx_fragment 
_entity.details 
1 polymer     syn 
;DNA (5'-D(*GP*TP*GP*GP*TP*GP*GP*TP*GP*GP*TP*G)-3')
;
3805.460 2  ? ? ? ? 
2 non-polymer syn 'POTASSIUM ION'                                      39.098   3  ? ? ? ? 
3 water       nat water                                                18.015   12 ? ? ? ? 
# 
_entity_poly.entity_id                      1 
_entity_poly.type                           polydeoxyribonucleotide 
_entity_poly.nstd_linkage                   no 
_entity_poly.nstd_monomer                   no 
_entity_poly.pdbx_seq_one_letter_code       '(DG)(DT)(DG)(DG)(DT)(DG)(DG)(DT)(DG)(DG)(DT)(DG)' 
_entity_poly.pdbx_seq_one_letter_code_can   GTGGTGGTGGTG 
_entity_poly.pdbx_strand_id                 A,B 
_entity_poly.pdbx_target_identifier         ? 
# 
loop_
_pdbx_entity_nonpoly.entity_id 
_pdbx_entity_nonpoly.name 
_pdbx_entity_nonpoly.comp_id 
2 'POTASSIUM ION' K   
3 water           HOH 
# 
loop_
_entity_poly_seq.entity_id 
_entity_poly_seq.num 
_entity_poly_seq.mon_id 
_entity_poly_seq.hetero 
1 1  DG n 
1 2  DT n 
1 3  DG n 
1 4  DG n 
1 5  DT n 
1 6  DG n 
1 7  DG n 
1 8  DT n 
1 9  DG n 
1 10 DG n 
1 11 DT n 
1 12 DG n 
# 
_pdbx_entity_src_syn.entity_id              1 
_pdbx_entity_src_syn.pdbx_src_id            1 
_pdbx_entity_src_syn.pdbx_alt_source_flag   sample 
_pdbx_entity_src_syn.pdbx_beg_seq_num       1 
_pdbx_entity_src_syn.pdbx_end_seq_num       12 
_pdbx_entity_src_syn.organism_scientific    'synthetic construct' 
_pdbx_entity_src_syn.organism_common_name   ? 
_pdbx_entity_src_syn.ncbi_taxonomy_id       32630 
_pdbx_entity_src_syn.details                ? 
# 
loop_
_chem_comp.id 
_chem_comp.type 
_chem_comp.mon_nstd_flag 
_chem_comp.name 
_chem_comp.pdbx_synonyms 
_chem_comp.formula 
_chem_comp.formula_weight 
DG  'DNA linking' y "2'-DEOXYGUANOSINE-5'-MONOPHOSPHATE" ? 'C10 H14 N5 O7 P' 347.221 
DT  'DNA linking' y "THYMIDINE-5'-MONOPHOSPHATE"         ? 'C10 H15 N2 O8 P' 322.208 
HOH non-polymer   . WATER                                ? 'H2 O'            18.015  
K   non-polymer   . 'POTASSIUM ION'                      ? 'K 1'             39.098  
# 
loop_
_pdbx_poly_seq_scheme.asym_id 
_pdbx_poly_seq_scheme.entity_id 
_pdbx_poly_seq_scheme.seq_id 
_pdbx_poly_seq_scheme.mon_id 
_pdbx_poly_seq_scheme.ndb_seq_num 
_pdbx_poly_seq_scheme.pdb_seq_num 
_pdbx_poly_seq_scheme.auth_seq_num 
_pdbx_poly_seq_scheme.pdb_mon_id 
_pdbx_poly_seq_scheme.auth_mon_id 
_pdbx_poly_seq_scheme.pdb_strand_id 
_pdbx_poly_seq_scheme.pdb_ins_code 
_pdbx_poly_seq_scheme.hetero 
A 1 1  DG 1  1  1  DG DG A . n 
A 1 2  DT 2  2  2  DT DT A . n 
A 1 3  DG 3  3  3  DG DG A . n 
A 1 4  DG 4  4  4  DG DG A . n 
A 1 5  DT 5  5  5  DT DT A . n 
A 1 6  DG 6  6  6  DG DG A . n 
A 1 7  DG 7  7  7  DG DG A . n 
A 1 8  DT 8  8  8  DT DT A . n 
A 1 9  DG 9  9  9  DG DG A . n 
A 1 10 DG 10 10 10 DG DG A . n 
A 1 11 DT 11 11 11 DT DT A . n 
A 1 12 DG 12 12 12 DG DG A . n 
B 1 1  DG 1  1  1  DG DG B . n 
B 1 2  DT 2  2  2  DT DT B . n 
B 1 3  DG 3  3  3  DG DG B . n 
B 1 4  DG 4  4  4  DG DG B . n 
B 1 5  DT 5  5  5  DT DT B . n 
B 1 6  DG 6  6  6  DG DG B . n 
B 1 7  DG 7  7  7  DG DG B . n 
B 1 8  DT 8  8  8  DT DT B . n 
B 1 9  DG 9  9  9  DG DG B . n 
B 1 10 DG 10 10 10 DG DG B . n 
B 1 11 DT 11 11 11 DT DT B . n 
B 1 12 DG 12 12 12 DG DG B . n 
# 
loop_
_pdbx_nonpoly_scheme.asym_id 
_pdbx_nonpoly_scheme.entity_id 
_pdbx_nonpoly_scheme.mon_id 
_pdbx_nonpoly_scheme.ndb_seq_num 
_pdbx_nonpoly_scheme.pdb_seq_num 
_pdbx_nonpoly_scheme.auth_seq_num 
_pdbx_nonpoly_scheme.pdb_mon_id 
_pdbx_nonpoly_scheme.auth_mon_id 
_pdbx_nonpoly_scheme.pdb_strand_id 
_pdbx_nonpoly_scheme.pdb_ins_code 
C 2 K   1 101 1  K   K   A . 
D 2 K   1 102 2  K   K   A . 
E 2 K   1 101 3  K   K   B . 
F 3 HOH 1 201 2  HOH HOH A . 
F 3 HOH 2 202 7  HOH HOH A . 
F 3 HOH 3 203 8  HOH HOH A . 
F 3 HOH 4 204 6  HOH HOH A . 
F 3 HOH 5 205 4  HOH HOH A . 
G 3 HOH 1 201 11 HOH HOH B . 
G 3 HOH 2 202 9  HOH HOH B . 
G 3 HOH 3 203 12 HOH HOH B . 
G 3 HOH 4 204 1  HOH HOH B . 
G 3 HOH 5 205 5  HOH HOH B . 
G 3 HOH 6 206 3  HOH HOH B . 
G 3 HOH 7 207 10 HOH HOH B . 
# 
loop_
_software.citation_id 
_software.classification 
_software.compiler_name 
_software.compiler_version 
_software.contact_author 
_software.contact_author_email 
_software.date 
_software.description 
_software.dependencies 
_software.hardware 
_software.language 
_software.location 
_software.mods 
_software.name 
_software.os 
_software.os_version 
_software.type 
_software.version 
_software.pdbx_ordinal 
? refinement       ? ? ? ? ? ? ? ? ? ? ? PHENIX ? ? ? . 1 
? 'data reduction' ? ? ? ? ? ? ? ? ? ? ? XDS    ? ? ? . 2 
? 'data scaling'   ? ? ? ? ? ? ? ? ? ? ? XDS    ? ? ? . 3 
? phasing          ? ? ? ? ? ? ? ? ? ? ? PHASER ? ? ? . 4 
# 
_cell.angle_alpha                  90.00 
_cell.angle_alpha_esd              ? 
_cell.angle_beta                   90.00 
_cell.angle_beta_esd               ? 
_cell.angle_gamma                  120.00 
_cell.angle_gamma_esd              ? 
_cell.entry_id                     6FQ2 
_cell.details                      ? 
_cell.formula_units_Z              ? 
_cell.length_a                     30.557 
_cell.length_a_esd                 ? 
_cell.length_b                     30.557 
_cell.length_b_esd                 ? 
_cell.length_c                     53.662 
_cell.length_c_esd                 ? 
_cell.volume                       ? 
_cell.volume_esd                   ? 
_cell.Z_PDB                        6 
_cell.reciprocal_angle_alpha       ? 
_cell.reciprocal_angle_beta        ? 
_cell.reciprocal_angle_gamma       ? 
_cell.reciprocal_angle_alpha_esd   ? 
_cell.reciprocal_angle_beta_esd    ? 
_cell.reciprocal_angle_gamma_esd   ? 
_cell.reciprocal_length_a          ? 
_cell.reciprocal_length_b          ? 
_cell.reciprocal_length_c          ? 
_cell.reciprocal_length_a_esd      ? 
_cell.reciprocal_length_b_esd      ? 
_cell.reciprocal_length_c_esd      ? 
_cell.pdbx_unique_axis             ? 
# 
_symmetry.entry_id                         6FQ2 
_symmetry.cell_setting                     ? 
_symmetry.Int_Tables_number                145 
_symmetry.space_group_name_Hall            ? 
_symmetry.space_group_name_H-M             'P 32' 
_symmetry.pdbx_full_space_group_name_H-M   ? 
# 
_exptl.absorpt_coefficient_mu     ? 
_exptl.absorpt_correction_T_max   ? 
_exptl.absorpt_correction_T_min   ? 
_exptl.absorpt_correction_type    ? 
_exptl.absorpt_process_details    ? 
_exptl.entry_id                   6FQ2 
_exptl.crystals_number            1 
_exptl.details                    ? 
_exptl.method                     'X-RAY DIFFRACTION' 
_exptl.method_details             ? 
# 
_exptl_crystal.colour                      ? 
_exptl_crystal.density_diffrn              ? 
_exptl_crystal.density_Matthews            1.90 
_exptl_crystal.density_method              ? 
_exptl_crystal.density_percent_sol         35.28 
_exptl_crystal.description                 ? 
_exptl_crystal.F_000                       ? 
_exptl_crystal.id                          1 
_exptl_crystal.preparation                 ? 
_exptl_crystal.size_max                    ? 
_exptl_crystal.size_mid                    ? 
_exptl_crystal.size_min                    ? 
_exptl_crystal.size_rad                    ? 
_exptl_crystal.colour_lustre               ? 
_exptl_crystal.colour_modifier             ? 
_exptl_crystal.colour_primary              ? 
_exptl_crystal.density_meas                ? 
_exptl_crystal.density_meas_esd            ? 
_exptl_crystal.density_meas_gt             ? 
_exptl_crystal.density_meas_lt             ? 
_exptl_crystal.density_meas_temp           ? 
_exptl_crystal.density_meas_temp_esd       ? 
_exptl_crystal.density_meas_temp_gt        ? 
_exptl_crystal.density_meas_temp_lt        ? 
_exptl_crystal.pdbx_crystal_image_url      ? 
_exptl_crystal.pdbx_crystal_image_format   ? 
_exptl_crystal.pdbx_mosaicity              ? 
_exptl_crystal.pdbx_mosaicity_esd          ? 
# 
_exptl_crystal_grow.apparatus       ? 
_exptl_crystal_grow.atmosphere      ? 
_exptl_crystal_grow.crystal_id      1 
_exptl_crystal_grow.details         ? 
_exptl_crystal_grow.method          'VAPOR DIFFUSION, SITTING DROP' 
_exptl_crystal_grow.method_ref      ? 
_exptl_crystal_grow.pH              7.0 
_exptl_crystal_grow.pressure        ? 
_exptl_crystal_grow.pressure_esd    ? 
_exptl_crystal_grow.seeding         ? 
_exptl_crystal_grow.seeding_ref     ? 
_exptl_crystal_grow.temp            297 
_exptl_crystal_grow.temp_details    ? 
_exptl_crystal_grow.temp_esd        ? 
_exptl_crystal_grow.time            ? 
_exptl_crystal_grow.pdbx_details    '55%MPD, 12mM Spermine, 80mM KCl' 
_exptl_crystal_grow.pdbx_pH_range   ? 
# 
_diffrn.ambient_environment    ? 
_diffrn.ambient_temp           100 
_diffrn.ambient_temp_details   ? 
_diffrn.ambient_temp_esd       ? 
_diffrn.crystal_id             1 
_diffrn.crystal_support        ? 
_diffrn.crystal_treatment      ? 
_diffrn.details                ? 
_diffrn.id                     1 
_diffrn.ambient_pressure       ? 
_diffrn.ambient_pressure_esd   ? 
_diffrn.ambient_pressure_gt    ? 
_diffrn.ambient_pressure_lt    ? 
_diffrn.ambient_temp_gt        ? 
_diffrn.ambient_temp_lt        ? 
# 
_diffrn_detector.details                      ? 
_diffrn_detector.detector                     PIXEL 
_diffrn_detector.diffrn_id                    1 
_diffrn_detector.type                         'DECTRIS PILATUS 200K' 
_diffrn_detector.area_resol_mean              ? 
_diffrn_detector.dtime                        ? 
_diffrn_detector.pdbx_frames_total            ? 
_diffrn_detector.pdbx_collection_time_total   ? 
_diffrn_detector.pdbx_collection_date         2017-03-03 
# 
_diffrn_radiation.collimation                      ? 
_diffrn_radiation.diffrn_id                        1 
_diffrn_radiation.filter_edge                      ? 
_diffrn_radiation.inhomogeneity                    ? 
_diffrn_radiation.monochromator                    ? 
_diffrn_radiation.polarisn_norm                    ? 
_diffrn_radiation.polarisn_ratio                   ? 
_diffrn_radiation.probe                            ? 
_diffrn_radiation.type                             ? 
_diffrn_radiation.xray_symbol                      ? 
_diffrn_radiation.wavelength_id                    1 
_diffrn_radiation.pdbx_monochromatic_or_laue_m_l   M 
_diffrn_radiation.pdbx_wavelength_list             ? 
_diffrn_radiation.pdbx_wavelength                  ? 
_diffrn_radiation.pdbx_diffrn_protocol             'SINGLE WAVELENGTH' 
_diffrn_radiation.pdbx_analyzer                    ? 
_diffrn_radiation.pdbx_scattering_type             x-ray 
# 
_diffrn_radiation_wavelength.id           1 
_diffrn_radiation_wavelength.wavelength   1.54 
_diffrn_radiation_wavelength.wt           1.0 
# 
_diffrn_source.current                     ? 
_diffrn_source.details                     ? 
_diffrn_source.diffrn_id                   1 
_diffrn_source.power                       ? 
_diffrn_source.size                        ? 
_diffrn_source.source                      'ROTATING ANODE' 
_diffrn_source.target                      ? 
_diffrn_source.type                        RIGAKU 
_diffrn_source.voltage                     ? 
_diffrn_source.take-off_angle              ? 
_diffrn_source.pdbx_wavelength_list        1.54 
_diffrn_source.pdbx_wavelength             ? 
_diffrn_source.pdbx_synchrotron_beamline   ? 
_diffrn_source.pdbx_synchrotron_site       ? 
# 
_reflns.B_iso_Wilson_estimate            ? 
_reflns.entry_id                         6FQ2 
_reflns.data_reduction_details           ? 
_reflns.data_reduction_method            ? 
_reflns.d_resolution_high                2.31 
_reflns.d_resolution_low                 26.46 
_reflns.details                          ? 
_reflns.limit_h_max                      ? 
_reflns.limit_h_min                      ? 
_reflns.limit_k_max                      ? 
_reflns.limit_k_min                      ? 
_reflns.limit_l_max                      ? 
_reflns.limit_l_min                      ? 
_reflns.number_all                       ? 
_reflns.number_obs                       2411 
_reflns.observed_criterion               ? 
_reflns.observed_criterion_F_max         ? 
_reflns.observed_criterion_F_min         ? 
_reflns.observed_criterion_I_max         ? 
_reflns.observed_criterion_I_min         ? 
_reflns.observed_criterion_sigma_F       0 
_reflns.observed_criterion_sigma_I       0 
_reflns.percent_possible_obs             97.7 
_reflns.R_free_details                   ? 
_reflns.Rmerge_F_all                     ? 
_reflns.Rmerge_F_obs                     ? 
_reflns.Friedel_coverage                 ? 
_reflns.number_gt                        ? 
_reflns.threshold_expression             ? 
_reflns.pdbx_redundancy                  2.84 
_reflns.pdbx_Rmerge_I_obs                ? 
_reflns.pdbx_Rmerge_I_all                ? 
_reflns.pdbx_Rsym_value                  0.031 
_reflns.pdbx_netI_over_av_sigmaI         ? 
_reflns.pdbx_netI_over_sigmaI            16.4 
_reflns.pdbx_res_netI_over_av_sigmaI_2   ? 
_reflns.pdbx_res_netI_over_sigmaI_2      ? 
_reflns.pdbx_chi_squared                 ? 
_reflns.pdbx_scaling_rejects             ? 
_reflns.pdbx_d_res_high_opt              ? 
_reflns.pdbx_d_res_low_opt               ? 
_reflns.pdbx_d_res_opt_method            ? 
_reflns.phase_calculation_details        ? 
_reflns.pdbx_Rrim_I_all                  ? 
_reflns.pdbx_Rpim_I_all                  ? 
_reflns.pdbx_d_opt                       ? 
_reflns.pdbx_number_measured_all         ? 
_reflns.pdbx_diffrn_id                   1 
_reflns.pdbx_ordinal                     1 
_reflns.pdbx_CC_half                     1 
_reflns.pdbx_R_split                     ? 
# 
_reflns_shell.d_res_high                  2.31 
_reflns_shell.d_res_low                   2.44 
_reflns_shell.meanI_over_sigI_all         ? 
_reflns_shell.meanI_over_sigI_obs         3.4 
_reflns_shell.number_measured_all         ? 
_reflns_shell.number_measured_obs         ? 
_reflns_shell.number_possible             ? 
_reflns_shell.number_unique_all           ? 
_reflns_shell.number_unique_obs           379 
_reflns_shell.percent_possible_all        96.9 
_reflns_shell.percent_possible_obs        ? 
_reflns_shell.Rmerge_F_all                ? 
_reflns_shell.Rmerge_F_obs                ? 
_reflns_shell.Rmerge_I_all                ? 
_reflns_shell.Rmerge_I_obs                ? 
_reflns_shell.meanI_over_sigI_gt          ? 
_reflns_shell.meanI_over_uI_all           ? 
_reflns_shell.meanI_over_uI_gt            ? 
_reflns_shell.number_measured_gt          ? 
_reflns_shell.number_unique_gt            ? 
_reflns_shell.percent_possible_gt         ? 
_reflns_shell.Rmerge_F_gt                 ? 
_reflns_shell.Rmerge_I_gt                 ? 
_reflns_shell.pdbx_redundancy             2.3 
_reflns_shell.pdbx_Rsym_value             0.23 
_reflns_shell.pdbx_chi_squared            ? 
_reflns_shell.pdbx_netI_over_sigmaI_all   ? 
_reflns_shell.pdbx_netI_over_sigmaI_obs   ? 
_reflns_shell.pdbx_Rrim_I_all             ? 
_reflns_shell.pdbx_Rpim_I_all             ? 
_reflns_shell.pdbx_rejects                ? 
_reflns_shell.pdbx_ordinal                1 
_reflns_shell.pdbx_diffrn_id              1 
_reflns_shell.pdbx_CC_half                0.93 
_reflns_shell.pdbx_R_split                ? 
# 
_refine.aniso_B[1][1]                            ? 
_refine.aniso_B[1][2]                            ? 
_refine.aniso_B[1][3]                            ? 
_refine.aniso_B[2][2]                            ? 
_refine.aniso_B[2][3]                            ? 
_refine.aniso_B[3][3]                            ? 
_refine.B_iso_max                                ? 
_refine.B_iso_mean                               ? 
_refine.B_iso_min                                ? 
_refine.correlation_coeff_Fo_to_Fc               ? 
_refine.correlation_coeff_Fo_to_Fc_free          ? 
_refine.details                                  ? 
_refine.diff_density_max                         ? 
_refine.diff_density_max_esd                     ? 
_refine.diff_density_min                         ? 
_refine.diff_density_min_esd                     ? 
_refine.diff_density_rms                         ? 
_refine.diff_density_rms_esd                     ? 
_refine.entry_id                                 6FQ2 
_refine.pdbx_refine_id                           'X-RAY DIFFRACTION' 
_refine.ls_abs_structure_details                 ? 
_refine.ls_abs_structure_Flack                   ? 
_refine.ls_abs_structure_Flack_esd               ? 
_refine.ls_abs_structure_Rogers                  ? 
_refine.ls_abs_structure_Rogers_esd              ? 
_refine.ls_d_res_high                            2.31 
_refine.ls_d_res_low                             26.46 
_refine.ls_extinction_coef                       ? 
_refine.ls_extinction_coef_esd                   ? 
_refine.ls_extinction_expression                 ? 
_refine.ls_extinction_method                     ? 
_refine.ls_goodness_of_fit_all                   ? 
_refine.ls_goodness_of_fit_all_esd               ? 
_refine.ls_goodness_of_fit_obs                   ? 
_refine.ls_goodness_of_fit_obs_esd               ? 
_refine.ls_hydrogen_treatment                    ? 
_refine.ls_matrix_type                           ? 
_refine.ls_number_constraints                    ? 
_refine.ls_number_parameters                     ? 
_refine.ls_number_reflns_all                     ? 
_refine.ls_number_reflns_obs                     2405 
_refine.ls_number_reflns_R_free                  125 
_refine.ls_number_reflns_R_work                  ? 
_refine.ls_number_restraints                     ? 
_refine.ls_percent_reflns_obs                    97.45 
_refine.ls_percent_reflns_R_free                 5.20 
_refine.ls_R_factor_all                          ? 
_refine.ls_R_factor_obs                          0.1996 
_refine.ls_R_factor_R_free                       0.2267 
_refine.ls_R_factor_R_free_error                 ? 
_refine.ls_R_factor_R_free_error_details         ? 
_refine.ls_R_factor_R_work                       0.1959 
_refine.ls_R_Fsqd_factor_obs                     ? 
_refine.ls_R_I_factor_obs                        ? 
_refine.ls_redundancy_reflns_all                 ? 
_refine.ls_redundancy_reflns_obs                 ? 
_refine.ls_restrained_S_all                      ? 
_refine.ls_restrained_S_obs                      ? 
_refine.ls_shift_over_esd_max                    ? 
_refine.ls_shift_over_esd_mean                   ? 
_refine.ls_structure_factor_coef                 ? 
_refine.ls_weighting_details                     ? 
_refine.ls_weighting_scheme                      ? 
_refine.ls_wR_factor_all                         ? 
_refine.ls_wR_factor_obs                         ? 
_refine.ls_wR_factor_R_free                      ? 
_refine.ls_wR_factor_R_work                      ? 
_refine.occupancy_max                            ? 
_refine.occupancy_min                            ? 
_refine.solvent_model_details                    ? 
_refine.solvent_model_param_bsol                 ? 
_refine.solvent_model_param_ksol                 ? 
_refine.ls_R_factor_gt                           ? 
_refine.ls_goodness_of_fit_gt                    ? 
_refine.ls_goodness_of_fit_ref                   ? 
_refine.ls_shift_over_su_max                     ? 
_refine.ls_shift_over_su_max_lt                  ? 
_refine.ls_shift_over_su_mean                    ? 
_refine.ls_shift_over_su_mean_lt                 ? 
_refine.pdbx_ls_sigma_I                          ? 
_refine.pdbx_ls_sigma_F                          ? 
_refine.pdbx_ls_sigma_Fsqd                       ? 
_refine.pdbx_data_cutoff_high_absF               ? 
_refine.pdbx_data_cutoff_high_rms_absF           ? 
_refine.pdbx_data_cutoff_low_absF                ? 
_refine.pdbx_isotropic_thermal_model             ? 
_refine.pdbx_ls_cross_valid_method               'FREE R-VALUE' 
_refine.pdbx_method_to_determine_struct          'MOLECULAR REPLACEMENT' 
_refine.pdbx_starting_model                      4U5M 
_refine.pdbx_stereochemistry_target_values       ? 
_refine.pdbx_R_Free_selection_details            ? 
_refine.pdbx_stereochem_target_val_spec_case     ? 
_refine.pdbx_overall_ESU_R                       ? 
_refine.pdbx_overall_ESU_R_Free                  ? 
_refine.pdbx_solvent_vdw_probe_radii             1.11 
_refine.pdbx_solvent_ion_probe_radii             ? 
_refine.pdbx_solvent_shrinkage_radii             0.90 
_refine.pdbx_real_space_R                        ? 
_refine.pdbx_density_correlation                 ? 
_refine.pdbx_pd_number_of_powder_patterns        ? 
_refine.pdbx_pd_number_of_points                 ? 
_refine.pdbx_pd_meas_number_of_points            ? 
_refine.pdbx_pd_proc_ls_prof_R_factor            ? 
_refine.pdbx_pd_proc_ls_prof_wR_factor           ? 
_refine.pdbx_pd_Marquardt_correlation_coeff      ? 
_refine.pdbx_pd_Fsqrd_R_factor                   ? 
_refine.pdbx_pd_ls_matrix_band_width             ? 
_refine.pdbx_overall_phase_error                 27.42 
_refine.pdbx_overall_SU_R_free_Cruickshank_DPI   ? 
_refine.pdbx_overall_SU_R_free_Blow_DPI          ? 
_refine.pdbx_overall_SU_R_Blow_DPI               ? 
_refine.pdbx_TLS_residual_ADP_flag               ? 
_refine.pdbx_diffrn_id                           1 
_refine.overall_SU_B                             ? 
_refine.overall_SU_ML                            ? 
_refine.overall_SU_R_Cruickshank_DPI             ? 
_refine.overall_SU_R_free                        ? 
_refine.overall_FOM_free_R_set                   ? 
_refine.overall_FOM_work_R_set                   ? 
_refine.pdbx_average_fsc_overall                 ? 
_refine.pdbx_average_fsc_work                    ? 
_refine.pdbx_average_fsc_free                    ? 
# 
_refine_hist.pdbx_refine_id                   'X-RAY DIFFRACTION' 
_refine_hist.cycle_id                         LAST 
_refine_hist.pdbx_number_atoms_protein        0 
_refine_hist.pdbx_number_atoms_nucleic_acid   506 
_refine_hist.pdbx_number_atoms_ligand         3 
_refine_hist.number_atoms_solvent             12 
_refine_hist.number_atoms_total               521 
_refine_hist.d_res_high                       2.31 
_refine_hist.d_res_low                        26.46 
# 
loop_
_refine_ls_restr.pdbx_refine_id 
_refine_ls_restr.criterion 
_refine_ls_restr.dev_ideal 
_refine_ls_restr.dev_ideal_target 
_refine_ls_restr.number 
_refine_ls_restr.rejects 
_refine_ls_restr.type 
_refine_ls_restr.weight 
_refine_ls_restr.pdbx_restraint_function 
'X-RAY DIFFRACTION' ? 0.004  ? 568 ? f_bond_d           ? ? 
'X-RAY DIFFRACTION' ? 0.697  ? 880 ? f_angle_d          ? ? 
'X-RAY DIFFRACTION' ? 40.336 ? 232 ? f_dihedral_angle_d ? ? 
'X-RAY DIFFRACTION' ? 0.038  ? 94  ? f_chiral_restr     ? ? 
'X-RAY DIFFRACTION' ? 0.002  ? 24  ? f_plane_restr      ? ? 
# 
_struct.entry_id                     6FQ2 
_struct.title                        'Structure of minimal sequence for left -handed G-quadruplex formation' 
_struct.pdbx_model_details           ? 
_struct.pdbx_formula_weight          ? 
_struct.pdbx_formula_weight_method   ? 
_struct.pdbx_model_type_details      ? 
_struct.pdbx_CASP_flag               N 
# 
_struct_keywords.entry_id        6FQ2 
_struct_keywords.text            'G-quadruplex, DNA' 
_struct_keywords.pdbx_keywords   DNA 
# 
loop_
_struct_asym.id 
_struct_asym.pdbx_blank_PDB_chainid_flag 
_struct_asym.pdbx_modified 
_struct_asym.entity_id 
_struct_asym.details 
A N N 1 ? 
B N N 1 ? 
C N N 2 ? 
D N N 2 ? 
E N N 2 ? 
F N N 3 ? 
G N N 3 ? 
# 
_struct_ref.id                         1 
_struct_ref.db_name                    PDB 
_struct_ref.db_code                    6FQ2 
_struct_ref.pdbx_db_accession          6FQ2 
_struct_ref.pdbx_db_isoform            ? 
_struct_ref.entity_id                  1 
_struct_ref.pdbx_seq_one_letter_code   ? 
_struct_ref.pdbx_align_begin           1 
# 
loop_
_struct_ref_seq.align_id 
_struct_ref_seq.ref_id 
_struct_ref_seq.pdbx_PDB_id_code 
_struct_ref_seq.pdbx_strand_id 
_struct_ref_seq.seq_align_beg 
_struct_ref_seq.pdbx_seq_align_beg_ins_code 
_struct_ref_seq.seq_align_end 
_struct_ref_seq.pdbx_seq_align_end_ins_code 
_struct_ref_seq.pdbx_db_accession 
_struct_ref_seq.db_align_beg 
_struct_ref_seq.pdbx_db_align_beg_ins_code 
_struct_ref_seq.db_align_end 
_struct_ref_seq.pdbx_db_align_end_ins_code 
_struct_ref_seq.pdbx_auth_seq_align_beg 
_struct_ref_seq.pdbx_auth_seq_align_end 
1 1 6FQ2 A 1 ? 12 ? 6FQ2 1 ? 12 ? 1 12 
2 1 6FQ2 B 1 ? 12 ? 6FQ2 1 ? 12 ? 1 12 
# 
_pdbx_struct_assembly.id                   1 
_pdbx_struct_assembly.details              author_and_software_defined_assembly 
_pdbx_struct_assembly.method_details       PISA 
_pdbx_struct_assembly.oligomeric_details   dimeric 
_pdbx_struct_assembly.oligomeric_count     2 
# 
loop_
_pdbx_struct_assembly_prop.biol_id 
_pdbx_struct_assembly_prop.type 
_pdbx_struct_assembly_prop.value 
_pdbx_struct_assembly_prop.details 
1 'ABSA (A^2)' 1880 ? 
1 MORE         15   ? 
1 'SSA (A^2)'  3170 ? 
# 
_pdbx_struct_assembly_gen.assembly_id       1 
_pdbx_struct_assembly_gen.oper_expression   1 
_pdbx_struct_assembly_gen.asym_id_list      A,B,C,D,E,F,G 
# 
_pdbx_struct_assembly_auth_evidence.id                     1 
_pdbx_struct_assembly_auth_evidence.assembly_id            1 
_pdbx_struct_assembly_auth_evidence.experimental_support   none 
_pdbx_struct_assembly_auth_evidence.details                ? 
# 
_pdbx_struct_oper_list.id                   1 
_pdbx_struct_oper_list.type                 'identity operation' 
_pdbx_struct_oper_list.name                 1_555 
_pdbx_struct_oper_list.symmetry_operation   x,y,z 
_pdbx_struct_oper_list.matrix[1][1]         1.0000000000 
_pdbx_struct_oper_list.matrix[1][2]         0.0000000000 
_pdbx_struct_oper_list.matrix[1][3]         0.0000000000 
_pdbx_struct_oper_list.vector[1]            0.0000000000 
_pdbx_struct_oper_list.matrix[2][1]         0.0000000000 
_pdbx_struct_oper_list.matrix[2][2]         1.0000000000 
_pdbx_struct_oper_list.matrix[2][3]         0.0000000000 
_pdbx_struct_oper_list.vector[2]            0.0000000000 
_pdbx_struct_oper_list.matrix[3][1]         0.0000000000 
_pdbx_struct_oper_list.matrix[3][2]         0.0000000000 
_pdbx_struct_oper_list.matrix[3][3]         1.0000000000 
_pdbx_struct_oper_list.vector[3]            0.0000000000 
# 
loop_
_struct_conn.id 
_struct_conn.conn_type_id 
_struct_conn.pdbx_leaving_atom_flag 
_struct_conn.pdbx_PDB_id 
_struct_conn.ptnr1_label_asym_id 
_struct_conn.ptnr1_label_comp_id 
_struct_conn.ptnr1_label_seq_id 
_struct_conn.ptnr1_label_atom_id 
_struct_conn.pdbx_ptnr1_label_alt_id 
_struct_conn.pdbx_ptnr1_PDB_ins_code 
_struct_conn.pdbx_ptnr1_standard_comp_id 
_struct_conn.ptnr1_symmetry 
_struct_conn.ptnr2_label_asym_id 
_struct_conn.ptnr2_label_comp_id 
_struct_conn.ptnr2_label_seq_id 
_struct_conn.ptnr2_label_atom_id 
_struct_conn.pdbx_ptnr2_label_alt_id 
_struct_conn.pdbx_ptnr2_PDB_ins_code 
_struct_conn.ptnr1_auth_asym_id 
_struct_conn.ptnr1_auth_comp_id 
_struct_conn.ptnr1_auth_seq_id 
_struct_conn.ptnr2_auth_asym_id 
_struct_conn.ptnr2_auth_comp_id 
_struct_conn.ptnr2_auth_seq_id 
_struct_conn.ptnr2_symmetry 
_struct_conn.pdbx_ptnr3_label_atom_id 
_struct_conn.pdbx_ptnr3_label_seq_id 
_struct_conn.pdbx_ptnr3_label_comp_id 
_struct_conn.pdbx_ptnr3_label_asym_id 
_struct_conn.pdbx_ptnr3_label_alt_id 
_struct_conn.pdbx_ptnr3_PDB_ins_code 
_struct_conn.details 
_struct_conn.pdbx_dist_value 
_struct_conn.pdbx_value_order 
_struct_conn.pdbx_role 
metalc1  metalc ? ? A DG 1  O6 ? ? ? 1_555 C K  .  K  ? ? A DG 1   A K  101 1_555 ? ? ? ? ? ? ?           2.787 ? ? 
metalc2  metalc ? ? A DG 1  O6 ? ? ? 1_555 D K  .  K  ? ? A DG 1   A K  102 1_555 ? ? ? ? ? ? ?           2.815 ? ? 
metalc3  metalc ? ? A DG 3  O6 ? ? ? 1_555 D K  .  K  ? ? A DG 3   A K  102 1_555 ? ? ? ? ? ? ?           3.017 ? ? 
metalc4  metalc ? ? A DG 4  O6 ? ? ? 1_555 C K  .  K  ? ? A DG 4   A K  101 1_555 ? ? ? ? ? ? ?           2.589 ? ? 
metalc5  metalc ? ? A DG 4  O6 ? ? ? 1_555 D K  .  K  ? ? A DG 4   A K  102 1_555 ? ? ? ? ? ? ?           2.830 ? ? 
metalc6  metalc ? ? A DG 6  O6 ? ? ? 1_555 D K  .  K  ? ? A DG 6   A K  102 1_555 ? ? ? ? ? ? ?           3.002 ? ? 
metalc7  metalc ? ? A DG 7  O6 ? ? ? 1_555 C K  .  K  ? ? A DG 7   A K  101 1_555 ? ? ? ? ? ? ?           2.658 ? ? 
metalc8  metalc ? ? A DG 7  O6 ? ? ? 1_555 D K  .  K  ? ? A DG 7   A K  102 1_555 ? ? ? ? ? ? ?           2.951 ? ? 
metalc9  metalc ? ? A DG 9  O6 ? ? ? 1_555 D K  .  K  ? ? A DG 9   A K  102 1_555 ? ? ? ? ? ? ?           3.220 ? ? 
metalc10 metalc ? ? A DG 10 O6 ? ? ? 1_555 C K  .  K  ? ? A DG 10  A K  101 1_555 ? ? ? ? ? ? ?           2.728 ? ? 
metalc11 metalc ? ? A DG 10 O6 ? ? ? 1_555 D K  .  K  ? ? A DG 10  A K  102 1_555 ? ? ? ? ? ? ?           2.738 ? ? 
metalc12 metalc ? ? A DG 12 O6 ? ? ? 1_555 D K  .  K  ? ? A DG 12  A K  102 1_555 ? ? ? ? ? ? ?           2.932 ? ? 
metalc13 metalc ? ? C K  .  K  ? ? ? 1_555 B DG 1  O6 ? ? A K  101 B DG 1   1_555 ? ? ? ? ? ? ?           3.134 ? ? 
metalc14 metalc ? ? C K  .  K  ? ? ? 1_555 B DG 4  O6 ? ? A K  101 B DG 4   1_555 ? ? ? ? ? ? ?           2.999 ? ? 
metalc15 metalc ? ? C K  .  K  ? ? ? 1_555 B DG 7  O6 ? ? A K  101 B DG 7   1_555 ? ? ? ? ? ? ?           3.235 ? ? 
metalc16 metalc ? ? C K  .  K  ? ? ? 1_555 B DG 10 O6 ? ? A K  101 B DG 10  1_555 ? ? ? ? ? ? ?           3.183 ? ? 
metalc17 metalc ? ? B DG 1  O6 ? ? ? 1_555 E K  .  K  ? ? B DG 1   B K  101 1_555 ? ? ? ? ? ? ?           3.058 ? ? 
metalc18 metalc ? ? B DG 3  O6 ? ? ? 1_555 E K  .  K  ? ? B DG 3   B K  101 1_555 ? ? ? ? ? ? ?           3.215 ? ? 
metalc19 metalc ? ? B DG 4  O6 ? ? ? 1_555 E K  .  K  ? ? B DG 4   B K  101 1_555 ? ? ? ? ? ? ?           3.239 ? ? 
metalc20 metalc ? ? B DG 6  O6 ? ? ? 1_555 E K  .  K  ? ? B DG 6   B K  101 1_555 ? ? ? ? ? ? ?           2.924 ? ? 
metalc21 metalc ? ? B DG 7  O6 ? ? ? 1_555 E K  .  K  ? ? B DG 7   B K  101 1_555 ? ? ? ? ? ? ?           3.129 ? ? 
metalc22 metalc ? ? B DG 9  O6 ? ? ? 1_555 E K  .  K  ? ? B DG 9   B K  101 1_555 ? ? ? ? ? ? ?           2.837 ? ? 
metalc23 metalc ? ? B DG 10 O6 ? ? ? 1_555 E K  .  K  ? ? B DG 10  B K  101 1_555 ? ? ? ? ? ? ?           2.902 ? ? 
metalc24 metalc ? ? B DG 12 O6 ? ? ? 1_555 E K  .  K  ? ? B DG 12  B K  101 1_555 ? ? ? ? ? ? ?           2.750 ? ? 
hydrog1  hydrog ? ? A DG 1  N1 ? ? ? 1_555 A DG 4  O6 ? ? A DG 1   A DG 4   1_555 ? ? ? ? ? ? TYPE_6_PAIR ?     ? ? 
hydrog2  hydrog ? ? A DG 1  N2 ? ? ? 1_555 A DG 4  N7 ? ? A DG 1   A DG 4   1_555 ? ? ? ? ? ? TYPE_6_PAIR ?     ? ? 
hydrog3  hydrog ? ? A DG 1  N7 ? ? ? 1_555 A DG 10 N2 ? ? A DG 1   A DG 10  1_555 ? ? ? ? ? ? TYPE_6_PAIR ?     ? ? 
hydrog4  hydrog ? ? A DG 1  O6 ? ? ? 1_555 A DG 10 N1 ? ? A DG 1   A DG 10  1_555 ? ? ? ? ? ? TYPE_6_PAIR ?     ? ? 
hydrog5  hydrog ? ? A DG 3  N1 ? ? ? 1_555 A DG 6  O6 ? ? A DG 3   A DG 6   1_555 ? ? ? ? ? ? TYPE_6_PAIR ?     ? ? 
hydrog6  hydrog ? ? A DG 3  N2 ? ? ? 1_555 A DG 6  N7 ? ? A DG 3   A DG 6   1_555 ? ? ? ? ? ? TYPE_6_PAIR ?     ? ? 
hydrog7  hydrog ? ? A DG 3  N7 ? ? ? 1_555 A DG 12 N2 ? ? A DG 3   A DG 12  1_555 ? ? ? ? ? ? TYPE_6_PAIR ?     ? ? 
hydrog8  hydrog ? ? A DG 3  O6 ? ? ? 1_555 A DG 12 N1 ? ? A DG 3   A DG 12  1_555 ? ? ? ? ? ? TYPE_6_PAIR ?     ? ? 
hydrog9  hydrog ? ? A DG 4  N1 ? ? ? 1_555 A DG 7  O6 ? ? A DG 4   A DG 7   1_555 ? ? ? ? ? ? TYPE_6_PAIR ?     ? ? 
hydrog10 hydrog ? ? A DG 4  N2 ? ? ? 1_555 A DG 7  N7 ? ? A DG 4   A DG 7   1_555 ? ? ? ? ? ? TYPE_6_PAIR ?     ? ? 
hydrog11 hydrog ? ? A DG 6  N1 ? ? ? 1_555 A DG 9  O6 ? ? A DG 6   A DG 9   1_555 ? ? ? ? ? ? TYPE_6_PAIR ?     ? ? 
hydrog12 hydrog ? ? A DG 6  N2 ? ? ? 1_555 A DG 9  N7 ? ? A DG 6   A DG 9   1_555 ? ? ? ? ? ? TYPE_6_PAIR ?     ? ? 
hydrog13 hydrog ? ? A DG 7  N1 ? ? ? 1_555 A DG 10 O6 ? ? A DG 7   A DG 10  1_555 ? ? ? ? ? ? TYPE_6_PAIR ?     ? ? 
hydrog14 hydrog ? ? A DG 7  N2 ? ? ? 1_555 A DG 10 N7 ? ? A DG 7   A DG 10  1_555 ? ? ? ? ? ? TYPE_6_PAIR ?     ? ? 
hydrog15 hydrog ? ? A DG 9  N1 ? ? ? 1_555 A DG 12 O6 ? ? A DG 9   A DG 12  1_555 ? ? ? ? ? ? TYPE_6_PAIR ?     ? ? 
hydrog16 hydrog ? ? A DG 9  N2 ? ? ? 1_555 A DG 12 N7 ? ? A DG 9   A DG 12  1_555 ? ? ? ? ? ? TYPE_6_PAIR ?     ? ? 
hydrog17 hydrog ? ? B DG 1  N1 ? ? ? 1_555 B DG 4  O6 ? ? B DG 1   B DG 4   1_555 ? ? ? ? ? ? TYPE_6_PAIR ?     ? ? 
hydrog18 hydrog ? ? B DG 1  N2 ? ? ? 1_555 B DG 4  N7 ? ? B DG 1   B DG 4   1_555 ? ? ? ? ? ? TYPE_6_PAIR ?     ? ? 
hydrog19 hydrog ? ? B DG 1  N7 ? ? ? 1_555 B DG 10 N2 ? ? B DG 1   B DG 10  1_555 ? ? ? ? ? ? TYPE_6_PAIR ?     ? ? 
hydrog20 hydrog ? ? B DG 1  O6 ? ? ? 1_555 B DG 10 N1 ? ? B DG 1   B DG 10  1_555 ? ? ? ? ? ? TYPE_6_PAIR ?     ? ? 
hydrog21 hydrog ? ? B DG 3  N1 ? ? ? 1_555 B DG 6  O6 ? ? B DG 3   B DG 6   1_555 ? ? ? ? ? ? TYPE_6_PAIR ?     ? ? 
hydrog22 hydrog ? ? B DG 3  N2 ? ? ? 1_555 B DG 6  N7 ? ? B DG 3   B DG 6   1_555 ? ? ? ? ? ? TYPE_6_PAIR ?     ? ? 
hydrog23 hydrog ? ? B DG 3  N7 ? ? ? 1_555 B DG 12 N2 ? ? B DG 3   B DG 12  1_555 ? ? ? ? ? ? TYPE_6_PAIR ?     ? ? 
hydrog24 hydrog ? ? B DG 3  O6 ? ? ? 1_555 B DG 12 N1 ? ? B DG 3   B DG 12  1_555 ? ? ? ? ? ? TYPE_6_PAIR ?     ? ? 
hydrog25 hydrog ? ? B DG 4  N1 ? ? ? 1_555 B DG 7  O6 ? ? B DG 4   B DG 7   1_555 ? ? ? ? ? ? TYPE_6_PAIR ?     ? ? 
hydrog26 hydrog ? ? B DG 4  N2 ? ? ? 1_555 B DG 7  N7 ? ? B DG 4   B DG 7   1_555 ? ? ? ? ? ? TYPE_6_PAIR ?     ? ? 
hydrog27 hydrog ? ? B DG 6  N1 ? ? ? 1_555 B DG 9  O6 ? ? B DG 6   B DG 9   1_555 ? ? ? ? ? ? TYPE_6_PAIR ?     ? ? 
hydrog28 hydrog ? ? B DG 6  N2 ? ? ? 1_555 B DG 9  N7 ? ? B DG 6   B DG 9   1_555 ? ? ? ? ? ? TYPE_6_PAIR ?     ? ? 
hydrog29 hydrog ? ? B DG 7  N1 ? ? ? 1_555 B DG 10 O6 ? ? B DG 7   B DG 10  1_555 ? ? ? ? ? ? TYPE_6_PAIR ?     ? ? 
hydrog30 hydrog ? ? B DG 7  N2 ? ? ? 1_555 B DG 10 N7 ? ? B DG 7   B DG 10  1_555 ? ? ? ? ? ? TYPE_6_PAIR ?     ? ? 
hydrog31 hydrog ? ? B DG 9  N1 ? ? ? 1_555 B DG 12 O6 ? ? B DG 9   B DG 12  1_555 ? ? ? ? ? ? TYPE_6_PAIR ?     ? ? 
hydrog32 hydrog ? ? B DG 9  N2 ? ? ? 1_555 B DG 12 N7 ? ? B DG 9   B DG 12  1_555 ? ? ? ? ? ? TYPE_6_PAIR ?     ? ? 
# 
loop_
_struct_conn_type.id 
_struct_conn_type.criteria 
_struct_conn_type.reference 
metalc ? ? 
hydrog ? ? 
# 
loop_
_pdbx_struct_conn_angle.id 
_pdbx_struct_conn_angle.ptnr1_label_atom_id 
_pdbx_struct_conn_angle.ptnr1_label_alt_id 
_pdbx_struct_conn_angle.ptnr1_label_asym_id 
_pdbx_struct_conn_angle.ptnr1_label_comp_id 
_pdbx_struct_conn_angle.ptnr1_label_seq_id 
_pdbx_struct_conn_angle.ptnr1_auth_atom_id 
_pdbx_struct_conn_angle.ptnr1_auth_asym_id 
_pdbx_struct_conn_angle.ptnr1_auth_comp_id 
_pdbx_struct_conn_angle.ptnr1_auth_seq_id 
_pdbx_struct_conn_angle.ptnr1_PDB_ins_code 
_pdbx_struct_conn_angle.ptnr1_symmetry 
_pdbx_struct_conn_angle.ptnr2_label_atom_id 
_pdbx_struct_conn_angle.ptnr2_label_alt_id 
_pdbx_struct_conn_angle.ptnr2_label_asym_id 
_pdbx_struct_conn_angle.ptnr2_label_comp_id 
_pdbx_struct_conn_angle.ptnr2_label_seq_id 
_pdbx_struct_conn_angle.ptnr2_auth_atom_id 
_pdbx_struct_conn_angle.ptnr2_auth_asym_id 
_pdbx_struct_conn_angle.ptnr2_auth_comp_id 
_pdbx_struct_conn_angle.ptnr2_auth_seq_id 
_pdbx_struct_conn_angle.ptnr2_PDB_ins_code 
_pdbx_struct_conn_angle.ptnr2_symmetry 
_pdbx_struct_conn_angle.ptnr3_label_atom_id 
_pdbx_struct_conn_angle.ptnr3_label_alt_id 
_pdbx_struct_conn_angle.ptnr3_label_asym_id 
_pdbx_struct_conn_angle.ptnr3_label_comp_id 
_pdbx_struct_conn_angle.ptnr3_label_seq_id 
_pdbx_struct_conn_angle.ptnr3_auth_atom_id 
_pdbx_struct_conn_angle.ptnr3_auth_asym_id 
_pdbx_struct_conn_angle.ptnr3_auth_comp_id 
_pdbx_struct_conn_angle.ptnr3_auth_seq_id 
_pdbx_struct_conn_angle.ptnr3_PDB_ins_code 
_pdbx_struct_conn_angle.ptnr3_symmetry 
_pdbx_struct_conn_angle.value 
_pdbx_struct_conn_angle.value_esd 
1  O6 ? A DG 1  ? A DG 1  ? 1_555 K ? C K . ? A K 101 ? 1_555 O6 ? A DG 4  ? A DG 4  ? 1_555 72.1  ? 
2  O6 ? A DG 1  ? A DG 1  ? 1_555 K ? C K . ? A K 101 ? 1_555 O6 ? A DG 7  ? A DG 7  ? 1_555 112.6 ? 
3  O6 ? A DG 4  ? A DG 4  ? 1_555 K ? C K . ? A K 101 ? 1_555 O6 ? A DG 7  ? A DG 7  ? 1_555 73.9  ? 
4  O6 ? A DG 1  ? A DG 1  ? 1_555 K ? C K . ? A K 101 ? 1_555 O6 ? A DG 10 ? A DG 10 ? 1_555 63.2  ? 
5  O6 ? A DG 4  ? A DG 4  ? 1_555 K ? C K . ? A K 101 ? 1_555 O6 ? A DG 10 ? A DG 10 ? 1_555 108.7 ? 
6  O6 ? A DG 7  ? A DG 7  ? 1_555 K ? C K . ? A K 101 ? 1_555 O6 ? A DG 10 ? A DG 10 ? 1_555 75.9  ? 
7  O6 ? A DG 1  ? A DG 1  ? 1_555 K ? C K . ? A K 101 ? 1_555 O6 ? B DG 1  ? B DG 1  ? 1_555 84.0  ? 
8  O6 ? A DG 4  ? A DG 4  ? 1_555 K ? C K . ? A K 101 ? 1_555 O6 ? B DG 1  ? B DG 1  ? 1_555 141.8 ? 
9  O6 ? A DG 7  ? A DG 7  ? 1_555 K ? C K . ? A K 101 ? 1_555 O6 ? B DG 1  ? B DG 1  ? 1_555 144.0 ? 
10 O6 ? A DG 10 ? A DG 10 ? 1_555 K ? C K . ? A K 101 ? 1_555 O6 ? B DG 1  ? B DG 1  ? 1_555 85.0  ? 
11 O6 ? A DG 1  ? A DG 1  ? 1_555 K ? C K . ? A K 101 ? 1_555 O6 ? B DG 4  ? B DG 4  ? 1_555 146.2 ? 
12 O6 ? A DG 4  ? A DG 4  ? 1_555 K ? C K . ? A K 101 ? 1_555 O6 ? B DG 4  ? B DG 4  ? 1_555 141.3 ? 
13 O6 ? A DG 7  ? A DG 7  ? 1_555 K ? C K . ? A K 101 ? 1_555 O6 ? B DG 4  ? B DG 4  ? 1_555 88.2  ? 
14 O6 ? A DG 10 ? A DG 10 ? 1_555 K ? C K . ? A K 101 ? 1_555 O6 ? B DG 4  ? B DG 4  ? 1_555 99.3  ? 
15 O6 ? B DG 1  ? B DG 1  ? 1_555 K ? C K . ? A K 101 ? 1_555 O6 ? B DG 4  ? B DG 4  ? 1_555 64.9  ? 
16 O6 ? A DG 1  ? A DG 1  ? 1_555 K ? C K . ? A K 101 ? 1_555 O6 ? B DG 7  ? B DG 7  ? 1_555 133.6 ? 
17 O6 ? A DG 4  ? A DG 4  ? 1_555 K ? C K . ? A K 101 ? 1_555 O6 ? B DG 7  ? B DG 7  ? 1_555 83.1  ? 
18 O6 ? A DG 7  ? A DG 7  ? 1_555 K ? C K . ? A K 101 ? 1_555 O6 ? B DG 7  ? B DG 7  ? 1_555 96.4  ? 
19 O6 ? A DG 10 ? A DG 10 ? 1_555 K ? C K . ? A K 101 ? 1_555 O6 ? B DG 7  ? B DG 7  ? 1_555 162.9 ? 
20 O6 ? B DG 1  ? B DG 1  ? 1_555 K ? C K . ? A K 101 ? 1_555 O6 ? B DG 7  ? B DG 7  ? 1_555 93.2  ? 
21 O6 ? B DG 4  ? B DG 4  ? 1_555 K ? C K . ? A K 101 ? 1_555 O6 ? B DG 7  ? B DG 7  ? 1_555 64.8  ? 
22 O6 ? A DG 1  ? A DG 1  ? 1_555 K ? C K . ? A K 101 ? 1_555 O6 ? B DG 10 ? B DG 10 ? 1_555 81.0  ? 
23 O6 ? A DG 4  ? A DG 4  ? 1_555 K ? C K . ? A K 101 ? 1_555 O6 ? B DG 10 ? B DG 10 ? 1_555 88.1  ? 
24 O6 ? A DG 7  ? A DG 7  ? 1_555 K ? C K . ? A K 101 ? 1_555 O6 ? B DG 10 ? B DG 10 ? 1_555 151.7 ? 
25 O6 ? A DG 10 ? A DG 10 ? 1_555 K ? C K . ? A K 101 ? 1_555 O6 ? B DG 10 ? B DG 10 ? 1_555 131.5 ? 
26 O6 ? B DG 1  ? B DG 1  ? 1_555 K ? C K . ? A K 101 ? 1_555 O6 ? B DG 10 ? B DG 10 ? 1_555 58.4  ? 
27 O6 ? B DG 4  ? B DG 4  ? 1_555 K ? C K . ? A K 101 ? 1_555 O6 ? B DG 10 ? B DG 10 ? 1_555 92.9  ? 
28 O6 ? B DG 7  ? B DG 7  ? 1_555 K ? C K . ? A K 101 ? 1_555 O6 ? B DG 10 ? B DG 10 ? 1_555 59.2  ? 
29 O6 ? A DG 1  ? A DG 1  ? 1_555 K ? D K . ? A K 102 ? 1_555 O6 ? A DG 3  ? A DG 3  ? 1_555 95.5  ? 
30 O6 ? A DG 1  ? A DG 1  ? 1_555 K ? D K . ? A K 102 ? 1_555 O6 ? A DG 4  ? A DG 4  ? 1_555 68.2  ? 
31 O6 ? A DG 3  ? A DG 3  ? 1_555 K ? D K . ? A K 102 ? 1_555 O6 ? A DG 4  ? A DG 4  ? 1_555 84.3  ? 
32 O6 ? A DG 1  ? A DG 1  ? 1_555 K ? D K . ? A K 102 ? 1_555 O6 ? A DG 6  ? A DG 6  ? 1_555 162.2 ? 
33 O6 ? A DG 3  ? A DG 3  ? 1_555 K ? D K . ? A K 102 ? 1_555 O6 ? A DG 6  ? A DG 6  ? 1_555 70.0  ? 
34 O6 ? A DG 4  ? A DG 4  ? 1_555 K ? D K . ? A K 102 ? 1_555 O6 ? A DG 6  ? A DG 6  ? 1_555 99.2  ? 
35 O6 ? A DG 1  ? A DG 1  ? 1_555 K ? D K . ? A K 102 ? 1_555 O6 ? A DG 7  ? A DG 7  ? 1_555 103.6 ? 
36 O6 ? A DG 3  ? A DG 3  ? 1_555 K ? D K . ? A K 102 ? 1_555 O6 ? A DG 7  ? A DG 7  ? 1_555 134.8 ? 
37 O6 ? A DG 4  ? A DG 4  ? 1_555 K ? D K . ? A K 102 ? 1_555 O6 ? A DG 7  ? A DG 7  ? 1_555 66.1  ? 
38 O6 ? A DG 6  ? A DG 6  ? 1_555 K ? D K . ? A K 102 ? 1_555 O6 ? A DG 7  ? A DG 7  ? 1_555 81.4  ? 
39 O6 ? A DG 1  ? A DG 1  ? 1_555 K ? D K . ? A K 102 ? 1_555 O6 ? A DG 9  ? A DG 9  ? 1_555 132.8 ? 
40 O6 ? A DG 3  ? A DG 3  ? 1_555 K ? D K . ? A K 102 ? 1_555 O6 ? A DG 9  ? A DG 9  ? 1_555 97.9  ? 
41 O6 ? A DG 4  ? A DG 4  ? 1_555 K ? D K . ? A K 102 ? 1_555 O6 ? A DG 9  ? A DG 9  ? 1_555 158.0 ? 
42 O6 ? A DG 6  ? A DG 6  ? 1_555 K ? D K . ? A K 102 ? 1_555 O6 ? A DG 9  ? A DG 9  ? 1_555 61.7  ? 
43 O6 ? A DG 7  ? A DG 7  ? 1_555 K ? D K . ? A K 102 ? 1_555 O6 ? A DG 9  ? A DG 9  ? 1_555 98.3  ? 
44 O6 ? A DG 1  ? A DG 1  ? 1_555 K ? D K . ? A K 102 ? 1_555 O6 ? A DG 10 ? A DG 10 ? 1_555 62.7  ? 
45 O6 ? A DG 3  ? A DG 3  ? 1_555 K ? D K . ? A K 102 ? 1_555 O6 ? A DG 10 ? A DG 10 ? 1_555 151.8 ? 
46 O6 ? A DG 4  ? A DG 4  ? 1_555 K ? D K . ? A K 102 ? 1_555 O6 ? A DG 10 ? A DG 10 ? 1_555 101.8 ? 
47 O6 ? A DG 6  ? A DG 6  ? 1_555 K ? D K . ? A K 102 ? 1_555 O6 ? A DG 10 ? A DG 10 ? 1_555 134.3 ? 
48 O6 ? A DG 7  ? A DG 7  ? 1_555 K ? D K . ? A K 102 ? 1_555 O6 ? A DG 10 ? A DG 10 ? 1_555 71.1  ? 
49 O6 ? A DG 9  ? A DG 9  ? 1_555 K ? D K . ? A K 102 ? 1_555 O6 ? A DG 10 ? A DG 10 ? 1_555 86.6  ? 
50 O6 ? A DG 1  ? A DG 1  ? 1_555 K ? D K . ? A K 102 ? 1_555 O6 ? A DG 12 ? A DG 12 ? 1_555 85.5  ? 
51 O6 ? A DG 3  ? A DG 3  ? 1_555 K ? D K . ? A K 102 ? 1_555 O6 ? A DG 12 ? A DG 12 ? 1_555 67.3  ? 
52 O6 ? A DG 4  ? A DG 4  ? 1_555 K ? D K . ? A K 102 ? 1_555 O6 ? A DG 12 ? A DG 12 ? 1_555 139.4 ? 
53 O6 ? A DG 6  ? A DG 6  ? 1_555 K ? D K . ? A K 102 ? 1_555 O6 ? A DG 12 ? A DG 12 ? 1_555 97.6  ? 
54 O6 ? A DG 7  ? A DG 7  ? 1_555 K ? D K . ? A K 102 ? 1_555 O6 ? A DG 12 ? A DG 12 ? 1_555 153.4 ? 
55 O6 ? A DG 9  ? A DG 9  ? 1_555 K ? D K . ? A K 102 ? 1_555 O6 ? A DG 12 ? A DG 12 ? 1_555 59.2  ? 
56 O6 ? A DG 10 ? A DG 10 ? 1_555 K ? D K . ? A K 102 ? 1_555 O6 ? A DG 12 ? A DG 12 ? 1_555 92.0  ? 
57 O6 ? B DG 1  ? B DG 1  ? 1_555 K ? E K . ? B K 101 ? 1_555 O6 ? B DG 3  ? B DG 3  ? 1_555 99.1  ? 
58 O6 ? B DG 1  ? B DG 1  ? 1_555 K ? E K . ? B K 101 ? 1_555 O6 ? B DG 4  ? B DG 4  ? 1_555 63.0  ? 
59 O6 ? B DG 3  ? B DG 3  ? 1_555 K ? E K . ? B K 101 ? 1_555 O6 ? B DG 4  ? B DG 4  ? 1_555 80.7  ? 
60 O6 ? B DG 1  ? B DG 1  ? 1_555 K ? E K . ? B K 101 ? 1_555 O6 ? B DG 6  ? B DG 6  ? 1_555 152.1 ? 
61 O6 ? B DG 3  ? B DG 3  ? 1_555 K ? E K . ? B K 101 ? 1_555 O6 ? B DG 6  ? B DG 6  ? 1_555 61.7  ? 
62 O6 ? B DG 4  ? B DG 4  ? 1_555 K ? E K . ? B K 101 ? 1_555 O6 ? B DG 6  ? B DG 6  ? 1_555 92.5  ? 
63 O6 ? B DG 1  ? B DG 1  ? 1_555 K ? E K . ? B K 101 ? 1_555 O6 ? B DG 7  ? B DG 7  ? 1_555 96.9  ? 
64 O6 ? B DG 3  ? B DG 3  ? 1_555 K ? E K . ? B K 101 ? 1_555 O6 ? B DG 7  ? B DG 7  ? 1_555 127.6 ? 
65 O6 ? B DG 4  ? B DG 4  ? 1_555 K ? E K . ? B K 101 ? 1_555 O6 ? B DG 7  ? B DG 7  ? 1_555 63.4  ? 
66 O6 ? B DG 6  ? B DG 6  ? 1_555 K ? E K . ? B K 101 ? 1_555 O6 ? B DG 7  ? B DG 7  ? 1_555 82.2  ? 
67 O6 ? B DG 1  ? B DG 1  ? 1_555 K ? E K . ? B K 101 ? 1_555 O6 ? B DG 9  ? B DG 9  ? 1_555 137.4 ? 
68 O6 ? B DG 3  ? B DG 3  ? 1_555 K ? E K . ? B K 101 ? 1_555 O6 ? B DG 9  ? B DG 9  ? 1_555 101.8 ? 
69 O6 ? B DG 4  ? B DG 4  ? 1_555 K ? E K . ? B K 101 ? 1_555 O6 ? B DG 9  ? B DG 9  ? 1_555 157.1 ? 
70 O6 ? B DG 6  ? B DG 6  ? 1_555 K ? E K . ? B K 101 ? 1_555 O6 ? B DG 9  ? B DG 9  ? 1_555 69.6  ? 
71 O6 ? B DG 7  ? B DG 7  ? 1_555 K ? E K . ? B K 101 ? 1_555 O6 ? B DG 9  ? B DG 9  ? 1_555 98.9  ? 
72 O6 ? B DG 1  ? B DG 1  ? 1_555 K ? E K . ? B K 101 ? 1_555 O6 ? B DG 10 ? B DG 10 ? 1_555 62.2  ? 
73 O6 ? B DG 3  ? B DG 3  ? 1_555 K ? E K . ? B K 101 ? 1_555 O6 ? B DG 10 ? B DG 10 ? 1_555 160.8 ? 
74 O6 ? B DG 4  ? B DG 4  ? 1_555 K ? E K . ? B K 101 ? 1_555 O6 ? B DG 10 ? B DG 10 ? 1_555 93.6  ? 
75 O6 ? B DG 6  ? B DG 6  ? 1_555 K ? E K . ? B K 101 ? 1_555 O6 ? B DG 10 ? B DG 10 ? 1_555 137.3 ? 
76 O6 ? B DG 7  ? B DG 7  ? 1_555 K ? E K . ? B K 101 ? 1_555 O6 ? B DG 10 ? B DG 10 ? 1_555 63.3  ? 
77 O6 ? B DG 9  ? B DG 9  ? 1_555 K ? E K . ? B K 101 ? 1_555 O6 ? B DG 10 ? B DG 10 ? 1_555 90.6  ? 
78 O6 ? B DG 1  ? B DG 1  ? 1_555 K ? E K . ? B K 101 ? 1_555 O6 ? B DG 12 ? B DG 12 ? 1_555 76.9  ? 
79 O6 ? B DG 3  ? B DG 3  ? 1_555 K ? E K . ? B K 101 ? 1_555 O6 ? B DG 12 ? B DG 12 ? 1_555 75.1  ? 
80 O6 ? B DG 4  ? B DG 4  ? 1_555 K ? E K . ? B K 101 ? 1_555 O6 ? B DG 12 ? B DG 12 ? 1_555 128.5 ? 
81 O6 ? B DG 6  ? B DG 6  ? 1_555 K ? E K . ? B K 101 ? 1_555 O6 ? B DG 12 ? B DG 12 ? 1_555 113.6 ? 
82 O6 ? B DG 7  ? B DG 7  ? 1_555 K ? E K . ? B K 101 ? 1_555 O6 ? B DG 12 ? B DG 12 ? 1_555 157.3 ? 
83 O6 ? B DG 9  ? B DG 9  ? 1_555 K ? E K . ? B K 101 ? 1_555 O6 ? B DG 12 ? B DG 12 ? 1_555 73.4  ? 
84 O6 ? B DG 10 ? B DG 10 ? 1_555 K ? E K . ? B K 101 ? 1_555 O6 ? B DG 12 ? B DG 12 ? 1_555 95.0  ? 
# 
loop_
_struct_site.id 
_struct_site.pdbx_evidence_code 
_struct_site.pdbx_auth_asym_id 
_struct_site.pdbx_auth_comp_id 
_struct_site.pdbx_auth_seq_id 
_struct_site.pdbx_auth_ins_code 
_struct_site.pdbx_num_residues 
_struct_site.details 
AC1 Software A K 101 ? 9 'binding site for residue K A 101' 
AC2 Software A K 102 ? 9 'binding site for residue K A 102' 
AC3 Software B K 101 ? 8 'binding site for residue K B 101' 
# 
loop_
_struct_site_gen.id 
_struct_site_gen.site_id 
_struct_site_gen.pdbx_num_res 
_struct_site_gen.label_comp_id 
_struct_site_gen.label_asym_id 
_struct_site_gen.label_seq_id 
_struct_site_gen.pdbx_auth_ins_code 
_struct_site_gen.auth_comp_id 
_struct_site_gen.auth_asym_id 
_struct_site_gen.auth_seq_id 
_struct_site_gen.label_atom_id 
_struct_site_gen.label_alt_id 
_struct_site_gen.symmetry 
_struct_site_gen.details 
1  AC1 9 DG A 1  ? DG A 1   . ? 1_555 ? 
2  AC1 9 DG A 4  ? DG A 4   . ? 1_555 ? 
3  AC1 9 DG A 7  ? DG A 7   . ? 1_555 ? 
4  AC1 9 DG A 10 ? DG A 10  . ? 1_555 ? 
5  AC1 9 K  D .  ? K  A 102 . ? 1_555 ? 
6  AC1 9 DG B 1  ? DG B 1   . ? 1_555 ? 
7  AC1 9 DG B 4  ? DG B 4   . ? 1_555 ? 
8  AC1 9 DG B 7  ? DG B 7   . ? 1_555 ? 
9  AC1 9 DG B 10 ? DG B 10  . ? 1_555 ? 
10 AC2 9 DG A 1  ? DG A 1   . ? 1_555 ? 
11 AC2 9 DG A 3  ? DG A 3   . ? 1_555 ? 
12 AC2 9 DG A 4  ? DG A 4   . ? 1_555 ? 
13 AC2 9 DG A 6  ? DG A 6   . ? 1_555 ? 
14 AC2 9 DG A 7  ? DG A 7   . ? 1_555 ? 
15 AC2 9 DG A 9  ? DG A 9   . ? 1_555 ? 
16 AC2 9 DG A 10 ? DG A 10  . ? 1_555 ? 
17 AC2 9 DG A 12 ? DG A 12  . ? 1_555 ? 
18 AC2 9 K  C .  ? K  A 101 . ? 1_555 ? 
19 AC3 8 DG B 1  ? DG B 1   . ? 1_555 ? 
20 AC3 8 DG B 3  ? DG B 3   . ? 1_555 ? 
21 AC3 8 DG B 4  ? DG B 4   . ? 1_555 ? 
22 AC3 8 DG B 6  ? DG B 6   . ? 1_555 ? 
23 AC3 8 DG B 7  ? DG B 7   . ? 1_555 ? 
24 AC3 8 DG B 9  ? DG B 9   . ? 1_555 ? 
25 AC3 8 DG B 10 ? DG B 10  . ? 1_555 ? 
26 AC3 8 DG B 12 ? DG B 12  . ? 1_555 ? 
# 
loop_
_pdbx_refine_tls.pdbx_refine_id 
_pdbx_refine_tls.id 
_pdbx_refine_tls.details 
_pdbx_refine_tls.method 
_pdbx_refine_tls.origin_x 
_pdbx_refine_tls.origin_y 
_pdbx_refine_tls.origin_z 
_pdbx_refine_tls.T[1][1] 
_pdbx_refine_tls.T[2][2] 
_pdbx_refine_tls.T[3][3] 
_pdbx_refine_tls.T[1][2] 
_pdbx_refine_tls.T[1][3] 
_pdbx_refine_tls.T[2][3] 
_pdbx_refine_tls.L[1][1] 
_pdbx_refine_tls.L[2][2] 
_pdbx_refine_tls.L[3][3] 
_pdbx_refine_tls.L[1][2] 
_pdbx_refine_tls.L[1][3] 
_pdbx_refine_tls.L[2][3] 
_pdbx_refine_tls.S[1][1] 
_pdbx_refine_tls.S[1][2] 
_pdbx_refine_tls.S[1][3] 
_pdbx_refine_tls.S[2][1] 
_pdbx_refine_tls.S[2][2] 
_pdbx_refine_tls.S[2][3] 
_pdbx_refine_tls.S[3][1] 
_pdbx_refine_tls.S[3][2] 
_pdbx_refine_tls.S[3][3] 
'X-RAY DIFFRACTION' 1 ? refined 2.1593  -3.3645 0.9596  0.2900 0.2047 0.4507 0.1525 -0.0055 0.0870 7.6456 6.1414 7.1921 -0.1649 -1.0753 -1.5388 -0.0450 -0.0303 -0.0331 0.0159 -0.1374 -0.1368 0.2536  0.2944  0.0619  
'X-RAY DIFFRACTION' 2 ? refined -2.2813 3.2406  -0.8911 0.3862 0.3214 0.4817 0.1481 0.0256  0.0954 6.4925 6.2687 4.8409 -1.4889 0.0033  -0.3190 0.2176  0.5112  0.8581  0.1642 0.1056  0.4279  -0.8154 -0.6163 -0.0581 
# 
loop_
_pdbx_refine_tls_group.pdbx_refine_id 
_pdbx_refine_tls_group.id 
_pdbx_refine_tls_group.refine_tls_id 
_pdbx_refine_tls_group.beg_auth_asym_id 
_pdbx_refine_tls_group.beg_auth_seq_id 
_pdbx_refine_tls_group.beg_label_asym_id 
_pdbx_refine_tls_group.beg_label_seq_id 
_pdbx_refine_tls_group.end_auth_asym_id 
_pdbx_refine_tls_group.end_auth_seq_id 
_pdbx_refine_tls_group.end_label_asym_id 
_pdbx_refine_tls_group.end_label_seq_id 
_pdbx_refine_tls_group.selection 
_pdbx_refine_tls_group.selection_details 
'X-RAY DIFFRACTION' 1 1 ? ? ? ? ? ? ? ? ? 
;chain 'A' and (resid 1 through 12 )
;
'X-RAY DIFFRACTION' 2 2 ? ? ? ? ? ? ? ? ? 
;chain 'B' and (resid 1 through 12 )
;
# 
loop_
_chem_comp_atom.comp_id 
_chem_comp_atom.atom_id 
_chem_comp_atom.type_symbol 
_chem_comp_atom.pdbx_aromatic_flag 
_chem_comp_atom.pdbx_stereo_config 
_chem_comp_atom.pdbx_ordinal 
DG  OP3    O N N 1  
DG  P      P N N 2  
DG  OP1    O N N 3  
DG  OP2    O N N 4  
DG  "O5'"  O N N 5  
DG  "C5'"  C N N 6  
DG  "C4'"  C N R 7  
DG  "O4'"  O N N 8  
DG  "C3'"  C N S 9  
DG  "O3'"  O N N 10 
DG  "C2'"  C N N 11 
DG  "C1'"  C N R 12 
DG  N9     N Y N 13 
DG  C8     C Y N 14 
DG  N7     N Y N 15 
DG  C5     C Y N 16 
DG  C6     C N N 17 
DG  O6     O N N 18 
DG  N1     N N N 19 
DG  C2     C N N 20 
DG  N2     N N N 21 
DG  N3     N N N 22 
DG  C4     C Y N 23 
DG  HOP3   H N N 24 
DG  HOP2   H N N 25 
DG  "H5'"  H N N 26 
DG  "H5''" H N N 27 
DG  "H4'"  H N N 28 
DG  "H3'"  H N N 29 
DG  "HO3'" H N N 30 
DG  "H2'"  H N N 31 
DG  "H2''" H N N 32 
DG  "H1'"  H N N 33 
DG  H8     H N N 34 
DG  H1     H N N 35 
DG  H21    H N N 36 
DG  H22    H N N 37 
DT  OP3    O N N 38 
DT  P      P N N 39 
DT  OP1    O N N 40 
DT  OP2    O N N 41 
DT  "O5'"  O N N 42 
DT  "C5'"  C N N 43 
DT  "C4'"  C N R 44 
DT  "O4'"  O N N 45 
DT  "C3'"  C N S 46 
DT  "O3'"  O N N 47 
DT  "C2'"  C N N 48 
DT  "C1'"  C N R 49 
DT  N1     N N N 50 
DT  C2     C N N 51 
DT  O2     O N N 52 
DT  N3     N N N 53 
DT  C4     C N N 54 
DT  O4     O N N 55 
DT  C5     C N N 56 
DT  C7     C N N 57 
DT  C6     C N N 58 
DT  HOP3   H N N 59 
DT  HOP2   H N N 60 
DT  "H5'"  H N N 61 
DT  "H5''" H N N 62 
DT  "H4'"  H N N 63 
DT  "H3'"  H N N 64 
DT  "HO3'" H N N 65 
DT  "H2'"  H N N 66 
DT  "H2''" H N N 67 
DT  "H1'"  H N N 68 
DT  H3     H N N 69 
DT  H71    H N N 70 
DT  H72    H N N 71 
DT  H73    H N N 72 
DT  H6     H N N 73 
HOH O      O N N 74 
HOH H1     H N N 75 
HOH H2     H N N 76 
K   K      K N N 77 
# 
loop_
_chem_comp_bond.comp_id 
_chem_comp_bond.atom_id_1 
_chem_comp_bond.atom_id_2 
_chem_comp_bond.value_order 
_chem_comp_bond.pdbx_aromatic_flag 
_chem_comp_bond.pdbx_stereo_config 
_chem_comp_bond.pdbx_ordinal 
DG  OP3   P      sing N N 1  
DG  OP3   HOP3   sing N N 2  
DG  P     OP1    doub N N 3  
DG  P     OP2    sing N N 4  
DG  P     "O5'"  sing N N 5  
DG  OP2   HOP2   sing N N 6  
DG  "O5'" "C5'"  sing N N 7  
DG  "C5'" "C4'"  sing N N 8  
DG  "C5'" "H5'"  sing N N 9  
DG  "C5'" "H5''" sing N N 10 
DG  "C4'" "O4'"  sing N N 11 
DG  "C4'" "C3'"  sing N N 12 
DG  "C4'" "H4'"  sing N N 13 
DG  "O4'" "C1'"  sing N N 14 
DG  "C3'" "O3'"  sing N N 15 
DG  "C3'" "C2'"  sing N N 16 
DG  "C3'" "H3'"  sing N N 17 
DG  "O3'" "HO3'" sing N N 18 
DG  "C2'" "C1'"  sing N N 19 
DG  "C2'" "H2'"  sing N N 20 
DG  "C2'" "H2''" sing N N 21 
DG  "C1'" N9     sing N N 22 
DG  "C1'" "H1'"  sing N N 23 
DG  N9    C8     sing Y N 24 
DG  N9    C4     sing Y N 25 
DG  C8    N7     doub Y N 26 
DG  C8    H8     sing N N 27 
DG  N7    C5     sing Y N 28 
DG  C5    C6     sing N N 29 
DG  C5    C4     doub Y N 30 
DG  C6    O6     doub N N 31 
DG  C6    N1     sing N N 32 
DG  N1    C2     sing N N 33 
DG  N1    H1     sing N N 34 
DG  C2    N2     sing N N 35 
DG  C2    N3     doub N N 36 
DG  N2    H21    sing N N 37 
DG  N2    H22    sing N N 38 
DG  N3    C4     sing N N 39 
DT  OP3   P      sing N N 40 
DT  OP3   HOP3   sing N N 41 
DT  P     OP1    doub N N 42 
DT  P     OP2    sing N N 43 
DT  P     "O5'"  sing N N 44 
DT  OP2   HOP2   sing N N 45 
DT  "O5'" "C5'"  sing N N 46 
DT  "C5'" "C4'"  sing N N 47 
DT  "C5'" "H5'"  sing N N 48 
DT  "C5'" "H5''" sing N N 49 
DT  "C4'" "O4'"  sing N N 50 
DT  "C4'" "C3'"  sing N N 51 
DT  "C4'" "H4'"  sing N N 52 
DT  "O4'" "C1'"  sing N N 53 
DT  "C3'" "O3'"  sing N N 54 
DT  "C3'" "C2'"  sing N N 55 
DT  "C3'" "H3'"  sing N N 56 
DT  "O3'" "HO3'" sing N N 57 
DT  "C2'" "C1'"  sing N N 58 
DT  "C2'" "H2'"  sing N N 59 
DT  "C2'" "H2''" sing N N 60 
DT  "C1'" N1     sing N N 61 
DT  "C1'" "H1'"  sing N N 62 
DT  N1    C2     sing N N 63 
DT  N1    C6     sing N N 64 
DT  C2    O2     doub N N 65 
DT  C2    N3     sing N N 66 
DT  N3    C4     sing N N 67 
DT  N3    H3     sing N N 68 
DT  C4    O4     doub N N 69 
DT  C4    C5     sing N N 70 
DT  C5    C7     sing N N 71 
DT  C5    C6     doub N N 72 
DT  C7    H71    sing N N 73 
DT  C7    H72    sing N N 74 
DT  C7    H73    sing N N 75 
DT  C6    H6     sing N N 76 
HOH O     H1     sing N N 77 
HOH O     H2     sing N N 78 
# 
loop_
_ndb_struct_conf_na.entry_id 
_ndb_struct_conf_na.feature 
6FQ2 'double helix' 
6FQ2 'triple helix' 
# 
loop_
_ndb_struct_na_base_pair.model_number 
_ndb_struct_na_base_pair.i_label_asym_id 
_ndb_struct_na_base_pair.i_label_comp_id 
_ndb_struct_na_base_pair.i_label_seq_id 
_ndb_struct_na_base_pair.i_symmetry 
_ndb_struct_na_base_pair.j_label_asym_id 
_ndb_struct_na_base_pair.j_label_comp_id 
_ndb_struct_na_base_pair.j_label_seq_id 
_ndb_struct_na_base_pair.j_symmetry 
_ndb_struct_na_base_pair.shear 
_ndb_struct_na_base_pair.stretch 
_ndb_struct_na_base_pair.stagger 
_ndb_struct_na_base_pair.buckle 
_ndb_struct_na_base_pair.propeller 
_ndb_struct_na_base_pair.opening 
_ndb_struct_na_base_pair.pair_number 
_ndb_struct_na_base_pair.pair_name 
_ndb_struct_na_base_pair.i_auth_asym_id 
_ndb_struct_na_base_pair.i_auth_seq_id 
_ndb_struct_na_base_pair.i_PDB_ins_code 
_ndb_struct_na_base_pair.j_auth_asym_id 
_ndb_struct_na_base_pair.j_auth_seq_id 
_ndb_struct_na_base_pair.j_PDB_ins_code 
_ndb_struct_na_base_pair.hbond_type_28 
_ndb_struct_na_base_pair.hbond_type_12 
1 A DG 3  1_555 A DG 12 1_555 -1.852 -2.957 -0.061 6.495   -10.516 88.426  1 A_DG3:DG12_A A 3  ? A 12 ? 6 3 
1 A DG 6  1_555 A DG 9  1_555 1.531  3.435  -0.153 -12.605 12.671  -89.753 2 A_DG6:DG9_A  A 6  ? A 9  ? 6 3 
1 A DG 4  1_555 A DG 1  1_555 -1.482 -3.579 -0.020 3.147   -4.398  90.276  3 A_DG4:DG1_A  A 4  ? A 1  ? 6 3 
1 A DG 7  1_555 A DG 10 1_555 1.492  3.856  -0.043 -6.237  3.296   -90.918 4 A_DG7:DG10_A A 7  ? A 10 ? 6 3 
1 B DG 3  1_555 B DG 6  1_555 -1.532 3.438  -0.107 14.980  4.493   87.637  5 B_DG3:DG6_B  B 3  ? B 6  ? 6 3 
1 B DG 12 1_555 B DG 9  1_555 1.852  -3.113 0.300  -10.765 0.604   -87.675 6 B_DG12:DG9_B B 12 ? B 9  ? 6 3 
1 B DG 4  1_555 B DG 7  1_555 -1.678 3.597  0.213  3.929   -2.148  88.579  7 B_DG4:DG7_B  B 4  ? B 7  ? 6 3 
1 B DG 1  1_555 B DG 10 1_555 -1.507 -3.357 0.045  1.399   -0.430  87.057  8 B_DG1:DG10_B B 1  ? B 10 ? 6 3 
# 
loop_
_ndb_struct_na_base_pair_step.model_number 
_ndb_struct_na_base_pair_step.i_label_asym_id_1 
_ndb_struct_na_base_pair_step.i_label_comp_id_1 
_ndb_struct_na_base_pair_step.i_label_seq_id_1 
_ndb_struct_na_base_pair_step.i_symmetry_1 
_ndb_struct_na_base_pair_step.j_label_asym_id_1 
_ndb_struct_na_base_pair_step.j_label_comp_id_1 
_ndb_struct_na_base_pair_step.j_label_seq_id_1 
_ndb_struct_na_base_pair_step.j_symmetry_1 
_ndb_struct_na_base_pair_step.i_label_asym_id_2 
_ndb_struct_na_base_pair_step.i_label_comp_id_2 
_ndb_struct_na_base_pair_step.i_label_seq_id_2 
_ndb_struct_na_base_pair_step.i_symmetry_2 
_ndb_struct_na_base_pair_step.j_label_asym_id_2 
_ndb_struct_na_base_pair_step.j_label_comp_id_2 
_ndb_struct_na_base_pair_step.j_label_seq_id_2 
_ndb_struct_na_base_pair_step.j_symmetry_2 
_ndb_struct_na_base_pair_step.shift 
_ndb_struct_na_base_pair_step.slide 
_ndb_struct_na_base_pair_step.rise 
_ndb_struct_na_base_pair_step.tilt 
_ndb_struct_na_base_pair_step.roll 
_ndb_struct_na_base_pair_step.twist 
_ndb_struct_na_base_pair_step.x_displacement 
_ndb_struct_na_base_pair_step.y_displacement 
_ndb_struct_na_base_pair_step.helical_rise 
_ndb_struct_na_base_pair_step.inclination 
_ndb_struct_na_base_pair_step.tip 
_ndb_struct_na_base_pair_step.helical_twist 
_ndb_struct_na_base_pair_step.step_number 
_ndb_struct_na_base_pair_step.step_name 
_ndb_struct_na_base_pair_step.i_auth_asym_id_1 
_ndb_struct_na_base_pair_step.i_auth_seq_id_1 
_ndb_struct_na_base_pair_step.i_PDB_ins_code_1 
_ndb_struct_na_base_pair_step.j_auth_asym_id_1 
_ndb_struct_na_base_pair_step.j_auth_seq_id_1 
_ndb_struct_na_base_pair_step.j_PDB_ins_code_1 
_ndb_struct_na_base_pair_step.i_auth_asym_id_2 
_ndb_struct_na_base_pair_step.i_auth_seq_id_2 
_ndb_struct_na_base_pair_step.i_PDB_ins_code_2 
_ndb_struct_na_base_pair_step.j_auth_asym_id_2 
_ndb_struct_na_base_pair_step.j_auth_seq_id_2 
_ndb_struct_na_base_pair_step.j_PDB_ins_code_2 
1 A DG 3  1_555 A DG 12 1_555 A DG 6  1_555 A DG 9 1_555 -1.660 -3.330 0.229  13.916 -9.485 178.764  -1.665 0.830 0.229  -4.743 
-6.959 178.777  1 AA_DG3DG6:DG9DG12_AA A 3  ? A 12 ? A 6  ? A 9 ? 
1 A DG 6  1_555 A DG 9  1_555 A DG 4  1_555 A DG 1 1_555 1.163  3.205  -4.069 -8.869 5.888  -155.936 -1.615 0.629 -4.084 -3.010 
-4.533 -156.041 2 AA_DG6DG4:DG1DG9_AA  A 6  ? A 9  ? A 4  ? A 1 ? 
1 B DG 3  1_555 B DG 6  1_555 B DG 12 1_555 B DG 9 1_555 -1.795 3.445  0.233  17.424 11.968 179.108  1.722  0.898 0.234  5.984  
-8.712 179.123  3 BB_DG3DG12:DG9DG6_BB B 3  ? B 6  ? B 12 ? B 9 ? 
1 B DG 12 1_555 B DG 9  1_555 B DG 4  1_555 B DG 7 1_555 -1.367 3.423  3.760  9.814  8.421  155.834  1.719  0.734 3.787  4.305  
-5.017 155.990  4 BB_DG12DG4:DG7DG9_BB B 12 ? B 9  ? B 4  ? B 7 ? 
# 
_pdbx_initial_refinement_model.id               1 
_pdbx_initial_refinement_model.entity_id_list   ? 
_pdbx_initial_refinement_model.type             'experimental model' 
_pdbx_initial_refinement_model.source_name      PDB 
_pdbx_initial_refinement_model.accession_code   4U5M 
_pdbx_initial_refinement_model.details          ? 
# 
_atom_sites.entry_id                    6FQ2 
_atom_sites.fract_transf_matrix[1][1]   -0.01066947 
_atom_sites.fract_transf_matrix[1][2]   0.00342218 
_atom_sites.fract_transf_matrix[1][3]   0.03608913 
_atom_sites.fract_transf_matrix[2][1]   -0.03095518 
_atom_sites.fract_transf_matrix[2][2]   -0.01782885 
_atom_sites.fract_transf_matrix[2][3]   0.01232240 
_atom_sites.fract_transf_matrix[3][1]   0.01033122 
_atom_sites.fract_transf_matrix[3][2]   -0.01485303 
_atom_sites.fract_transf_matrix[3][3]   0.00446280 
_atom_sites.fract_transf_vector[1]      0.504959 
_atom_sites.fract_transf_vector[2]      0.001331 
_atom_sites.fract_transf_vector[3]      -0.004422 
# 
loop_
_atom_type.symbol 
C 
K 
N 
O 
P 
# 
loop_
_atom_site.group_PDB 
_atom_site.id 
_atom_site.type_symbol 
_atom_site.label_atom_id 
_atom_site.label_alt_id 
_atom_site.label_comp_id 
_atom_site.label_asym_id 
_atom_site.label_entity_id 
_atom_site.label_seq_id 
_atom_site.pdbx_PDB_ins_code 
_atom_site.Cartn_x 
_atom_site.Cartn_y 
_atom_site.Cartn_z 
_atom_site.occupancy 
_atom_site.B_iso_or_equiv 
_atom_site.pdbx_formal_charge 
_atom_site.auth_seq_id 
_atom_site.auth_comp_id 
_atom_site.auth_asym_id 
_atom_site.auth_atom_id 
_atom_site.pdbx_PDB_model_num 
ATOM   1   O "O5'" . DG  A 1 1  ? 10.138  1.510   -6.590  1.00 57.42 ?  1   DG  A "O5'" 1 
ATOM   2   C "C5'" . DG  A 1 1  ? 8.771   1.808   -6.341  1.00 37.90 ?  1   DG  A "C5'" 1 
ATOM   3   C "C4'" . DG  A 1 1  ? 8.628   2.699   -5.124  1.00 37.04 ?  1   DG  A "C4'" 1 
ATOM   4   O "O4'" . DG  A 1 1  ? 7.271   2.600   -4.611  1.00 34.32 ?  1   DG  A "O4'" 1 
ATOM   5   C "C3'" . DG  A 1 1  ? 9.529   2.332   -3.948  1.00 37.22 ?  1   DG  A "C3'" 1 
ATOM   6   O "O3'" . DG  A 1 1  ? 9.822   3.500   -3.196  1.00 38.61 ?  1   DG  A "O3'" 1 
ATOM   7   C "C2'" . DG  A 1 1  ? 8.638   1.387   -3.161  1.00 34.21 ?  1   DG  A "C2'" 1 
ATOM   8   C "C1'" . DG  A 1 1  ? 7.317   2.119   -3.284  1.00 32.83 ?  1   DG  A "C1'" 1 
ATOM   9   N N9    . DG  A 1 1  ? 6.141   1.291   -3.038  1.00 30.42 ?  1   DG  A N9    1 
ATOM   10  C C8    . DG  A 1 1  ? 5.464   0.517   -3.947  1.00 29.86 ?  1   DG  A C8    1 
ATOM   11  N N7    . DG  A 1 1  ? 4.440   -0.107  -3.434  1.00 28.18 ?  1   DG  A N7    1 
ATOM   12  C C5    . DG  A 1 1  ? 4.439   0.281   -2.101  1.00 27.49 ?  1   DG  A C5    1 
ATOM   13  C C6    . DG  A 1 1  ? 3.565   -0.073  -1.045  1.00 26.23 ?  1   DG  A C6    1 
ATOM   14  O O6    . DG  A 1 1  ? 2.584   -0.829  -1.085  1.00 25.40 ?  1   DG  A O6    1 
ATOM   15  N N1    . DG  A 1 1  ? 3.920   0.546   0.151   1.00 26.65 ?  1   DG  A N1    1 
ATOM   16  C C2    . DG  A 1 1  ? 4.987   1.400   0.307   1.00 28.25 ?  1   DG  A C2    1 
ATOM   17  N N2    . DG  A 1 1  ? 5.173   1.901   1.536   1.00 29.16 ?  1   DG  A N2    1 
ATOM   18  N N3    . DG  A 1 1  ? 5.813   1.739   -0.672  1.00 29.47 ?  1   DG  A N3    1 
ATOM   19  C C4    . DG  A 1 1  ? 5.481   1.144   -1.841  1.00 28.92 ?  1   DG  A C4    1 
ATOM   20  P P     . DT  A 1 2  ? 11.143  3.574   -2.287  1.00 43.49 ?  2   DT  A P     1 
ATOM   21  O OP1   . DT  A 1 2  ? 11.229  4.943   -1.733  1.00 44.99 ?  2   DT  A OP1   1 
ATOM   22  O OP2   . DT  A 1 2  ? 12.264  3.024   -3.078  1.00 59.92 -1 2   DT  A OP2   1 
ATOM   23  O "O5'" . DT  A 1 2  ? 10.843  2.567   -1.083  1.00 38.91 ?  2   DT  A "O5'" 1 
ATOM   24  C "C5'" . DT  A 1 2  ? 9.904   2.921   -0.077  1.00 40.18 ?  2   DT  A "C5'" 1 
ATOM   25  C "C4'" . DT  A 1 2  ? 10.156  2.128   1.193   1.00 40.48 ?  2   DT  A "C4'" 1 
ATOM   26  O "O4'" . DT  A 1 2  ? 9.707   0.768   1.009   1.00 35.00 ?  2   DT  A "O4'" 1 
ATOM   27  C "C3'" . DT  A 1 2  ? 11.617  2.074   1.628   1.00 60.76 ?  2   DT  A "C3'" 1 
ATOM   28  O "O3'" . DT  A 1 2  ? 11.796  2.579   2.988   1.00 44.77 ?  2   DT  A "O3'" 1 
ATOM   29  C "C2'" . DT  A 1 2  ? 12.055  0.611   1.461   1.00 40.39 ?  2   DT  A "C2'" 1 
ATOM   30  C "C1'" . DT  A 1 2  ? 10.763  -0.157  1.165   1.00 36.71 ?  2   DT  A "C1'" 1 
ATOM   31  N N1    . DT  A 1 2  ? 10.835  -0.989  -0.066  1.00 36.32 ?  2   DT  A N1    1 
ATOM   32  C C2    . DT  A 1 2  ? 10.272  -2.242  -0.065  1.00 40.87 ?  2   DT  A C2    1 
ATOM   33  O O2    . DT  A 1 2  ? 9.710   -2.719  0.905   1.00 33.85 ?  2   DT  A O2    1 
ATOM   34  N N3    . DT  A 1 2  ? 10.388  -2.922  -1.247  1.00 35.40 ?  2   DT  A N3    1 
ATOM   35  C C4    . DT  A 1 2  ? 10.998  -2.482  -2.407  1.00 37.14 ?  2   DT  A C4    1 
ATOM   36  O O4    . DT  A 1 2  ? 11.052  -3.170  -3.421  1.00 38.05 ?  2   DT  A O4    1 
ATOM   37  C C5    . DT  A 1 2  ? 11.567  -1.158  -2.340  1.00 43.66 ?  2   DT  A C5    1 
ATOM   38  C C7    . DT  A 1 2  ? 12.256  -0.570  -3.536  1.00 41.00 ?  2   DT  A C7    1 
ATOM   39  C C6    . DT  A 1 2  ? 11.459  -0.483  -1.188  1.00 38.03 ?  2   DT  A C6    1 
ATOM   40  P P     . DG  A 1 3  ? 10.911  2.070   4.237   1.00 45.93 ?  3   DG  A P     1 
ATOM   41  O OP1   . DG  A 1 3  ? 11.573  2.619   5.440   1.00 59.77 -1 3   DG  A OP1   1 
ATOM   42  O OP2   . DG  A 1 3  ? 10.682  0.612   4.165   1.00 67.49 ?  3   DG  A OP2   1 
ATOM   43  O "O5'" . DG  A 1 3  ? 9.513   2.840   4.088   1.00 49.44 ?  3   DG  A "O5'" 1 
ATOM   44  C "C5'" . DG  A 1 3  ? 9.116   3.811   5.059   1.00 63.69 ?  3   DG  A "C5'" 1 
ATOM   45  C "C4'" . DG  A 1 3  ? 8.034   3.259   5.975   1.00 47.94 ?  3   DG  A "C4'" 1 
ATOM   46  O "O4'" . DG  A 1 3  ? 7.063   2.514   5.192   1.00 64.61 ?  3   DG  A "O4'" 1 
ATOM   47  C "C3'" . DG  A 1 3  ? 8.525   2.290   7.054   1.00 48.08 ?  3   DG  A "C3'" 1 
ATOM   48  O "O3'" . DG  A 1 3  ? 7.726   2.389   8.252   1.00 82.75 ?  3   DG  A "O3'" 1 
ATOM   49  C "C2'" . DG  A 1 3  ? 8.307   0.940   6.381   1.00 67.37 ?  3   DG  A "C2'" 1 
ATOM   50  C "C1'" . DG  A 1 3  ? 6.977   1.198   5.695   1.00 73.57 ?  3   DG  A "C1'" 1 
ATOM   51  N N9    . DG  A 1 3  ? 6.685   0.292   4.587   1.00 39.84 ?  3   DG  A N9    1 
ATOM   52  C C8    . DG  A 1 3  ? 7.305   0.252   3.362   1.00 50.22 ?  3   DG  A C8    1 
ATOM   53  N N7    . DG  A 1 3  ? 6.819   -0.660  2.566   1.00 33.63 ?  3   DG  A N7    1 
ATOM   54  C C5    . DG  A 1 3  ? 5.810   -1.258  3.309   1.00 40.51 ?  3   DG  A C5    1 
ATOM   55  C C6    . DG  A 1 3  ? 4.930   -2.313  2.968   1.00 39.49 ?  3   DG  A C6    1 
ATOM   56  O O6    . DG  A 1 3  ? 4.864   -2.948  1.906   1.00 30.65 ?  3   DG  A O6    1 
ATOM   57  N N1    . DG  A 1 3  ? 4.057   -2.613  4.012   1.00 37.16 ?  3   DG  A N1    1 
ATOM   58  C C2    . DG  A 1 3  ? 4.038   -1.973  5.228   1.00 39.38 ?  3   DG  A C2    1 
ATOM   59  N N2    . DG  A 1 3  ? 3.122   -2.401  6.109   1.00 35.20 ?  3   DG  A N2    1 
ATOM   60  N N3    . DG  A 1 3  ? 4.856   -0.983  5.560   1.00 34.65 ?  3   DG  A N3    1 
ATOM   61  C C4    . DG  A 1 3  ? 5.714   -0.681  4.554   1.00 33.65 ?  3   DG  A C4    1 
ATOM   62  P P     . DG  A 1 4  ? 7.125   3.788   8.783   1.00 96.12 ?  4   DG  A P     1 
ATOM   63  O OP1   . DG  A 1 4  ? 8.072   4.895   8.512   1.00 66.83 ?  4   DG  A OP1   1 
ATOM   64  O OP2   . DG  A 1 4  ? 6.713   3.544   10.182  1.00 85.13 -1 4   DG  A OP2   1 
ATOM   65  O "O5'" . DG  A 1 4  ? 5.777   3.975   7.938   1.00 80.25 ?  4   DG  A "O5'" 1 
ATOM   66  C "C5'" . DG  A 1 4  ? 4.728   4.792   8.442   1.00 58.88 ?  4   DG  A "C5'" 1 
ATOM   67  C "C4'" . DG  A 1 4  ? 3.435   4.001   8.578   1.00 49.71 ?  4   DG  A "C4'" 1 
ATOM   68  O "O4'" . DG  A 1 4  ? 2.932   3.645   7.262   1.00 36.48 ?  4   DG  A "O4'" 1 
ATOM   69  C "C3'" . DG  A 1 4  ? 3.543   2.683   9.354   1.00 44.04 ?  4   DG  A "C3'" 1 
ATOM   70  O "O3'" . DG  A 1 4  ? 2.390   2.520   10.170  1.00 55.02 ?  4   DG  A "O3'" 1 
ATOM   71  C "C2'" . DG  A 1 4  ? 3.578   1.642   8.238   1.00 37.19 ?  4   DG  A "C2'" 1 
ATOM   72  C "C1'" . DG  A 1 4  ? 2.605   2.274   7.264   1.00 43.72 ?  4   DG  A "C1'" 1 
ATOM   73  N N9    . DG  A 1 4  ? 2.683   1.760   5.900   1.00 34.92 ?  4   DG  A N9    1 
ATOM   74  C C8    . DG  A 1 4  ? 3.630   2.057   4.952   1.00 32.07 ?  4   DG  A C8    1 
ATOM   75  N N7    . DG  A 1 4  ? 3.431   1.452   3.814   1.00 28.49 ?  4   DG  A N7    1 
ATOM   76  C C5    . DG  A 1 4  ? 2.275   0.710   4.020   1.00 27.31 ?  4   DG  A C5    1 
ATOM   77  C C6    . DG  A 1 4  ? 1.573   -0.150  3.143   1.00 25.97 ?  4   DG  A C6    1 
ATOM   78  O O6    . DG  A 1 4  ? 1.848   -0.435  1.969   1.00 25.80 ?  4   DG  A O6    1 
ATOM   79  N N1    . DG  A 1 4  ? 0.449   -0.704  3.751   1.00 25.72 ?  4   DG  A N1    1 
ATOM   80  C C2    . DG  A 1 4  ? 0.054   -0.458  5.044   1.00 28.05 ?  4   DG  A C2    1 
ATOM   81  N N2    . DG  A 1 4  ? -1.060  -1.083  5.456   1.00 27.14 ?  4   DG  A N2    1 
ATOM   82  N N3    . DG  A 1 4  ? 0.703   0.345   5.878   1.00 30.01 ?  4   DG  A N3    1 
ATOM   83  C C4    . DG  A 1 4  ? 1.801   0.891   5.299   1.00 28.48 ?  4   DG  A C4    1 
ATOM   84  P P     . DT  A 1 5  ? 2.430   1.564   11.462  1.00 74.31 ?  5   DT  A P     1 
ATOM   85  O OP1   . DT  A 1 5  ? 1.203   1.836   12.244  1.00 51.44 -1 5   DT  A OP1   1 
ATOM   86  O OP2   . DT  A 1 5  ? 3.759   1.710   12.092  1.00 67.93 ?  5   DT  A OP2   1 
ATOM   87  O "O5'" . DT  A 1 5  ? 2.297   0.087   10.861  1.00 74.65 ?  5   DT  A "O5'" 1 
ATOM   88  C "C5'" . DT  A 1 5  ? 1.041   -0.374  10.372  1.00 41.73 ?  5   DT  A "C5'" 1 
ATOM   89  C "C4'" . DT  A 1 5  ? 1.073   -1.873  10.111  1.00 38.01 ?  5   DT  A "C4'" 1 
ATOM   90  O "O4'" . DT  A 1 5  ? 2.196   -2.193  9.253   1.00 40.73 ?  5   DT  A "O4'" 1 
ATOM   91  C "C3'" . DT  A 1 5  ? 1.232   -2.746  11.351  1.00 45.53 ?  5   DT  A "C3'" 1 
ATOM   92  O "O3'" . DT  A 1 5  ? 0.531   -3.973  11.178  1.00 40.99 ?  5   DT  A "O3'" 1 
ATOM   93  C "C2'" . DT  A 1 5  ? 2.740   -2.969  11.418  1.00 39.71 ?  5   DT  A "C2'" 1 
ATOM   94  C "C1'" . DT  A 1 5  ? 3.124   -3.008  9.942   1.00 35.10 ?  5   DT  A "C1'" 1 
ATOM   95  N N1    . DT  A 1 5  ? 4.488   -2.478  9.673   1.00 35.84 ?  5   DT  A N1    1 
ATOM   96  C C2    . DT  A 1 5  ? 5.197   -2.959  8.599   1.00 37.85 ?  5   DT  A C2    1 
ATOM   97  O O2    . DT  A 1 5  ? 4.767   -3.811  7.842   1.00 36.99 ?  5   DT  A O2    1 
ATOM   98  N N3    . DT  A 1 5  ? 6.440   -2.404  8.438   1.00 42.13 ?  5   DT  A N3    1 
ATOM   99  C C4    . DT  A 1 5  ? 7.030   -1.436  9.230   1.00 45.62 ?  5   DT  A C4    1 
ATOM   100 O O4    . DT  A 1 5  ? 8.154   -0.999  9.005   1.00 40.70 ?  5   DT  A O4    1 
ATOM   101 C C5    . DT  A 1 5  ? 6.230   -0.974  10.340  1.00 51.20 ?  5   DT  A C5    1 
ATOM   102 C C7    . DT  A 1 5  ? 6.763   0.076   11.270  1.00 57.76 ?  5   DT  A C7    1 
ATOM   103 C C6    . DT  A 1 5  ? 5.013   -1.511  10.506  1.00 46.70 ?  5   DT  A C6    1 
ATOM   104 P P     . DG  A 1 6  ? -1.062  -4.030  11.388  1.00 65.68 ?  6   DG  A P     1 
ATOM   105 O OP1   . DG  A 1 6  ? -1.424  -2.971  12.357  1.00 61.43 ?  6   DG  A OP1   1 
ATOM   106 O OP2   . DG  A 1 6  ? -1.438  -5.433  11.667  1.00 61.11 -1 6   DG  A OP2   1 
ATOM   107 O "O5'" . DG  A 1 6  ? -1.650  -3.645  9.952   1.00 54.80 ?  6   DG  A "O5'" 1 
ATOM   108 C "C5'" . DG  A 1 6  ? -3.046  -3.436  9.788   1.00 46.26 ?  6   DG  A "C5'" 1 
ATOM   109 C "C4'" . DG  A 1 6  ? -3.616  -4.353  8.718   1.00 40.27 ?  6   DG  A "C4'" 1 
ATOM   110 O "O4'" . DG  A 1 6  ? -2.932  -4.126  7.458   1.00 39.03 ?  6   DG  A "O4'" 1 
ATOM   111 C "C3'" . DG  A 1 6  ? -3.485  -5.852  8.998   1.00 54.33 ?  6   DG  A "C3'" 1 
ATOM   112 O "O3'" . DG  A 1 6  ? -4.609  -6.572  8.457   1.00 51.57 ?  6   DG  A "O3'" 1 
ATOM   113 C "C2'" . DG  A 1 6  ? -2.207  -6.202  8.242   1.00 50.71 ?  6   DG  A "C2'" 1 
ATOM   114 C "C1'" . DG  A 1 6  ? -2.381  -5.343  7.001   1.00 43.32 ?  6   DG  A "C1'" 1 
ATOM   115 N N9    . DG  A 1 6  ? -1.141  -5.047  6.293   1.00 39.10 ?  6   DG  A N9    1 
ATOM   116 C C8    . DG  A 1 6  ? -0.068  -4.330  6.763   1.00 35.94 ?  6   DG  A C8    1 
ATOM   117 N N7    . DG  A 1 6  ? 0.899   -4.211  5.896   1.00 31.66 ?  6   DG  A N7    1 
ATOM   118 C C5    . DG  A 1 6  ? 0.435   -4.889  4.775   1.00 28.79 ?  6   DG  A C5    1 
ATOM   119 C C6    . DG  A 1 6  ? 1.049   -5.097  3.517   1.00 28.14 ?  6   DG  A C6    1 
ATOM   120 O O6    . DG  A 1 6  ? 2.160   -4.714  3.130   1.00 35.28 ?  6   DG  A O6    1 
ATOM   121 N N1    . DG  A 1 6  ? 0.233   -5.837  2.662   1.00 34.78 ?  6   DG  A N1    1 
ATOM   122 C C2    . DG  A 1 6  ? -1.016  -6.312  2.983   1.00 30.46 ?  6   DG  A C2    1 
ATOM   123 N N2    . DG  A 1 6  ? -1.653  -7.003  2.028   1.00 29.58 ?  6   DG  A N2    1 
ATOM   124 N N3    . DG  A 1 6  ? -1.603  -6.123  4.158   1.00 29.48 ?  6   DG  A N3    1 
ATOM   125 C C4    . DG  A 1 6  ? -0.821  -5.405  5.002   1.00 29.34 ?  6   DG  A C4    1 
ATOM   126 P P     . DG  A 1 7  ? -6.111  -5.995  8.537   1.00 71.64 ?  7   DG  A P     1 
ATOM   127 O OP1   . DG  A 1 7  ? -6.303  -5.276  9.817   1.00 50.57 ?  7   DG  A OP1   1 
ATOM   128 O OP2   . DG  A 1 7  ? -7.012  -7.121  8.202   1.00 59.02 -1 7   DG  A OP2   1 
ATOM   129 O "O5'" . DG  A 1 7  ? -6.201  -4.968  7.314   1.00 37.95 ?  7   DG  A "O5'" 1 
ATOM   130 C "C5'" . DG  A 1 7  ? -7.457  -4.647  6.748   1.00 47.34 ?  7   DG  A "C5'" 1 
ATOM   131 C "C4'" . DG  A 1 7  ? -7.461  -4.917  5.255   1.00 34.38 ?  7   DG  A "C4'" 1 
ATOM   132 O "O4'" . DG  A 1 7  ? -6.508  -4.043  4.593   1.00 31.13 ?  7   DG  A "O4'" 1 
ATOM   133 C "C3'" . DG  A 1 7  ? -7.070  -6.341  4.843   1.00 34.99 ?  7   DG  A "C3'" 1 
ATOM   134 O "O3'" . DG  A 1 7  ? -7.878  -6.745  3.750   1.00 42.25 ?  7   DG  A "O3'" 1 
ATOM   135 C "C2'" . DG  A 1 7  ? -5.615  -6.174  4.414   1.00 30.76 ?  7   DG  A "C2'" 1 
ATOM   136 C "C1'" . DG  A 1 7  ? -5.704  -4.823  3.740   1.00 29.54 ?  7   DG  A "C1'" 1 
ATOM   137 N N9    . DG  A 1 7  ? -4.429  -4.146  3.543   1.00 27.71 ?  7   DG  A N9    1 
ATOM   138 C C8    . DG  A 1 7  ? -3.707  -3.447  4.477   1.00 27.41 ?  7   DG  A C8    1 
ATOM   139 N N7    . DG  A 1 7  ? -2.607  -2.932  4.001   1.00 26.26 ?  7   DG  A N7    1 
ATOM   140 C C5    . DG  A 1 7  ? -2.608  -3.305  2.663   1.00 25.66 ?  7   DG  A C5    1 
ATOM   141 C C6    . DG  A 1 7  ? -1.670  -3.037  1.640   1.00 24.89 ?  7   DG  A C6    1 
ATOM   142 O O6    . DG  A 1 7  ? -0.613  -2.395  1.719   1.00 24.53 ?  7   DG  A O6    1 
ATOM   143 N N1    . DG  A 1 7  ? -2.054  -3.600  0.425   1.00 25.23 ?  7   DG  A N1    1 
ATOM   144 C C2    . DG  A 1 7  ? -3.202  -4.332  0.227   1.00 26.32 ?  7   DG  A C2    1 
ATOM   145 N N2    . DG  A 1 7  ? -3.404  -4.797  -1.014  1.00 27.23 ?  7   DG  A N2    1 
ATOM   146 N N3    . DG  A 1 7  ? -4.088  -4.591  1.177   1.00 27.08 ?  7   DG  A N3    1 
ATOM   147 C C4    . DG  A 1 7  ? -3.727  -4.049  2.365   1.00 26.61 ?  7   DG  A C4    1 
ATOM   148 P P     . DT  A 1 8  ? -8.141  -8.302  3.465   1.00 52.96 ?  8   DT  A P     1 
ATOM   149 O OP1   . DT  A 1 8  ? -9.323  -8.398  2.579   1.00 42.60 ?  8   DT  A OP1   1 
ATOM   150 O OP2   . DT  A 1 8  ? -8.131  -8.994  4.773   1.00 48.00 -1 8   DT  A OP2   1 
ATOM   151 O "O5'" . DT  A 1 8  ? -6.852  -8.767  2.640   1.00 54.55 ?  8   DT  A "O5'" 1 
ATOM   152 C "C5'" . DT  A 1 8  ? -6.697  -8.371  1.279   1.00 42.47 ?  8   DT  A "C5'" 1 
ATOM   153 C "C4'" . DT  A 1 8  ? -5.441  -8.982  0.676   1.00 44.36 ?  8   DT  A "C4'" 1 
ATOM   154 O "O4'" . DT  A 1 8  ? -4.315  -8.744  1.559   1.00 32.58 ?  8   DT  A "O4'" 1 
ATOM   155 C "C3'" . DT  A 1 8  ? -5.488  -10.494 0.465   1.00 36.33 ?  8   DT  A "C3'" 1 
ATOM   156 O "O3'" . DT  A 1 8  ? -4.716  -10.848 -0.674  1.00 44.95 ?  8   DT  A "O3'" 1 
ATOM   157 C "C2'" . DT  A 1 8  ? -4.850  -11.021 1.745   1.00 40.69 ?  8   DT  A "C2'" 1 
ATOM   158 C "C1'" . DT  A 1 8  ? -3.767  -9.978  1.979   1.00 33.22 ?  8   DT  A "C1'" 1 
ATOM   159 N N1    . DT  A 1 8  ? -3.363  -9.849  3.401   1.00 32.89 ?  8   DT  A N1    1 
ATOM   160 C C2    . DT  A 1 8  ? -2.031  -9.733  3.710   1.00 31.99 ?  8   DT  A C2    1 
ATOM   161 O O2    . DT  A 1 8  ? -1.149  -9.731  2.870   1.00 31.37 ?  8   DT  A O2    1 
ATOM   162 N N3    . DT  A 1 8  ? -1.762  -9.618  5.046   1.00 32.44 ?  8   DT  A N3    1 
ATOM   163 C C4    . DT  A 1 8  ? -2.675  -9.606  6.084   1.00 33.72 ?  8   DT  A C4    1 
ATOM   164 O O4    . DT  A 1 8  ? -2.336  -9.498  7.256   1.00 34.63 ?  8   DT  A O4    1 
ATOM   165 C C5    . DT  A 1 8  ? -4.058  -9.732  5.689   1.00 42.42 ?  8   DT  A C5    1 
ATOM   166 C C7    . DT  A 1 8  ? -5.141  -9.732  6.726   1.00 36.60 ?  8   DT  A C7    1 
ATOM   167 C C6    . DT  A 1 8  ? -4.331  -9.845  4.382   1.00 34.13 ?  8   DT  A C6    1 
ATOM   168 P P     . DG  A 1 9  ? -5.307  -10.645 -2.154  1.00 43.76 ?  9   DG  A P     1 
ATOM   169 O OP1   . DG  A 1 9  ? -6.784  -10.609 -2.051  1.00 52.42 -1 9   DG  A OP1   1 
ATOM   170 O OP2   . DG  A 1 9  ? -4.654  -11.641 -3.031  1.00 44.66 ?  9   DG  A OP2   1 
ATOM   171 O "O5'" . DG  A 1 9  ? -4.807  -9.182  -2.568  1.00 64.72 ?  9   DG  A "O5'" 1 
ATOM   172 C "C5'" . DG  A 1 9  ? -5.240  -8.600  -3.791  1.00 59.23 ?  9   DG  A "C5'" 1 
ATOM   173 C "C4'" . DG  A 1 9  ? -4.066  -8.356  -4.728  1.00 46.99 ?  9   DG  A "C4'" 1 
ATOM   174 O "O4'" . DG  A 1 9  ? -3.089  -7.500  -4.079  1.00 45.93 ?  9   DG  A "O4'" 1 
ATOM   175 C "C3'" . DG  A 1 9  ? -3.302  -9.606  -5.162  1.00 48.89 ?  9   DG  A "C3'" 1 
ATOM   176 O "O3'" . DG  A 1 9  ? -2.794  -9.462  -6.502  1.00 58.17 ?  9   DG  A "O3'" 1 
ATOM   177 C "C2'" . DG  A 1 9  ? -2.158  -9.644  -4.152  1.00 60.39 ?  9   DG  A "C2'" 1 
ATOM   178 C "C1'" . DG  A 1 9  ? -1.841  -8.161  -4.037  1.00 65.28 ?  9   DG  A "C1'" 1 
ATOM   179 N N9    . DG  A 1 9  ? -1.165  -7.782  -2.798  1.00 43.60 ?  9   DG  A N9    1 
ATOM   180 C C8    . DG  A 1 9  ? -1.627  -7.958  -1.516  1.00 36.65 ?  9   DG  A C8    1 
ATOM   181 N N7    . DG  A 1 9  ? -0.811  -7.506  -0.604  1.00 40.40 ?  9   DG  A N7    1 
ATOM   182 C C5    . DG  A 1 9  ? 0.257   -6.988  -1.328  1.00 46.88 ?  9   DG  A C5    1 
ATOM   183 C C6    . DG  A 1 9  ? 1.444   -6.362  -0.877  1.00 56.72 ?  9   DG  A C6    1 
ATOM   184 O O6    . DG  A 1 9  ? 1.799   -6.131  0.288   1.00 52.88 ?  9   DG  A O6    1 
ATOM   185 N N1    . DG  A 1 9  ? 2.262   -5.986  -1.940  1.00 40.06 ?  9   DG  A N1    1 
ATOM   186 C C2    . DG  A 1 9  ? 1.969   -6.189  -3.267  1.00 30.51 ?  9   DG  A C2    1 
ATOM   187 N N2    . DG  A 1 9  ? 2.882   -5.755  -4.149  1.00 31.34 ?  9   DG  A N2    1 
ATOM   188 N N3    . DG  A 1 9  ? 0.859   -6.774  -3.703  1.00 44.48 ?  9   DG  A N3    1 
ATOM   189 C C4    . DG  A 1 9  ? 0.052   -7.148  -2.679  1.00 30.93 ?  9   DG  A C4    1 
ATOM   190 P P     . DG  A 1 10 ? -3.633  -8.720  -7.663  1.00 67.60 ?  10  DG  A P     1 
ATOM   191 O OP1   . DG  A 1 10 ? -5.076  -9.017  -7.515  1.00 56.70 ?  10  DG  A OP1   1 
ATOM   192 O OP2   . DG  A 1 10 ? -2.967  -9.068  -8.936  1.00 62.63 -1 10  DG  A OP2   1 
ATOM   193 O "O5'" . DG  A 1 10 ? -3.352  -7.165  -7.408  1.00 72.79 ?  10  DG  A "O5'" 1 
ATOM   194 C "C5'" . DG  A 1 10 ? -3.544  -6.220  -8.450  1.00 58.46 ?  10  DG  A "C5'" 1 
ATOM   195 C "C4'" . DG  A 1 10 ? -2.323  -5.330  -8.602  1.00 58.13 ?  10  DG  A "C4'" 1 
ATOM   196 O "O4'" . DG  A 1 10 ? -2.174  -4.489  -7.424  1.00 41.15 ?  10  DG  A "O4'" 1 
ATOM   197 C "C3'" . DG  A 1 10 ? -0.990  -6.072  -8.756  1.00 43.92 ?  10  DG  A "C3'" 1 
ATOM   198 O "O3'" . DG  A 1 10 ? -0.190  -5.416  -9.729  1.00 52.25 ?  10  DG  A "O3'" 1 
ATOM   199 C "C2'" . DG  A 1 10 ? -0.374  -5.953  -7.364  1.00 40.04 ?  10  DG  A "C2'" 1 
ATOM   200 C "C1'" . DG  A 1 10 ? -0.837  -4.562  -6.985  1.00 43.65 ?  10  DG  A "C1'" 1 
ATOM   201 N N9    . DG  A 1 10 ? -0.783  -4.272  -5.555  1.00 29.87 ?  10  DG  A N9    1 
ATOM   202 C C8    . DG  A 1 10 ? -1.650  -4.711  -4.585  1.00 33.86 ?  10  DG  A C8    1 
ATOM   203 N N7    . DG  A 1 10 ? -1.352  -4.281  -3.390  1.00 27.42 ?  10  DG  A N7    1 
ATOM   204 C C5    . DG  A 1 10 ? -0.217  -3.503  -3.581  1.00 29.49 ?  10  DG  A C5    1 
ATOM   205 C C6    . DG  A 1 10 ? 0.559   -2.778  -2.647  1.00 25.73 ?  10  DG  A C6    1 
ATOM   206 O O6    . DG  A 1 10 ? 0.393   -2.682  -1.424  1.00 24.94 ?  10  DG  A O6    1 
ATOM   207 N N1    . DG  A 1 10 ? 1.626   -2.123  -3.258  1.00 26.25 ?  10  DG  A N1    1 
ATOM   208 C C2    . DG  A 1 10 ? 1.907   -2.166  -4.603  1.00 31.08 ?  10  DG  A C2    1 
ATOM   209 N N2    . DG  A 1 10 ? 2.980   -1.471  -5.008  1.00 28.53 ?  10  DG  A N2    1 
ATOM   210 N N3    . DG  A 1 10 ? 1.188   -2.842  -5.490  1.00 28.84 ?  10  DG  A N3    1 
ATOM   211 C C4    . DG  A 1 10 ? 0.145   -3.486  -4.909  1.00 29.47 ?  10  DG  A C4    1 
ATOM   212 P P     . DT  A 1 11 ? 0.907   -6.236  -10.567 1.00 66.07 ?  11  DT  A P     1 
ATOM   213 O OP1   . DT  A 1 11 ? 1.295   -5.400  -11.725 1.00 54.97 ?  11  DT  A OP1   1 
ATOM   214 O OP2   . DT  A 1 11 ? 0.376   -7.600  -10.783 1.00 73.26 ?  11  DT  A OP2   1 
ATOM   215 O "O5'" . DT  A 1 11 ? 2.166   -6.319  -9.582  1.00 64.94 ?  11  DT  A "O5'" 1 
ATOM   216 C "C5'" . DT  A 1 11 ? 2.860   -5.133  -9.209  1.00 56.32 ?  11  DT  A "C5'" 1 
ATOM   217 C "C4'" . DT  A 1 11 ? 4.050   -5.454  -8.318  1.00 52.36 ?  11  DT  A "C4'" 1 
ATOM   218 O "O4'" . DT  A 1 11 ? 3.600   -6.186  -7.151  1.00 47.40 ?  11  DT  A "O4'" 1 
ATOM   219 C "C3'" . DT  A 1 11 ? 5.134   -6.315  -8.962  1.00 43.22 ?  11  DT  A "C3'" 1 
ATOM   220 O "O3'" . DT  A 1 11 ? 6.415   -5.939  -8.471  1.00 43.68 ?  11  DT  A "O3'" 1 
ATOM   221 C "C2'" . DT  A 1 11 ? 4.757   -7.724  -8.517  1.00 42.67 ?  11  DT  A "C2'" 1 
ATOM   222 C "C1'" . DT  A 1 11 ? 4.184   -7.474  -7.125  1.00 39.08 ?  11  DT  A "C1'" 1 
ATOM   223 N N1    . DT  A 1 11 ? 3.131   -8.448  -6.738  1.00 48.95 ?  11  DT  A N1    1 
ATOM   224 C C2    . DT  A 1 11 ? 3.099   -8.930  -5.452  1.00 43.62 ?  11  DT  A C2    1 
ATOM   225 O O2    . DT  A 1 11 ? 3.899   -8.600  -4.594  1.00 43.56 ?  11  DT  A O2    1 
ATOM   226 N N3    . DT  A 1 11 ? 2.088   -9.820  -5.200  1.00 40.86 ?  11  DT  A N3    1 
ATOM   227 C C4    . DT  A 1 11 ? 1.126   -10.264 -6.089  1.00 56.97 ?  11  DT  A C4    1 
ATOM   228 O O4    . DT  A 1 11 ? 0.257   -11.066 -5.769  1.00 48.82 ?  11  DT  A O4    1 
ATOM   229 C C5    . DT  A 1 11 ? 1.219   -9.718  -7.422  1.00 55.14 ?  11  DT  A C5    1 
ATOM   230 C C7    . DT  A 1 11 ? 0.232   -10.125 -8.475  1.00 57.18 ?  11  DT  A C7    1 
ATOM   231 C C6    . DT  A 1 11 ? 2.204   -8.847  -7.679  1.00 54.41 ?  11  DT  A C6    1 
ATOM   232 P P     . DG  A 1 12 ? 7.160   -4.644  -9.064  1.00 52.62 ?  12  DG  A P     1 
ATOM   233 O OP1   . DG  A 1 12 ? 6.675   -4.444  -10.448 1.00 53.13 -1 12  DG  A OP1   1 
ATOM   234 O OP2   . DG  A 1 12 ? 8.610   -4.797  -8.808  1.00 46.37 ?  12  DG  A OP2   1 
ATOM   235 O "O5'" . DG  A 1 12 ? 6.594   -3.439  -8.177  1.00 49.79 ?  12  DG  A "O5'" 1 
ATOM   236 C "C5'" . DG  A 1 12 ? 6.933   -2.099  -8.502  1.00 47.46 ?  12  DG  A "C5'" 1 
ATOM   237 C "C4'" . DG  A 1 12 ? 7.725   -1.451  -7.378  1.00 52.46 ?  12  DG  A "C4'" 1 
ATOM   238 O "O4'" . DG  A 1 12 ? 6.927   -1.437  -6.167  1.00 34.42 ?  12  DG  A "O4'" 1 
ATOM   239 C "C3'" . DG  A 1 12 ? 9.032   -2.150  -7.015  1.00 49.93 ?  12  DG  A "C3'" 1 
ATOM   240 O "O3'" . DG  A 1 12 ? 10.024  -1.185  -6.691  1.00 47.95 ?  12  DG  A "O3'" 1 
ATOM   241 C "C2'" . DG  A 1 12 ? 8.647   -2.990  -5.799  1.00 46.68 ?  12  DG  A "C2'" 1 
ATOM   242 C "C1'" . DG  A 1 12 ? 7.615   -2.098  -5.126  1.00 34.05 ?  12  DG  A "C1'" 1 
ATOM   243 N N9    . DG  A 1 12 ? 6.635   -2.831  -4.329  1.00 41.54 ?  12  DG  A N9    1 
ATOM   244 C C8    . DG  A 1 12 ? 5.718   -3.748  -4.787  1.00 32.43 ?  12  DG  A C8    1 
ATOM   245 N N7    . DG  A 1 12 ? 4.958   -4.238  -3.846  1.00 30.24 ?  12  DG  A N7    1 
ATOM   246 C C5    . DG  A 1 12 ? 5.395   -3.599  -2.690  1.00 29.36 ?  12  DG  A C5    1 
ATOM   247 C C6    . DG  A 1 12 ? 4.944   -3.725  -1.356  1.00 28.20 ?  12  DG  A C6    1 
ATOM   248 O O6    . DG  A 1 12 ? 4.038   -4.447  -0.914  1.00 27.60 ?  12  DG  A O6    1 
ATOM   249 N N1    . DG  A 1 12 ? 5.659   -2.899  -0.491  1.00 28.43 ?  12  DG  A N1    1 
ATOM   250 C C2    . DG  A 1 12 ? 6.678   -2.058  -0.870  1.00 29.70 ?  12  DG  A C2    1 
ATOM   251 N N2    . DG  A 1 12 ? 7.248   -1.337  0.106   1.00 30.45 ?  12  DG  A N2    1 
ATOM   252 N N3    . DG  A 1 12 ? 7.110   -1.931  -2.118  1.00 31.50 ?  12  DG  A N3    1 
ATOM   253 C C4    . DG  A 1 12 ? 6.423   -2.730  -2.973  1.00 30.47 ?  12  DG  A C4    1 
ATOM   254 O "O5'" . DG  B 1 1  ? 0.798   -0.263  -11.352 1.00 49.61 ?  1   DG  B "O5'" 1 
ATOM   255 C "C5'" . DG  B 1 1  ? 0.950   -1.636  -11.026 1.00 37.64 ?  1   DG  B "C5'" 1 
ATOM   256 C "C4'" . DG  B 1 1  ? -0.207  -2.121  -10.167 1.00 47.68 ?  1   DG  B "C4'" 1 
ATOM   257 O "O4'" . DG  B 1 1  ? 0.083   -1.890  -8.761  1.00 48.35 ?  1   DG  B "O4'" 1 
ATOM   258 C "C3'" . DG  B 1 1  ? -1.556  -1.438  -10.433 1.00 47.81 ?  1   DG  B "C3'" 1 
ATOM   259 O "O3'" . DG  B 1 1  ? -2.581  -2.419  -10.444 1.00 42.86 ?  1   DG  B "O3'" 1 
ATOM   260 C "C2'" . DG  B 1 1  ? -1.703  -0.502  -9.234  1.00 45.96 ?  1   DG  B "C2'" 1 
ATOM   261 C "C1'" . DG  B 1 1  ? -1.074  -1.364  -8.160  1.00 50.83 ?  1   DG  B "C1'" 1 
ATOM   262 N N9    . DG  B 1 1  ? -0.706  -0.659  -6.938  1.00 37.34 ?  1   DG  B N9    1 
ATOM   263 C C8    . DG  B 1 1  ? 0.390   0.143   -6.738  1.00 41.34 ?  1   DG  B C8    1 
ATOM   264 N N7    . DG  B 1 1  ? 0.461   0.630   -5.528  1.00 33.92 ?  1   DG  B N7    1 
ATOM   265 C C5    . DG  B 1 1  ? -0.656  0.111   -4.886  1.00 29.13 ?  1   DG  B C5    1 
ATOM   266 C C6    . DG  B 1 1  ? -1.111  0.286   -3.555  1.00 31.23 ?  1   DG  B C6    1 
ATOM   267 O O6    . DG  B 1 1  ? -0.597  0.962   -2.651  1.00 44.63 ?  1   DG  B O6    1 
ATOM   268 N N1    . DG  B 1 1  ? -2.286  -0.420  -3.315  1.00 29.70 ?  1   DG  B N1    1 
ATOM   269 C C2    . DG  B 1 1  ? -2.941  -1.198  -4.239  1.00 36.03 ?  1   DG  B C2    1 
ATOM   270 N N2    . DG  B 1 1  ? -4.061  -1.804  -3.822  1.00 30.18 ?  1   DG  B N2    1 
ATOM   271 N N3    . DG  B 1 1  ? -2.526  -1.370  -5.488  1.00 41.90 ?  1   DG  B N3    1 
ATOM   272 C C4    . DG  B 1 1  ? -1.383  -0.688  -5.740  1.00 32.70 ?  1   DG  B C4    1 
ATOM   273 P P     . DT  B 1 2  ? -3.933  -2.178  -11.275 1.00 71.46 ?  2   DT  B P     1 
ATOM   274 O OP1   . DT  B 1 2  ? -4.456  -3.508  -11.659 1.00 78.12 -1 2   DT  B OP1   1 
ATOM   275 O OP2   . DT  B 1 2  ? -3.642  -1.164  -12.312 1.00 85.24 ?  2   DT  B OP2   1 
ATOM   276 O "O5'" . DT  B 1 2  ? -4.941  -1.554  -10.200 1.00 72.03 ?  2   DT  B "O5'" 1 
ATOM   277 C "C5'" . DT  B 1 2  ? -5.336  -2.322  -9.065  1.00 60.39 ?  2   DT  B "C5'" 1 
ATOM   278 C "C4'" . DT  B 1 2  ? -6.302  -1.541  -8.187  1.00 60.27 ?  2   DT  B "C4'" 1 
ATOM   279 O "O4'" . DT  B 1 2  ? -5.722  -0.252  -7.856  1.00 58.46 ?  2   DT  B "O4'" 1 
ATOM   280 C "C3'" . DT  B 1 2  ? -7.662  -1.242  -8.819  1.00 71.48 ?  2   DT  B "C3'" 1 
ATOM   281 O "O3'" . DT  B 1 2  ? -8.684  -1.344  -7.837  1.00 52.16 ?  2   DT  B "O3'" 1 
ATOM   282 C "C2'" . DT  B 1 2  ? -7.503  0.196   -9.302  1.00 53.52 ?  2   DT  B "C2'" 1 
ATOM   283 C "C1'" . DT  B 1 2  ? -6.617  0.777   -8.213  1.00 50.26 ?  2   DT  B "C1'" 1 
ATOM   284 N N1    . DT  B 1 2  ? -5.821  1.958   -8.651  1.00 50.98 ?  2   DT  B N1    1 
ATOM   285 C C2    . DT  B 1 2  ? -6.021  3.170   -8.034  1.00 63.15 ?  2   DT  B C2    1 
ATOM   286 O O2    . DT  B 1 2  ? -6.830  3.338   -7.137  1.00 52.46 ?  2   DT  B O2    1 
ATOM   287 N N3    . DT  B 1 2  ? -5.239  4.189   -8.505  1.00 67.57 ?  2   DT  B N3    1 
ATOM   288 C C4    . DT  B 1 2  ? -4.294  4.119   -9.513  1.00 55.67 ?  2   DT  B C4    1 
ATOM   289 O O4    . DT  B 1 2  ? -3.639  5.095   -9.866  1.00 64.32 ?  2   DT  B O4    1 
ATOM   290 C C5    . DT  B 1 2  ? -4.132  2.819   -10.119 1.00 53.40 ?  2   DT  B C5    1 
ATOM   291 C C7    . DT  B 1 2  ? -3.135  2.618   -11.224 1.00 53.72 ?  2   DT  B C7    1 
ATOM   292 C C6    . DT  B 1 2  ? -4.894  1.812   -9.664  1.00 55.72 ?  2   DT  B C6    1 
ATOM   293 P P     . DG  B 1 3  ? -9.108  -2.780  -7.253  1.00 63.42 ?  3   DG  B P     1 
ATOM   294 O OP1   . DG  B 1 3  ? -8.529  -3.817  -8.136  1.00 77.50 -1 3   DG  B OP1   1 
ATOM   295 O OP2   . DG  B 1 3  ? -10.564 -2.749  -7.003  1.00 52.20 ?  3   DG  B OP2   1 
ATOM   296 O "O5'" . DG  B 1 3  ? -8.356  -2.856  -5.845  1.00 51.48 ?  3   DG  B "O5'" 1 
ATOM   297 C "C5'" . DG  B 1 3  ? -8.575  -3.961  -4.982  1.00 43.33 ?  3   DG  B "C5'" 1 
ATOM   298 C "C4'" . DG  B 1 3  ? -9.088  -3.504  -3.628  1.00 41.46 ?  3   DG  B "C4'" 1 
ATOM   299 O "O4'" . DG  B 1 3  ? -8.138  -2.584  -3.030  1.00 51.73 ?  3   DG  B "O4'" 1 
ATOM   300 C "C3'" . DG  B 1 3  ? -10.423 -2.759  -3.652  1.00 44.88 ?  3   DG  B "C3'" 1 
ATOM   301 O "O3'" . DG  B 1 3  ? -11.166 -2.999  -2.446  1.00 57.66 ?  3   DG  B "O3'" 1 
ATOM   302 C "C2'" . DG  B 1 3  ? -9.968  -1.306  -3.720  1.00 44.36 ?  3   DG  B "C2'" 1 
ATOM   303 C "C1'" . DG  B 1 3  ? -8.775  -1.349  -2.778  1.00 58.04 ?  3   DG  B "C1'" 1 
ATOM   304 N N9    . DG  B 1 3  ? -7.804  -0.281  -2.989  1.00 39.56 ?  3   DG  B N9    1 
ATOM   305 C C8    . DG  B 1 3  ? -7.244  0.105   -4.183  1.00 40.07 ?  3   DG  B C8    1 
ATOM   306 N N7    . DG  B 1 3  ? -6.393  1.085   -4.062  1.00 56.50 ?  3   DG  B N7    1 
ATOM   307 C C5    . DG  B 1 3  ? -6.380  1.361   -2.701  1.00 41.22 ?  3   DG  B C5    1 
ATOM   308 C C6    . DG  B 1 3  ? -5.644  2.325   -1.971  1.00 41.43 ?  3   DG  B C6    1 
ATOM   309 O O6    . DG  B 1 3  ? -4.831  3.154   -2.402  1.00 61.30 ?  3   DG  B O6    1 
ATOM   310 N N1    . DG  B 1 3  ? -5.928  2.269   -0.610  1.00 48.65 ?  3   DG  B N1    1 
ATOM   311 C C2    . DG  B 1 3  ? -6.812  1.394   -0.026  1.00 37.85 ?  3   DG  B C2    1 
ATOM   312 N N2    . DG  B 1 3  ? -6.952  1.491   1.304   1.00 38.19 ?  3   DG  B N2    1 
ATOM   313 N N3    . DG  B 1 3  ? -7.507  0.484   -0.697  1.00 38.39 ?  3   DG  B N3    1 
ATOM   314 C C4    . DG  B 1 3  ? -7.242  0.525   -2.026  1.00 38.49 ?  3   DG  B C4    1 
ATOM   315 P P     . DG  B 1 4  ? -11.184 -4.438  -1.724  1.00 42.45 ?  4   DG  B P     1 
ATOM   316 O OP1   . DG  B 1 4  ? -11.187 -5.511  -2.745  1.00 43.30 ?  4   DG  B OP1   1 
ATOM   317 O OP2   . DG  B 1 4  ? -12.286 -4.391  -0.736  1.00 45.14 -1 4   DG  B OP2   1 
ATOM   318 O "O5'" . DG  B 1 4  ? -9.824  -4.466  -0.883  1.00 38.54 ?  4   DG  B "O5'" 1 
ATOM   319 C "C5'" . DG  B 1 4  ? -9.635  -5.436  0.130   1.00 50.14 ?  4   DG  B "C5'" 1 
ATOM   320 C "C4'" . DG  B 1 4  ? -9.060  -4.800  1.382   1.00 40.32 ?  4   DG  B "C4'" 1 
ATOM   321 O "O4'" . DG  B 1 4  ? -7.704  -4.347  1.125   1.00 33.78 ?  4   DG  B "O4'" 1 
ATOM   322 C "C3'" . DG  B 1 4  ? -9.817  -3.573  1.899   1.00 38.37 ?  4   DG  B "C3'" 1 
ATOM   323 O "O3'" . DG  B 1 4  ? -9.847  -3.608  3.316   1.00 45.44 ?  4   DG  B "O3'" 1 
ATOM   324 C "C2'" . DG  B 1 4  ? -8.959  -2.413  1.395   1.00 36.53 ?  4   DG  B "C2'" 1 
ATOM   325 C "C1'" . DG  B 1 4  ? -7.581  -3.016  1.569   1.00 33.37 ?  4   DG  B "C1'" 1 
ATOM   326 N N9    . DG  B 1 4  ? -6.518  -2.364  0.813   1.00 31.47 ?  4   DG  B N9    1 
ATOM   327 C C8    . DG  B 1 4  ? -6.280  -2.459  -0.536  1.00 31.18 ?  4   DG  B C8    1 
ATOM   328 N N7    . DG  B 1 4  ? -5.240  -1.775  -0.927  1.00 31.14 ?  4   DG  B N7    1 
ATOM   329 C C5    . DG  B 1 4  ? -4.753  -1.198  0.239   1.00 29.19 ?  4   DG  B C5    1 
ATOM   330 C C6    . DG  B 1 4  ? -3.640  -0.348  0.440   1.00 28.27 ?  4   DG  B C6    1 
ATOM   331 O O6    . DG  B 1 4  ? -2.835  0.079   -0.401  1.00 27.81 ?  4   DG  B O6    1 
ATOM   332 N N1    . DG  B 1 4  ? -3.501  0.009   1.780   1.00 28.51 ?  4   DG  B N1    1 
ATOM   333 C C2    . DG  B 1 4  ? -4.333  -0.404  2.793   1.00 29.57 ?  4   DG  B C2    1 
ATOM   334 N N2    . DG  B 1 4  ? -4.039  0.044   4.022   1.00 30.23 ?  4   DG  B N2    1 
ATOM   335 N N3    . DG  B 1 4  ? -5.377  -1.200  2.617   1.00 30.48 ?  4   DG  B N3    1 
ATOM   336 C C4    . DG  B 1 4  ? -5.527  -1.556  1.319   1.00 30.18 ?  4   DG  B C4    1 
ATOM   337 P P     . DT  B 1 5  ? -11.046 -2.911  4.122   1.00 51.09 ?  5   DT  B P     1 
ATOM   338 O OP1   . DT  B 1 5  ? -11.037 -3.454  5.499   1.00 45.01 ?  5   DT  B OP1   1 
ATOM   339 O OP2   . DT  B 1 5  ? -12.265 -3.020  3.290   1.00 45.51 -1 5   DT  B OP2   1 
ATOM   340 O "O5'" . DT  B 1 5  ? -10.618 -1.374  4.183   1.00 54.11 ?  5   DT  B "O5'" 1 
ATOM   341 C "C5'" . DT  B 1 5  ? -9.374  -1.011  4.763   1.00 42.31 ?  5   DT  B "C5'" 1 
ATOM   342 C "C4'" . DT  B 1 5  ? -9.149  0.487   4.663   1.00 44.73 ?  5   DT  B "C4'" 1 
ATOM   343 O "O4'" . DT  B 1 5  ? -9.054  0.874   3.267   1.00 39.53 ?  5   DT  B "O4'" 1 
ATOM   344 C "C3'" . DT  B 1 5  ? -10.257 1.348   5.271   1.00 44.26 ?  5   DT  B "C3'" 1 
ATOM   345 O "O3'" . DT  B 1 5  ? -9.686  2.435   5.987   1.00 44.87 ?  5   DT  B "O3'" 1 
ATOM   346 C "C2'" . DT  B 1 5  ? -11.032 1.832   4.045   1.00 45.71 ?  5   DT  B "C2'" 1 
ATOM   347 C "C1'" . DT  B 1 5  ? -9.917  1.959   3.021   1.00 42.53 ?  5   DT  B "C1'" 1 
ATOM   348 N N1    . DT  B 1 5  ? -10.386 1.876   1.614   1.00 43.09 ?  5   DT  B N1    1 
ATOM   349 C C2    . DT  B 1 5  ? -10.055 2.878   0.736   1.00 43.41 ?  5   DT  B C2    1 
ATOM   350 O O2    . DT  B 1 5  ? -9.388  3.848   1.051   1.00 43.25 ?  5   DT  B O2    1 
ATOM   351 N N3    . DT  B 1 5  ? -10.532 2.707   -0.535  1.00 44.49 ?  5   DT  B N3    1 
ATOM   352 C C4    . DT  B 1 5  ? -11.294 1.654   -1.005  1.00 45.35 ?  5   DT  B C4    1 
ATOM   353 O O4    . DT  B 1 5  ? -11.678 1.590   -2.168  1.00 46.84 ?  5   DT  B O4    1 
ATOM   354 C C5    . DT  B 1 5  ? -11.607 0.635   -0.032  1.00 44.97 ?  5   DT  B C5    1 
ATOM   355 C C7    . DT  B 1 5  ? -12.428 -0.557  -0.424  1.00 46.46 ?  5   DT  B C7    1 
ATOM   356 C C6    . DT  B 1 5  ? -11.142 0.794   1.216   1.00 43.85 ?  5   DT  B C6    1 
ATOM   357 P P     . DG  B 1 6  ? -9.033  2.198   7.438   1.00 47.40 ?  6   DG  B P     1 
ATOM   358 O OP1   . DG  B 1 6  ? -9.732  1.056   8.067   1.00 60.76 ?  6   DG  B OP1   1 
ATOM   359 O OP2   . DG  B 1 6  ? -8.993  3.508   8.125   1.00 48.46 -1 6   DG  B OP2   1 
ATOM   360 O "O5'" . DG  B 1 6  ? -7.526  1.761   7.119   1.00 50.87 ?  6   DG  B "O5'" 1 
ATOM   361 C "C5'" . DG  B 1 6  ? -6.617  1.510   8.183   1.00 55.63 ?  6   DG  B "C5'" 1 
ATOM   362 C "C4'" . DG  B 1 6  ? -5.543  2.583   8.251   1.00 49.68 ?  6   DG  B "C4'" 1 
ATOM   363 O "O4'" . DG  B 1 6  ? -4.849  2.660   6.980   1.00 38.20 ?  6   DG  B "O4'" 1 
ATOM   364 C "C3'" . DG  B 1 6  ? -6.044  4.000   8.534   1.00 44.32 ?  6   DG  B "C3'" 1 
ATOM   365 O "O3'" . DG  B 1 6  ? -5.067  4.744   9.286   1.00 65.31 ?  6   DG  B "O3'" 1 
ATOM   366 C "C2'" . DG  B 1 6  ? -6.191  4.569   7.126   1.00 63.13 ?  6   DG  B "C2'" 1 
ATOM   367 C "C1'" . DG  B 1 6  ? -4.963  3.968   6.459   1.00 59.20 ?  6   DG  B "C1'" 1 
ATOM   368 N N9    . DG  B 1 6  ? -5.046  3.873   5.004   1.00 44.40 ?  6   DG  B N9    1 
ATOM   369 C C8    . DG  B 1 6  ? -5.994  3.205   4.269   1.00 37.99 ?  6   DG  B C8    1 
ATOM   370 N N7    . DG  B 1 6  ? -5.801  3.279   2.981   1.00 37.01 ?  6   DG  B N7    1 
ATOM   371 C C5    . DG  B 1 6  ? -4.643  4.036   2.854   1.00 41.60 ?  6   DG  B C5    1 
ATOM   372 C C6    . DG  B 1 6  ? -3.945  4.447   1.694   1.00 39.28 ?  6   DG  B C6    1 
ATOM   373 O O6    . DG  B 1 6  ? -4.221  4.216   0.508   1.00 52.85 ?  6   DG  B O6    1 
ATOM   374 N N1    . DG  B 1 6  ? -2.819  5.205   2.009   1.00 52.77 ?  6   DG  B N1    1 
ATOM   375 C C2    . DG  B 1 6  ? -2.419  5.523   3.285   1.00 37.13 ?  6   DG  B C2    1 
ATOM   376 N N2    . DG  B 1 6  ? -1.304  6.261   3.391   1.00 37.44 ?  6   DG  B N2    1 
ATOM   377 N N3    . DG  B 1 6  ? -3.063  5.144   4.381   1.00 44.53 ?  6   DG  B N3    1 
ATOM   378 C C4    . DG  B 1 6  ? -4.163  4.407   4.091   1.00 39.59 ?  6   DG  B C4    1 
ATOM   379 P P     . DG  B 1 7  ? -4.246  4.086   10.506  1.00 62.61 ?  7   DG  B P     1 
ATOM   380 O OP1   . DG  B 1 7  ? -5.111  3.132   11.235  1.00 69.75 ?  7   DG  B OP1   1 
ATOM   381 O OP2   . DG  B 1 7  ? -3.637  5.208   11.254  1.00 73.89 -1 7   DG  B OP2   1 
ATOM   382 O "O5'" . DG  B 1 7  ? -3.047  3.301   9.789   1.00 59.49 ?  7   DG  B "O5'" 1 
ATOM   383 C "C5'" . DG  B 1 7  ? -1.830  3.069   10.478  1.00 43.88 ?  7   DG  B "C5'" 1 
ATOM   384 C "C4'" . DG  B 1 7  ? -0.661  3.685   9.728   1.00 44.68 ?  7   DG  B "C4'" 1 
ATOM   385 O "O4'" . DG  B 1 7  ? -0.471  2.998   8.462   1.00 60.83 ?  7   DG  B "O4'" 1 
ATOM   386 C "C3'" . DG  B 1 7  ? -0.814  5.167   9.381   1.00 47.01 ?  7   DG  B "C3'" 1 
ATOM   387 O "O3'" . DG  B 1 7  ? 0.423   5.829   9.590   1.00 59.22 ?  7   DG  B "O3'" 1 
ATOM   388 C "C2'" . DG  B 1 7  ? -1.187  5.137   7.900   1.00 40.49 ?  7   DG  B "C2'" 1 
ATOM   389 C "C1'" . DG  B 1 7  ? -0.363  3.954   7.433   1.00 59.14 ?  7   DG  B "C1'" 1 
ATOM   390 N N9    . DG  B 1 7  ? -0.819  3.350   6.184   1.00 39.81 ?  7   DG  B N9    1 
ATOM   391 C C8    . DG  B 1 7  ? -1.932  2.567   6.002   1.00 60.44 ?  7   DG  B C8    1 
ATOM   392 N N7    . DG  B 1 7  ? -2.084  2.155   4.773   1.00 50.27 ?  7   DG  B N7    1 
ATOM   393 C C5    . DG  B 1 7  ? -0.996  2.691   4.097   1.00 38.82 ?  7   DG  B C5    1 
ATOM   394 C C6    . DG  B 1 7  ? -0.625  2.583   2.734   1.00 47.25 ?  7   DG  B C6    1 
ATOM   395 O O6    . DG  B 1 7  ? -1.205  1.973   1.825   1.00 30.03 ?  7   DG  B O6    1 
ATOM   396 N N1    . DG  B 1 7  ? 0.551   3.279   2.465   1.00 31.06 ?  7   DG  B N1    1 
ATOM   397 C C2    . DG  B 1 7  ? 1.276   3.988   3.393   1.00 39.88 ?  7   DG  B C2    1 
ATOM   398 N N2    . DG  B 1 7  ? 2.384   4.595   2.943   1.00 33.09 ?  7   DG  B N2    1 
ATOM   399 N N3    . DG  B 1 7  ? 0.939   4.098   4.672   1.00 43.67 ?  7   DG  B N3    1 
ATOM   400 C C4    . DG  B 1 7  ? -0.207  3.428   4.952   1.00 34.62 ?  7   DG  B C4    1 
ATOM   401 P P     . DT  B 1 8  ? 0.577   7.389   9.250   1.00 74.19 ?  8   DT  B P     1 
ATOM   402 O OP1   . DT  B 1 8  ? 1.462   7.985   10.275  1.00 86.29 ?  8   DT  B OP1   1 
ATOM   403 O OP2   . DT  B 1 8  ? -0.778  7.943   9.030   1.00 89.84 -1 8   DT  B OP2   1 
ATOM   404 O "O5'" . DT  B 1 8  ? 1.340   7.406   7.847   1.00 66.01 ?  8   DT  B "O5'" 1 
ATOM   405 C "C5'" . DT  B 1 8  ? 1.906   8.614   7.374   1.00 70.82 ?  8   DT  B "C5'" 1 
ATOM   406 C "C4'" . DT  B 1 8  ? 1.565   8.840   5.914   1.00 73.38 ?  8   DT  B "C4'" 1 
ATOM   407 O "O4'" . DT  B 1 8  ? 0.228   8.354   5.640   1.00 54.61 ?  8   DT  B "O4'" 1 
ATOM   408 C "C3'" . DT  B 1 8  ? 1.589   10.308  5.472   1.00 55.25 ?  8   DT  B "C3'" 1 
ATOM   409 O "O3'" . DT  B 1 8  ? 2.432   10.460  4.340   1.00 53.34 ?  8   DT  B "O3'" 1 
ATOM   410 C "C2'" . DT  B 1 8  ? 0.125   10.613  5.128   1.00 54.83 ?  8   DT  B "C2'" 1 
ATOM   411 C "C1'" . DT  B 1 8  ? -0.393  9.237   4.746   1.00 50.80 ?  8   DT  B "C1'" 1 
ATOM   412 N N1    . DT  B 1 8  ? -1.872  9.089   4.878   1.00 51.42 ?  8   DT  B N1    1 
ATOM   413 C C2    . DT  B 1 8  ? -2.677  9.405   3.809   1.00 60.42 ?  8   DT  B C2    1 
ATOM   414 O O2    . DT  B 1 8  ? -2.246  9.812   2.744   1.00 52.22 ?  8   DT  B O2    1 
ATOM   415 N N3    . DT  B 1 8  ? -4.017  9.231   4.030   1.00 54.39 ?  8   DT  B N3    1 
ATOM   416 C C4    . DT  B 1 8  ? -4.620  8.779   5.190   1.00 64.83 ?  8   DT  B C4    1 
ATOM   417 O O4    . DT  B 1 8  ? -5.836  8.656   5.292   1.00 73.10 ?  8   DT  B O4    1 
ATOM   418 C C5    . DT  B 1 8  ? -3.717  8.463   6.274   1.00 52.96 ?  8   DT  B C5    1 
ATOM   419 C C7    . DT  B 1 8  ? -4.255  7.963   7.582   1.00 54.06 ?  8   DT  B C7    1 
ATOM   420 C C6    . DT  B 1 8  ? -2.402  8.629   6.066   1.00 51.86 ?  8   DT  B C6    1 
ATOM   421 P P     . DG  B 1 9  ? 4.023   10.277  4.475   1.00 54.71 ?  9   DG  B P     1 
ATOM   422 O OP1   . DG  B 1 9  ? 4.380   10.241  5.911   1.00 51.77 ?  9   DG  B OP1   1 
ATOM   423 O OP2   . DG  B 1 9  ? 4.648   11.299  3.609   1.00 55.84 -1 9   DG  B OP2   1 
ATOM   424 O "O5'" . DG  B 1 9  ? 4.293   8.837   3.829   1.00 50.39 ?  9   DG  B "O5'" 1 
ATOM   425 C "C5'" . DG  B 1 9  ? 5.598   8.484   3.383   1.00 41.92 ?  9   DG  B "C5'" 1 
ATOM   426 C "C4'" . DG  B 1 9  ? 5.673   8.479   1.864   1.00 41.40 ?  9   DG  B "C4'" 1 
ATOM   427 O "O4'" . DG  B 1 9  ? 4.633   7.624   1.321   1.00 38.46 ?  9   DG  B "O4'" 1 
ATOM   428 C "C3'" . DG  B 1 9  ? 5.484   9.842   1.193   1.00 51.11 ?  9   DG  B "C3'" 1 
ATOM   429 O "O3'" . DG  B 1 9  ? 6.290   9.949   0.003   1.00 47.29 ?  9   DG  B "O3'" 1 
ATOM   430 C "C2'" . DG  B 1 9  ? 4.001   9.820   0.841   1.00 44.12 ?  9   DG  B "C2'" 1 
ATOM   431 C "C1'" . DG  B 1 9  ? 3.841   8.369   0.419   1.00 50.51 ?  9   DG  B "C1'" 1 
ATOM   432 N N9    . DG  B 1 9  ? 2.472   7.873   0.492   1.00 38.62 ?  9   DG  B N9    1 
ATOM   433 C C8    . DG  B 1 9  ? 1.611   7.969   1.557   1.00 39.03 ?  9   DG  B C8    1 
ATOM   434 N N7    . DG  B 1 9  ? 0.449   7.421   1.336   1.00 47.29 ?  9   DG  B N7    1 
ATOM   435 C C5    . DG  B 1 9  ? 0.549   6.922   0.043   1.00 36.73 ?  9   DG  B C5    1 
ATOM   436 C C6    . DG  B 1 9  ? -0.400  6.222   -0.739  1.00 35.78 ?  9   DG  B C6    1 
ATOM   437 O O6    . DG  B 1 9  ? -1.554  5.895   -0.432  1.00 50.04 ?  9   DG  B O6    1 
ATOM   438 N N1    . DG  B 1 9  ? 0.105   5.901   -1.996  1.00 35.35 ?  9   DG  B N1    1 
ATOM   439 C C2    . DG  B 1 9  ? 1.367   6.214   -2.442  1.00 36.21 ?  9   DG  B C2    1 
ATOM   440 N N2    . DG  B 1 9  ? 1.675   5.817   -3.686  1.00 35.84 ?  9   DG  B N2    1 
ATOM   441 N N3    . DG  B 1 9  ? 2.267   6.868   -1.717  1.00 36.75 ?  9   DG  B N3    1 
ATOM   442 C C4    . DG  B 1 9  ? 1.788   7.190   -0.490  1.00 37.13 ?  9   DG  B C4    1 
ATOM   443 P P     . DG  B 1 10 ? 7.776   9.330   -0.080  1.00 73.57 ?  10  DG  B P     1 
ATOM   444 O OP1   . DG  B 1 10 ? 8.464   9.495   1.221   1.00 45.90 ?  10  DG  B OP1   1 
ATOM   445 O OP2   . DG  B 1 10 ? 8.403   9.905   -1.292  1.00 47.33 -1 10  DG  B OP2   1 
ATOM   446 O "O5'" . DG  B 1 10 ? 7.528   7.777   -0.374  1.00 41.53 ?  10  DG  B "O5'" 1 
ATOM   447 C "C5'" . DG  B 1 10 ? 8.568   6.971   -0.890  1.00 57.27 ?  10  DG  B "C5'" 1 
ATOM   448 C "C4'" . DG  B 1 10 ? 8.052   6.091   -2.013  1.00 44.44 ?  10  DG  B "C4'" 1 
ATOM   449 O "O4'" . DG  B 1 10 ? 7.068   5.155   -1.492  1.00 41.97 ?  10  DG  B "O4'" 1 
ATOM   450 C "C3'" . DG  B 1 10 ? 7.349   6.837   -3.154  1.00 39.06 ?  10  DG  B "C3'" 1 
ATOM   451 O "O3'" . DG  B 1 10 ? 7.722   6.257   -4.390  1.00 40.01 ?  10  DG  B "O3'" 1 
ATOM   452 C "C2'" . DG  B 1 10 ? 5.873   6.587   -2.857  1.00 37.20 ?  10  DG  B "C2'" 1 
ATOM   453 C "C1'" . DG  B 1 10 ? 5.957   5.164   -2.355  1.00 33.78 ?  10  DG  B "C1'" 1 
ATOM   454 N N9    . DG  B 1 10 ? 4.781   4.692   -1.635  1.00 31.92 ?  10  DG  B N9    1 
ATOM   455 C C8    . DG  B 1 10 ? 4.449   4.940   -0.325  1.00 36.51 ?  10  DG  B C8    1 
ATOM   456 N N7    . DG  B 1 10 ? 3.336   4.366   0.045   1.00 33.41 ?  10  DG  B N7    1 
ATOM   457 C C5    . DG  B 1 10 ? 2.910   3.688   -1.091  1.00 29.55 ?  10  DG  B C5    1 
ATOM   458 C C6    . DG  B 1 10 ? 1.761   2.887   -1.299  1.00 28.46 ?  10  DG  B C6    1 
ATOM   459 O O6    . DG  B 1 10 ? 0.864   2.608   -0.492  1.00 28.07 ?  10  DG  B O6    1 
ATOM   460 N N1    . DG  B 1 10 ? 1.710   2.389   -2.599  1.00 28.42 ?  10  DG  B N1    1 
ATOM   461 C C2    . DG  B 1 10 ? 2.647   2.637   -3.574  1.00 29.37 ?  10  DG  B C2    1 
ATOM   462 N N2    . DG  B 1 10 ? 2.428   2.070   -4.768  1.00 29.75 ?  10  DG  B N2    1 
ATOM   463 N N3    . DG  B 1 10 ? 3.725   3.386   -3.391  1.00 30.43 ?  10  DG  B N3    1 
ATOM   464 C C4    . DG  B 1 10 ? 3.790   3.879   -2.131  1.00 30.42 ?  10  DG  B C4    1 
ATOM   465 P P     . DT  B 1 11 ? 7.594   7.095   -5.753  1.00 42.57 ?  11  DT  B P     1 
ATOM   466 O OP1   . DT  B 1 11 ? 8.162   6.263   -6.836  1.00 42.64 -1 11  DT  B OP1   1 
ATOM   467 O OP2   . DT  B 1 11 ? 8.125   8.453   -5.494  1.00 46.25 ?  11  DT  B OP2   1 
ATOM   468 O "O5'" . DT  B 1 11 ? 6.019   7.185   -6.007  1.00 41.94 ?  11  DT  B "O5'" 1 
ATOM   469 C "C5'" . DT  B 1 11 ? 5.290   6.018   -6.363  1.00 44.16 ?  11  DT  B "C5'" 1 
ATOM   470 C "C4'" . DT  B 1 11 ? 3.929   6.386   -6.929  1.00 43.38 ?  11  DT  B "C4'" 1 
ATOM   471 O "O4'" . DT  B 1 11 ? 3.087   6.914   -5.873  1.00 40.10 ?  11  DT  B "O4'" 1 
ATOM   472 C "C3'" . DT  B 1 11 ? 3.951   7.446   -8.032  1.00 44.82 ?  11  DT  B "C3'" 1 
ATOM   473 O "O3'" . DT  B 1 11 ? 3.048   7.086   -9.073  1.00 45.76 ?  11  DT  B "O3'" 1 
ATOM   474 C "C2'" . DT  B 1 11 ? 3.499   8.713   -7.307  1.00 46.70 ?  11  DT  B "C2'" 1 
ATOM   475 C "C1'" . DT  B 1 11 ? 2.533   8.144   -6.279  1.00 43.59 ?  11  DT  B "C1'" 1 
ATOM   476 N N1    . DT  B 1 11 ? 2.372   8.998   -5.073  1.00 44.27 ?  11  DT  B N1    1 
ATOM   477 C C2    . DT  B 1 11 ? 1.114   9.207   -4.560  1.00 44.39 ?  11  DT  B C2    1 
ATOM   478 O O2    . DT  B 1 11 ? 0.107   8.726   -5.047  1.00 43.97 ?  11  DT  B O2    1 
ATOM   479 N N3    . DT  B 1 11 ? 1.075   10.002  -3.447  1.00 45.57 ?  11  DT  B N3    1 
ATOM   480 C C4    . DT  B 1 11 ? 2.148   10.598  -2.808  1.00 46.72 ?  11  DT  B C4    1 
ATOM   481 O O4    . DT  B 1 11 ? 2.010   11.299  -1.811  1.00 48.28 ?  11  DT  B O4    1 
ATOM   482 C C5    . DT  B 1 11 ? 3.440   10.336  -3.398  1.00 46.53 ?  11  DT  B C5    1 
ATOM   483 C C7    . DT  B 1 11 ? 4.679   10.927  -2.793  1.00 48.30 ?  11  DT  B C7    1 
ATOM   484 C C6    . DT  B 1 11 ? 3.488   9.558   -4.488  1.00 45.29 ?  11  DT  B C6    1 
ATOM   485 P P     . DG  B 1 12 ? 3.475   5.998   -10.178 1.00 52.41 ?  12  DG  B P     1 
ATOM   486 O OP1   . DG  B 1 12 ? 4.919   6.172   -10.450 1.00 60.21 ?  12  DG  B OP1   1 
ATOM   487 O OP2   . DG  B 1 12 ? 2.499   6.080   -11.288 1.00 60.94 -1 12  DG  B OP2   1 
ATOM   488 O "O5'" . DG  B 1 12 ? 3.263   4.594   -9.442  1.00 44.94 ?  12  DG  B "O5'" 1 
ATOM   489 C "C5'" . DG  B 1 12 ? 3.452   3.378   -10.155 1.00 46.11 ?  12  DG  B "C5'" 1 
ATOM   490 C "C4'" . DG  B 1 12 ? 2.136   2.639   -10.326 1.00 45.74 ?  12  DG  B "C4'" 1 
ATOM   491 O "O4'" . DG  B 1 12 ? 1.556   2.376   -9.022  1.00 41.53 ?  12  DG  B "O4'" 1 
ATOM   492 C "C3'" . DG  B 1 12 ? 1.068   3.387   -11.121 1.00 44.85 ?  12  DG  B "C3'" 1 
ATOM   493 O "O3'" . DG  B 1 12 ? 0.338   2.474   -11.931 1.00 58.07 ?  12  DG  B "O3'" 1 
ATOM   494 C "C2'" . DG  B 1 12 ? 0.190   3.999   -10.032 1.00 47.52 ?  12  DG  B "C2'" 1 
ATOM   495 C "C1'" . DG  B 1 12 ? 0.260   2.933   -8.946  1.00 69.07 ?  12  DG  B "C1'" 1 
ATOM   496 N N9    . DG  B 1 12 ? 0.069   3.456   -7.596  1.00 40.50 ?  12  DG  B N9    1 
ATOM   497 C C8    . DG  B 1 12 ? 0.901   4.312   -6.916  1.00 38.15 ?  12  DG  B C8    1 
ATOM   498 N N7    . DG  B 1 12 ? 0.480   4.603   -5.717  1.00 37.13 ?  12  DG  B N7    1 
ATOM   499 C C5    . DG  B 1 12 ? -0.704  3.890   -5.590  1.00 36.38 ?  12  DG  B C5    1 
ATOM   500 C C6    . DG  B 1 12 ? -1.608  3.810   -4.505  1.00 35.65 ?  12  DG  B C6    1 
ATOM   501 O O6    . DG  B 1 12 ? -1.537  4.374   -3.405  1.00 35.51 ?  12  DG  B O6    1 
ATOM   502 N N1    . DG  B 1 12 ? -2.684  2.973   -4.790  1.00 35.67 ?  12  DG  B N1    1 
ATOM   503 C C2    . DG  B 1 12 ? -2.864  2.299   -5.976  1.00 37.81 ?  12  DG  B C2    1 
ATOM   504 N N2    . DG  B 1 12 ? -3.964  1.538   -6.065  1.00 40.12 ?  12  DG  B N2    1 
ATOM   505 N N3    . DG  B 1 12 ? -2.024  2.364   -7.000  1.00 41.10 ?  12  DG  B N3    1 
ATOM   506 C C4    . DG  B 1 12 ? -0.970  3.177   -6.739  1.00 38.16 ?  12  DG  B C4    1 
HETATM 507 K K     . K   C 2 .  ? 0.082   -0.425  0.076   1.00 25.56 ?  101 K   A K     1 
HETATM 508 K K     . K   D 2 .  ? 2.100   -2.952  0.699   1.00 27.07 ?  102 K   A K     1 
HETATM 509 K K     . K   E 2 .  ? -1.947  3.139   -0.982  1.00 29.60 ?  101 K   B K     1 
HETATM 510 O O     . HOH F 3 .  ? 12.267  3.146   -5.655  1.00 40.99 ?  201 HOH A O     1 
HETATM 511 O O     . HOH F 3 .  ? 4.242   -6.095  1.332   1.00 30.86 ?  202 HOH A O     1 
HETATM 512 O O     . HOH F 3 .  ? 9.239   -3.083  3.816   1.00 22.49 ?  203 HOH A O     1 
HETATM 513 O O     . HOH F 3 .  ? 12.433  -1.463  5.376   1.00 29.11 ?  204 HOH A O     1 
HETATM 514 O O     . HOH F 3 .  ? -1.729  0.073   8.307   1.00 28.46 ?  205 HOH A O     1 
HETATM 515 O O     . HOH G 3 .  ? -2.006  7.393   -4.998  1.00 24.16 ?  201 HOH B O     1 
HETATM 516 O O     . HOH G 3 .  ? -0.659  10.495  -1.458  1.00 30.20 ?  202 HOH B O     1 
HETATM 517 O O     . HOH G 3 .  ? -7.149  5.461   0.909   1.00 25.38 ?  203 HOH B O     1 
HETATM 518 O O     . HOH G 3 .  ? 7.220   4.275   1.184   1.00 17.50 ?  204 HOH B O     1 
HETATM 519 O O     . HOH G 3 .  ? -4.088  6.334   -1.862  1.00 29.01 ?  205 HOH B O     1 
HETATM 520 O O     . HOH G 3 .  ? -6.454  -5.862  -1.178  1.00 20.44 ?  206 HOH B O     1 
HETATM 521 O O     . HOH G 3 .  ? -6.933  7.168   2.567   1.00 20.27 ?  207 HOH B O     1 
# 
loop_
_atom_site_anisotrop.id 
_atom_site_anisotrop.type_symbol 
_atom_site_anisotrop.pdbx_label_atom_id 
_atom_site_anisotrop.pdbx_label_alt_id 
_atom_site_anisotrop.pdbx_label_comp_id 
_atom_site_anisotrop.pdbx_label_asym_id 
_atom_site_anisotrop.pdbx_label_seq_id 
_atom_site_anisotrop.pdbx_PDB_ins_code 
_atom_site_anisotrop.U[1][1] 
_atom_site_anisotrop.U[2][2] 
_atom_site_anisotrop.U[3][3] 
_atom_site_anisotrop.U[1][2] 
_atom_site_anisotrop.U[1][3] 
_atom_site_anisotrop.U[2][3] 
_atom_site_anisotrop.pdbx_auth_seq_id 
_atom_site_anisotrop.pdbx_auth_comp_id 
_atom_site_anisotrop.pdbx_auth_asym_id 
_atom_site_anisotrop.pdbx_auth_atom_id 
1   O "O5'" . DG  A 1  ? 0.5920 0.7049 0.8846 0.1318  0.1184  0.2015  1   DG  A "O5'" 
2   C "C5'" . DG  A 1  ? 0.3737 0.4342 0.6320 0.1286  0.0973  0.1919  1   DG  A "C5'" 
3   C "C4'" . DG  A 1  ? 0.3560 0.4003 0.6510 0.1063  0.0768  0.1856  1   DG  A "C4'" 
4   O "O4'" . DG  A 1  ? 0.3460 0.3477 0.6105 0.1124  0.0578  0.1693  1   DG  A "O4'" 
5   C "C3'" . DG  A 1  ? 0.3327 0.4116 0.6698 0.1001  0.0655  0.1726  1   DG  A "C3'" 
6   O "O3'" . DG  A 1  ? 0.3396 0.4131 0.7142 0.0698  0.0539  0.1714  1   DG  A "O3'" 
7   C "C2'" . DG  A 1  ? 0.3134 0.3681 0.6182 0.1166  0.0479  0.1500  1   DG  A "C2'" 
8   C "C1'" . DG  A 1  ? 0.3216 0.3270 0.5988 0.1116  0.0412  0.1479  1   DG  A "C1'" 
9   N N9    . DG  A 1  ? 0.3113 0.2923 0.5522 0.1267  0.0313  0.1335  1   DG  A N9    
10  C C8    . DG  A 1  ? 0.3214 0.2933 0.5200 0.1376  0.0347  0.1301  1   DG  A C8    
11  N N7    . DG  A 1  ? 0.3148 0.2700 0.4860 0.1355  0.0209  0.1105  1   DG  A N7    
12  C C5    . DG  A 1  ? 0.3014 0.2551 0.4880 0.1262  0.0115  0.1010  1   DG  A C5    
13  C C6    . DG  A 1  ? 0.2945 0.2373 0.4649 0.1234  0.0010  0.0855  1   DG  A C6    
14  O O6    . DG  A 1  ? 0.2946 0.2285 0.4420 0.1251  -0.0033 0.0779  1   DG  A O6    
15  N N1    . DG  A 1  ? 0.2920 0.2363 0.4842 0.1194  -0.0035 0.0825  1   DG  A N1    
16  C C2    . DG  A 1  ? 0.2945 0.2484 0.5303 0.1147  -0.0034 0.0916  1   DG  A C2    
17  N N2    . DG  A 1  ? 0.3038 0.2566 0.5475 0.1047  -0.0139 0.0782  1   DG  A N2    
18  N N3    . DG  A 1  ? 0.2983 0.2661 0.5555 0.1119  0.0061  0.1072  1   DG  A N3    
19  C C4    . DG  A 1  ? 0.3010 0.2678 0.5301 0.1212  0.0157  0.1132  1   DG  A C4    
20  P P     . DT  A 2  ? 0.3632 0.4929 0.7964 0.0500  0.0425  0.1676  2   DT  A P     
21  O OP1   . DT  A 2  ? 0.3817 0.4865 0.8412 0.0124  0.0311  0.1618  2   DT  A OP1   
22  O OP2   . DT  A 2  ? 0.5397 0.7325 1.0047 0.0605  0.0646  0.1882  2   DT  A OP2   
23  O "O5'" . DT  A 2  ? 0.3103 0.4443 0.7237 0.0669  0.0192  0.1449  2   DT  A "O5'" 
24  C "C5'" . DT  A 2  ? 0.3510 0.4400 0.7356 0.0595  -0.0004 0.1228  2   DT  A "C5'" 
25  C "C4'" . DT  A 2  ? 0.3466 0.4638 0.7276 0.0664  -0.0225 0.1096  2   DT  A "C4'" 
26  O "O4'" . DT  A 2  ? 0.2886 0.4013 0.6399 0.0998  -0.0159 0.1140  2   DT  A "O4'" 
27  C "C3'" . DT  A 2  ? 0.5612 0.7515 0.9957 0.0538  -0.0348 0.1169  2   DT  A "C3'" 
28  O "O3'" . DT  A 2  ? 0.3554 0.5553 0.7902 0.0294  -0.0651 0.0964  2   DT  A "O3'" 
29  C "C2'" . DT  A 2  ? 0.2888 0.5183 0.7275 0.0907  -0.0283 0.1318  2   DT  A "C2'" 
30  C "C1'" . DT  A 2  ? 0.2827 0.4502 0.6620 0.1161  -0.0176 0.1259  2   DT  A "C1'" 
31  N N1    . DT  A 2  ? 0.2809 0.4454 0.6537 0.1429  0.0089  0.1375  2   DT  A N1    
32  C C2    . DT  A 2  ? 0.3685 0.4965 0.6878 0.1617  0.0119  0.1265  2   DT  A C2    
33  O O2    . DT  A 2  ? 0.2957 0.4029 0.5874 0.1627  -0.0035 0.1175  2   DT  A O2    
34  N N3    . DT  A 2  ? 0.3101 0.4261 0.6088 0.1763  0.0342  0.1258  2   DT  A N3    
35  C C4    . DT  A 2  ? 0.3154 0.4574 0.6381 0.1804  0.0578  0.1392  2   DT  A C4    
36  O O4    . DT  A 2  ? 0.3398 0.4695 0.6366 0.1981  0.0791  0.1364  2   DT  A O4    
37  C C5    . DT  A 2  ? 0.3633 0.5488 0.7466 0.1614  0.0572  0.1573  2   DT  A C5    
38  C C7    . DT  A 2  ? 0.3126 0.5279 0.7172 0.1555  0.0849  0.1745  2   DT  A C7    
39  C C6    . DT  A 2  ? 0.2866 0.4736 0.6847 0.1376  0.0306  0.1503  2   DT  A C6    
40  P P     . DG  A 3  ? 0.3984 0.5711 0.7755 0.0420  -0.0832 0.0772  3   DG  A P     
41  O OP1   . DG  A 3  ? 0.5597 0.7662 0.9452 0.0134  -0.1147 0.0594  3   DG  A OP1   
42  O OP2   . DG  A 3  ? 0.6749 0.8566 1.0328 0.0801  -0.0766 0.0934  3   DG  A OP2   
43  O "O5'" . DG  A 3  ? 0.4840 0.5755 0.8191 0.0382  -0.0704 0.0596  3   DG  A "O5'" 
44  C "C5'" . DG  A 3  ? 0.6835 0.7411 0.9953 0.0160  -0.0833 0.0299  3   DG  A "C5'" 
45  C "C4'" . DG  A 3  ? 0.5112 0.5443 0.7659 0.0355  -0.0851 0.0167  3   DG  A "C4'" 
46  O "O4'" . DG  A 3  ? 0.7346 0.7444 0.9759 0.0637  -0.0641 0.0336  3   DG  A "O4'" 
47  C "C3'" . DG  A 3  ? 0.5026 0.5854 0.7387 0.0436  -0.1065 0.0200  3   DG  A "C3'" 
48  O "O3'" . DG  A 3  ? 0.9686 1.0279 1.1476 0.0445  -0.1121 -0.0023 3   DG  A "O3'" 
49  C "C2'" . DG  A 3  ? 0.7429 0.8349 0.9820 0.0763  -0.0921 0.0493  3   DG  A "C2'" 
50  C "C1'" . DG  A 3  ? 0.8472 0.8807 1.0675 0.0844  -0.0688 0.0449  3   DG  A "C1'" 
51  N N9    . DG  A 3  ? 0.4195 0.4467 0.6472 0.1055  -0.0522 0.0654  3   DG  A N9    
52  C C8    . DG  A 3  ? 0.5365 0.5762 0.7953 0.1083  -0.0416 0.0795  3   DG  A C8    
53  N N7    . DG  A 3  ? 0.3354 0.3602 0.5822 0.1277  -0.0282 0.0896  3   DG  A N7    
54  C C5    . DG  A 3  ? 0.4410 0.4431 0.6552 0.1354  -0.0308 0.0847  3   DG  A C5    
55  C C6    . DG  A 3  ? 0.4492 0.4262 0.6249 0.1405  -0.0226 0.0813  3   DG  A C6    
56  O O6    . DG  A 3  ? 0.3453 0.3120 0.5072 0.1412  -0.0148 0.0788  3   DG  A O6    
57  N N1    . DG  A 3  ? 0.4295 0.3948 0.5875 0.1430  -0.0256 0.0808  3   DG  A N1    
58  C C2    . DG  A 3  ? 0.4548 0.4300 0.6114 0.1403  -0.0338 0.0771  3   DG  A C2    
59  N N2    . DG  A 3  ? 0.4143 0.3798 0.5434 0.1431  -0.0301 0.0776  3   DG  A N2    
60  N N3    . DG  A 3  ? 0.3851 0.3784 0.5531 0.1273  -0.0446 0.0662  3   DG  A N3    
61  C C4    . DG  A 3  ? 0.3571 0.3631 0.5584 0.1238  -0.0432 0.0719  3   DG  A C4    
62  P P     . DG  A 4  ? 1.1651 1.1703 1.3166 0.0235  -0.1089 -0.0422 4   DG  A P     
63  O OP1   . DG  A 4  ? 0.7813 0.7857 0.9722 -0.0112 -0.1209 -0.0565 4   DG  A OP1   
64  O OP2   . DG  A 4  ? 1.0454 1.0549 1.1342 0.0275  -0.1183 -0.0611 4   DG  A OP2   
65  O "O5'" . DG  A 4  ? 0.9833 0.9324 1.1335 0.0440  -0.0769 -0.0365 4   DG  A "O5'" 
66  C "C5'" . DG  A 4  ? 0.7405 0.6377 0.8590 0.0470  -0.0626 -0.0637 4   DG  A "C5'" 
67  C "C4'" . DG  A 4  ? 0.6342 0.5275 0.7272 0.0760  -0.0433 -0.0521 4   DG  A "C4'" 
68  O "O4'" . DG  A 4  ? 0.4566 0.3449 0.5845 0.0905  -0.0296 -0.0242 4   DG  A "O4'" 
69  C "C3'" . DG  A 4  ? 0.5579 0.4945 0.6207 0.0858  -0.0522 -0.0369 4   DG  A "C3'" 
70  O "O3'" . DG  A 4  ? 0.7147 0.6396 0.7361 0.0998  -0.0348 -0.0450 4   DG  A "O3'" 
71  C "C2'" . DG  A 4  ? 0.4546 0.4070 0.5515 0.0991  -0.0477 -0.0017 4   DG  A "C2'" 
72  C "C1'" . DG  A 4  ? 0.5422 0.4583 0.6607 0.1056  -0.0281 -0.0020 4   DG  A "C1'" 
73  N N9    . DG  A 4  ? 0.4185 0.3396 0.5689 0.1120  -0.0245 0.0224  4   DG  A N9    
74  C C8    . DG  A 4  ? 0.3699 0.2977 0.5507 0.1036  -0.0290 0.0313  4   DG  A C8    
75  N N7    . DG  A 4  ? 0.3198 0.2499 0.5126 0.1138  -0.0217 0.0503  4   DG  A N7    
76  C C5    . DG  A 4  ? 0.3132 0.2368 0.4876 0.1261  -0.0154 0.0531  4   DG  A C5    
77  C C6    . DG  A 4  ? 0.3009 0.2257 0.4601 0.1281  -0.0108 0.0604  4   DG  A C6    
78  O O6    . DG  A 4  ? 0.2994 0.2276 0.4533 0.1242  -0.0104 0.0644  4   DG  A O6    
79  N N1    . DG  A 4  ? 0.3020 0.2251 0.4502 0.1321  -0.0065 0.0599  4   DG  A N1    
80  C C2    . DG  A 4  ? 0.3326 0.2541 0.4791 0.1395  -0.0009 0.0561  4   DG  A C2    
81  N N2    . DG  A 4  ? 0.3214 0.2476 0.4621 0.1430  0.0086  0.0619  4   DG  A N2    
82  N N3    . DG  A 4  ? 0.3616 0.2821 0.4964 0.1340  -0.0056 0.0404  4   DG  A N3    
83  C C4    . DG  A 4  ? 0.3365 0.2571 0.4884 0.1256  -0.0148 0.0389  4   DG  A C4    
84  P P     . DT  A 5  ? 0.9655 0.9243 0.9337 0.1051  -0.0417 -0.0375 5   DT  A P     
85  O OP1   . DT  A 5  ? 0.6952 0.6365 0.6229 0.1161  -0.0160 -0.0534 5   DT  A OP1   
86  O OP2   . DT  A 5  ? 0.8795 0.8688 0.8328 0.0873  -0.0737 -0.0474 5   DT  A OP2   
87  O "O5'" . DT  A 5  ? 0.9558 0.9339 0.9469 0.1198  -0.0381 0.0054  5   DT  A "O5'" 
88  C "C5'" . DT  A 5  ? 0.5396 0.5022 0.5439 0.1319  -0.0137 0.0196  5   DT  A "C5'" 
89  C "C4'" . DT  A 5  ? 0.4858 0.4598 0.4985 0.1398  -0.0142 0.0548  5   DT  A "C4'" 
90  O "O4'" . DT  A 5  ? 0.5074 0.4881 0.5519 0.1395  -0.0307 0.0651  5   DT  A "O4'" 
91  C "C3'" . DT  A 5  ? 0.5893 0.5831 0.5574 0.1447  -0.0177 0.0732  5   DT  A "C3'" 
92  O "O3'" . DT  A 5  ? 0.5326 0.5171 0.5079 0.1513  -0.0030 0.1035  5   DT  A "O3'" 
93  C "C2'" . DT  A 5  ? 0.5056 0.5244 0.4790 0.1445  -0.0464 0.0810  5   DT  A "C2'" 
94  C "C1'" . DT  A 5  ? 0.4327 0.4394 0.4616 0.1453  -0.0468 0.0838  5   DT  A "C1'" 
95  N N1    . DT  A 5  ? 0.4249 0.4579 0.4790 0.1385  -0.0684 0.0764  5   DT  A N1    
96  C C2    . DT  A 5  ? 0.4343 0.4728 0.5309 0.1462  -0.0694 0.0911  5   DT  A C2    
97  O O2    . DT  A 5  ? 0.4276 0.4428 0.5349 0.1581  -0.0551 0.1054  5   DT  A O2    
98  N N3    . DT  A 5  ? 0.4669 0.5407 0.5931 0.1377  -0.0866 0.0864  5   DT  A N3    
99  C C4    . DT  A 5  ? 0.5046 0.6052 0.6233 0.1174  -0.1073 0.0665  5   DT  A C4    
100 O O4    . DT  A 5  ? 0.4176 0.5552 0.5736 0.1054  -0.1231 0.0649  5   DT  A O4    
101 C C5    . DT  A 5  ? 0.5993 0.6829 0.6632 0.1095  -0.1074 0.0459  5   DT  A C5    
102 C C7    . DT  A 5  ? 0.6841 0.7855 0.7251 0.0852  -0.1299 0.0152  5   DT  A C7    
103 C C6    . DT  A 5  ? 0.5623 0.6152 0.5970 0.1228  -0.0858 0.0531  5   DT  A C6    
104 P P     . DG  A 6  ? 0.8481 0.8261 0.8214 0.1497  0.0267  0.1058  6   DG  A P     
105 O OP1   . DG  A 6  ? 0.8031 0.7920 0.7388 0.1506  0.0369  0.0798  6   DG  A OP1   
106 O OP2   . DG  A 6  ? 0.7934 0.7670 0.7616 0.1503  0.0362  0.1422  6   DG  A OP2   
107 O "O5'" . DG  A 6  ? 0.6975 0.6602 0.7246 0.1463  0.0312  0.0955  6   DG  A "O5'" 
108 C "C5'" . DG  A 6  ? 0.5806 0.5483 0.6287 0.1451  0.0525  0.0944  6   DG  A "C5'" 
109 C "C4'" . DG  A 6  ? 0.4941 0.4540 0.5818 0.1369  0.0524  0.1116  6   DG  A "C4'" 
110 O "O4'" . DG  A 6  ? 0.4765 0.4212 0.5852 0.1370  0.0347  0.1026  6   DG  A "O4'" 
111 C "C3'" . DG  A 6  ? 0.6800 0.6267 0.7576 0.1306  0.0532  0.1395  6   DG  A "C3'" 
112 O "O3'" . DG  A 6  ? 0.6344 0.5794 0.7456 0.1159  0.0629  0.1515  6   DG  A "O3'" 
113 C "C2'" . DG  A 6  ? 0.6411 0.5654 0.7201 0.1359  0.0326  0.1381  6   DG  A "C2'" 
114 C "C1'" . DG  A 6  ? 0.5373 0.4625 0.6461 0.1339  0.0264  0.1173  6   DG  A "C1'" 
115 N N9    . DG  A 6  ? 0.4857 0.4034 0.5967 0.1405  0.0115  0.1087  6   DG  A N9    
116 C C8    . DG  A 6  ? 0.4454 0.3756 0.5447 0.1461  0.0020  0.1004  6   DG  A C8    
117 N N7    . DG  A 6  ? 0.3872 0.3163 0.4994 0.1472  -0.0078 0.0955  6   DG  A N7    
118 C C5    . DG  A 6  ? 0.3554 0.2694 0.4692 0.1368  -0.0060 0.0903  6   DG  A C5    
119 C C6    . DG  A 6  ? 0.3493 0.2577 0.4623 0.1337  -0.0103 0.0811  6   DG  A C6    
120 O O6    . DG  A 6  ? 0.4346 0.3541 0.5517 0.1371  -0.0141 0.0772  6   DG  A O6    
121 N N1    . DG  A 6  ? 0.4402 0.3297 0.5516 0.1285  -0.0071 0.0800  6   DG  A N1    
122 C C2    . DG  A 6  ? 0.3854 0.2659 0.5058 0.1228  -0.0016 0.0889  6   DG  A C2    
123 N N2    . DG  A 6  ? 0.3787 0.2387 0.5065 0.1168  -0.0021 0.0882  6   DG  A N2    
124 N N3    . DG  A 6  ? 0.3674 0.2583 0.4947 0.1242  0.0056  0.1007  6   DG  A N3    
125 C C4    . DG  A 6  ? 0.3637 0.2695 0.4817 0.1332  0.0036  0.0996  6   DG  A C4    
126 P P     . DG  A 7  ? 0.8654 0.8477 1.0090 0.1102  0.0819  0.1489  7   DG  A P     
127 O OP1   . DG  A 7  ? 0.6008 0.6064 0.7144 0.1228  0.1016  0.1448  7   DG  A OP1   
128 O OP2   . DG  A 7  ? 0.6947 0.6772 0.8707 0.0877  0.0876  0.1687  7   DG  A OP2   
129 O "O5'" . DG  A 7  ? 0.4264 0.4144 0.6010 0.1158  0.0680  0.1271  7   DG  A "O5'" 
130 C "C5'" . DG  A 7  ? 0.5185 0.5395 0.7407 0.1112  0.0732  0.1282  7   DG  A "C5'" 
131 C "C4'" . DG  A 7  ? 0.3495 0.3618 0.5952 0.1004  0.0499  0.1249  7   DG  A "C4'" 
132 O "O4'" . DG  A 7  ? 0.3199 0.3129 0.5499 0.1150  0.0362  0.1101  7   DG  A "O4'" 
133 C "C3'" . DG  A 7  ? 0.3727 0.3499 0.6068 0.0808  0.0394  0.1312  7   DG  A "C3'" 
134 O "O3'" . DG  A 7  ? 0.4497 0.4392 0.7162 0.0610  0.0255  0.1296  7   DG  A "O3'" 
135 C "C2'" . DG  A 7  ? 0.3423 0.2838 0.5426 0.0946  0.0267  0.1197  7   DG  A "C2'" 
136 C "C1'" . DG  A 7  ? 0.3153 0.2775 0.5294 0.1067  0.0201  0.1080  7   DG  A "C1'" 
137 N N9    . DG  A 7  ? 0.3059 0.2493 0.4975 0.1205  0.0139  0.0983  7   DG  A N9    
138 C C8    . DG  A 7  ? 0.3090 0.2501 0.4824 0.1314  0.0195  0.0926  7   DG  A C8    
139 N N7    . DG  A 7  ? 0.3035 0.2356 0.4585 0.1299  0.0086  0.0798  7   DG  A N7    
140 C C5    . DG  A 7  ? 0.2974 0.2252 0.4523 0.1225  -0.0002 0.0782  7   DG  A C5    
141 C C6    . DG  A 7  ? 0.2945 0.2162 0.4351 0.1214  -0.0075 0.0712  7   DG  A C6    
142 O O6    . DG  A 7  ? 0.2921 0.2141 0.4259 0.1230  -0.0088 0.0665  7   DG  A O6    
143 N N1    . DG  A 7  ? 0.2996 0.2163 0.4427 0.1195  -0.0123 0.0740  7   DG  A N1    
144 C C2    . DG  A 7  ? 0.3057 0.2228 0.4715 0.1155  -0.0151 0.0823  7   DG  A C2    
145 N N2    . DG  A 7  ? 0.3204 0.2303 0.4840 0.1116  -0.0253 0.0807  7   DG  A N2    
146 N N3    . DG  A 7  ? 0.3044 0.2309 0.4938 0.1127  -0.0090 0.0912  7   DG  A N3    
147 C C4    . DG  A 7  ? 0.3005 0.2321 0.4784 0.1181  0.0010  0.0888  7   DG  A C4    
148 P P     . DT  A 8  ? 0.5948 0.5527 0.8646 0.0302  0.0206  0.1348  8   DT  A P     
149 O OP1   . DT  A 8  ? 0.4367 0.4322 0.7499 0.0057  0.0057  0.1317  8   DT  A OP1   
150 O OP2   . DT  A 8  ? 0.5400 0.4840 0.7999 0.0265  0.0425  0.1557  8   DT  A OP2   
151 O "O5'" . DT  A 8  ? 0.6480 0.5475 0.8771 0.0378  0.0068  0.1190  8   DT  A "O5'" 
152 C "C5'" . DT  A 8  ? 0.4962 0.3979 0.7197 0.0390  -0.0126 0.1005  8   DT  A "C5'" 
153 C "C4'" . DT  A 8  ? 0.5520 0.3982 0.7355 0.0485  -0.0158 0.0872  8   DT  A "C4'" 
154 O "O4'" . DT  A 8  ? 0.4124 0.2468 0.5786 0.0736  -0.0035 0.0964  8   DT  A "O4'" 
155 C "C3'" . DT  A 8  ? 0.4728 0.2620 0.6455 0.0283  -0.0156 0.0811  8   DT  A "C3'" 
156 O "O3'" . DT  A 8  ? 0.6062 0.3564 0.7454 0.0353  -0.0227 0.0582  8   DT  A "O3'" 
157 C "C2'" . DT  A 8  ? 0.5399 0.3011 0.7049 0.0421  0.0027  0.1023  8   DT  A "C2'" 
158 C "C1'" . DT  A 8  ? 0.4423 0.2270 0.5930 0.0742  0.0043  0.1032  8   DT  A "C1'" 
159 N N1    . DT  A 8  ? 0.4361 0.2313 0.5824 0.0883  0.0159  0.1248  8   DT  A N1    
160 C C2    . DT  A 8  ? 0.4331 0.2289 0.5534 0.1090  0.0141  0.1224  8   DT  A C2    
161 O O2    . DT  A 8  ? 0.4321 0.2211 0.5386 0.1174  0.0076  0.1056  8   DT  A O2    
162 N N3    . DT  A 8  ? 0.4364 0.2497 0.5467 0.1169  0.0192  0.1398  8   DT  A N3    
163 C C4    . DT  A 8  ? 0.4464 0.2699 0.5649 0.1119  0.0320  0.1635  8   DT  A C4    
164 O O4    . DT  A 8  ? 0.4598 0.2985 0.5575 0.1221  0.0366  0.1795  8   DT  A O4    
165 C C5    . DT  A 8  ? 0.5454 0.3764 0.6899 0.0871  0.0371  0.1604  8   DT  A C5    
166 C C7    . DT  A 8  ? 0.4590 0.3190 0.6126 0.0746  0.0544  0.1789  8   DT  A C7    
167 C C6    . DT  A 8  ? 0.4396 0.2583 0.5992 0.0756  0.0262  0.1415  8   DT  A C6    
168 P P     . DG  A 9  ? 0.5891 0.3561 0.7177 0.0178  -0.0446 0.0342  9   DG  A P     
169 O OP1   . DG  A 9  ? 0.6707 0.4814 0.8397 -0.0137 -0.0577 0.0406  9   DG  A OP1   
170 O OP2   . DG  A 9  ? 0.6366 0.3378 0.7224 0.0170  -0.0441 0.0075  9   DG  A OP2   
171 O "O5'" . DG  A 9  ? 0.8407 0.6546 0.9637 0.0442  -0.0472 0.0392  9   DG  A "O5'" 
172 C "C5'" . DG  A 9  ? 0.7645 0.6098 0.8761 0.0385  -0.0661 0.0298  9   DG  A "C5'" 
173 C "C4'" . DG  A 9  ? 0.6307 0.4574 0.6974 0.0598  -0.0610 0.0186  9   DG  A "C4'" 
174 O "O4'" . DG  A 9  ? 0.6102 0.4473 0.6877 0.0866  -0.0443 0.0356  9   DG  A "O4'" 
175 C "C3'" . DG  A 9  ? 0.6899 0.4516 0.7159 0.0611  -0.0512 -0.0059 9   DG  A "C3'" 
176 O "O3'" . DG  A 9  ? 0.8250 0.5833 0.8019 0.0694  -0.0531 -0.0237 9   DG  A "O3'" 
177 C "C2'" . DG  A 9  ? 0.8372 0.5812 0.8760 0.0877  -0.0282 0.0089  9   DG  A "C2'" 
178 C "C1'" . DG  A 9  ? 0.8758 0.6732 0.9314 0.1030  -0.0277 0.0279  9   DG  A "C1'" 
179 N N9    . DG  A 9  ? 0.5897 0.3961 0.6709 0.1185  -0.0159 0.0459  9   DG  A N9    
180 C C8    . DG  A 9  ? 0.4930 0.3016 0.5982 0.1128  -0.0141 0.0585  9   DG  A C8    
181 N N7    . DG  A 9  ? 0.5338 0.3581 0.6432 0.1257  -0.0075 0.0680  9   DG  A N7    
182 C C5    . DG  A 9  ? 0.6159 0.4520 0.7132 0.1366  -0.0058 0.0618  9   DG  A C5    
183 C C6    . DG  A 9  ? 0.7309 0.5948 0.8295 0.1406  -0.0049 0.0622  9   DG  A C6    
184 O O6    . DG  A 9  ? 0.6753 0.5550 0.7788 0.1384  -0.0073 0.0662  9   DG  A O6    
185 N N1    . DG  A 9  ? 0.5172 0.3895 0.6153 0.1492  0.0012  0.0607  9   DG  A N1    
186 C C2    . DG  A 9  ? 0.4076 0.2608 0.4911 0.1586  0.0078  0.0581  9   DG  A C2    
187 N N2    . DG  A 9  ? 0.4156 0.2822 0.4930 0.1712  0.0201  0.0614  9   DG  A N2    
188 N N3    . DG  A 9  ? 0.5983 0.4264 0.6654 0.1502  0.0009  0.0497  9   DG  A N3    
189 C C4    . DG  A 9  ? 0.4235 0.2439 0.5078 0.1390  -0.0056 0.0537  9   DG  A C4    
190 P P     . DG  A 10 ? 0.9346 0.7418 0.8920 0.0558  -0.0788 -0.0254 10  DG  A P     
191 O OP1   . DG  A 10 ? 0.7792 0.6094 0.7659 0.0226  -0.1047 -0.0272 10  DG  A OP1   
192 O OP2   . DG  A 10 ? 0.9026 0.6849 0.7921 0.0631  -0.0743 -0.0505 10  DG  A OP2   
193 O "O5'" . DG  A 10 ? 0.9738 0.8326 0.9595 0.0779  -0.0735 0.0086  10  DG  A "O5'" 
194 C "C5'" . DG  A 10 ? 0.7862 0.6843 0.7505 0.0827  -0.0857 0.0201  10  DG  A "C5'" 
195 C "C4'" . DG  A 10 ? 0.7836 0.6849 0.7401 0.1086  -0.0630 0.0375  10  DG  A "C4'" 
196 O "O4'" . DG  A 10 ? 0.5464 0.4596 0.5576 0.1180  -0.0536 0.0598  10  DG  A "O4'" 
197 C "C3'" . DG  A 10 ? 0.6266 0.4895 0.5525 0.1226  -0.0368 0.0200  10  DG  A "C3'" 
198 O "O3'" . DG  A 10 ? 0.7378 0.6170 0.6306 0.1372  -0.0234 0.0302  10  DG  A "O3'" 
199 C "C2'" . DG  A 10 ? 0.5629 0.4189 0.5396 0.1327  -0.0218 0.0322  10  DG  A "C2'" 
200 C "C1'" . DG  A 10 ? 0.5837 0.4775 0.5972 0.1325  -0.0298 0.0593  10  DG  A "C1'" 
201 N N9    . DG  A 10 ? 0.3937 0.2882 0.4531 0.1343  -0.0251 0.0682  10  DG  A N9    
202 C C8    . DG  A 10 ? 0.4372 0.3284 0.5209 0.1240  -0.0323 0.0654  10  DG  A C8    
203 N N7    . DG  A 10 ? 0.3452 0.2398 0.4570 0.1298  -0.0243 0.0737  10  DG  A N7    
204 C C5    . DG  A 10 ? 0.3699 0.2706 0.4802 0.1401  -0.0148 0.0799  10  DG  A C5    
205 C C6    . DG  A 10 ? 0.3164 0.2285 0.4328 0.1334  -0.0107 0.0759  10  DG  A C6    
206 O O6    . DG  A 10 ? 0.3038 0.2188 0.4252 0.1273  -0.0119 0.0706  10  DG  A O6    
207 N N1    . DG  A 10 ? 0.3192 0.2398 0.4382 0.1372  -0.0027 0.0831  10  DG  A N1    
208 C C2    . DG  A 10 ? 0.3845 0.3048 0.4915 0.1494  0.0052  0.0944  10  DG  A C2    
209 N N2    . DG  A 10 ? 0.3445 0.2785 0.4609 0.1529  0.0182  0.1070  10  DG  A N2    
210 N N3    . DG  A 10 ? 0.3687 0.2797 0.4473 0.1528  0.0001  0.0903  10  DG  A N3    
211 C C4    . DG  A 10 ? 0.3783 0.2799 0.4617 0.1445  -0.0124 0.0805  10  DG  A C4    
212 P P     . DT  A 11 ? 0.9401 0.7921 0.7785 0.1521  0.0021  0.0067  11  DT  A P     
213 O OP1   . DT  A 11 ? 0.8024 0.6855 0.6008 0.1604  0.0109  0.0234  11  DT  A OP1   
214 O OP2   . DT  A 11 ? 1.0581 0.8645 0.8608 0.1393  -0.0075 -0.0322 11  DT  A OP2   
215 O "O5'" . DT  A 11 ? 0.9124 0.7575 0.7975 0.1718  0.0294  0.0157  11  DT  A "O5'" 
216 C "C5'" . DT  A 11 ? 0.7770 0.6590 0.7038 0.1790  0.0398  0.0472  11  DT  A "C5'" 
217 C "C4'" . DT  A 11 ? 0.7129 0.5949 0.6814 0.1947  0.0597  0.0503  11  DT  A "C4'" 
218 O "O4'" . DT  A 11 ? 0.6507 0.5064 0.6441 0.1903  0.0472  0.0416  11  DT  A "O4'" 
219 C "C3'" . DT  A 11 ? 0.6088 0.4807 0.5525 0.2180  0.0889  0.0354  11  DT  A "C3'" 
220 O "O3'" . DT  A 11 ? 0.5858 0.4937 0.5800 0.2328  0.1083  0.0551  11  DT  A "O3'" 
221 C "C2'" . DT  A 11 ? 0.6239 0.4416 0.5557 0.2215  0.0841  0.0083  11  DT  A "C2'" 
222 C "C1'" . DT  A 11 ? 0.5609 0.3821 0.5419 0.2073  0.0624  0.0233  11  DT  A "C1'" 
223 N N1    . DT  A 11 ? 0.7056 0.4802 0.6742 0.1928  0.0464  0.0056  11  DT  A N1    
224 C C2    . DT  A 11 ? 0.6313 0.3911 0.6350 0.1939  0.0427  0.0146  11  DT  A C2    
225 O O2    . DT  A 11 ? 0.6069 0.3997 0.6484 0.2002  0.0452  0.0322  11  DT  A O2    
226 N N3    . DT  A 11 ? 0.6143 0.3308 0.6074 0.1761  0.0310  0.0016  11  DT  A N3    
227 C C4    . DT  A 11 ? 0.8396 0.5298 0.7953 0.1544  0.0191  -0.0229 11  DT  A C4    
228 O O4    . DT  A 11 ? 0.7481 0.4023 0.7047 0.1334  0.0085  -0.0325 11  DT  A O4    
229 C C5    . DT  A 11 ? 0.8227 0.5344 0.7378 0.1553  0.0189  -0.0344 11  DT  A C5    
230 C C7    . DT  A 11 ? 0.8708 0.5647 0.7371 0.1307  0.0004  -0.0623 11  DT  A C7    
231 C C6    . DT  A 11 ? 0.7982 0.5491 0.7199 0.1756  0.0343  -0.0176 11  DT  A C6    
232 P P     . DG  A 12 ? 0.6762 0.6363 0.6868 0.2297  0.1242  0.0837  12  DG  A P     
233 O OP1   . DG  A 12 ? 0.7062 0.6618 0.6506 0.2267  0.1293  0.0805  12  DG  A OP1   
234 O OP2   . DG  A 12 ? 0.5692 0.5665 0.6262 0.2487  0.1501  0.0939  12  DG  A OP2   
235 O "O5'" . DG  A 12 ? 0.6225 0.5940 0.6753 0.2059  0.0990  0.1042  12  DG  A "O5'" 
236 C "C5'" . DG  A 12 ? 0.5763 0.5773 0.6496 0.1941  0.1052  0.1321  12  DG  A "C5'" 
237 C "C4'" . DG  A 12 ? 0.6081 0.6347 0.7503 0.1845  0.1027  0.1448  12  DG  A "C4'" 
238 O "O4'" . DG  A 12 ? 0.3825 0.3859 0.5394 0.1752  0.0762  0.1342  12  DG  A "O4'" 
239 C "C3'" . DG  A 12 ? 0.5526 0.6129 0.7316 0.2003  0.1193  0.1431  12  DG  A "C3'" 
240 O "O3'" . DG  A 12 ? 0.4927 0.5983 0.7308 0.1853  0.1251  0.1645  12  DG  A "O3'" 
241 C "C2'" . DG  A 12 ? 0.5162 0.5539 0.7035 0.2058  0.0982  0.1262  12  DG  A "C2'" 
242 C "C1'" . DG  A 12 ? 0.3626 0.3794 0.5516 0.1826  0.0732  0.1270  12  DG  A "C1'" 
243 N N9    . DG  A 12 ? 0.4771 0.4607 0.6405 0.1755  0.0521  0.1056  12  DG  A N9    
244 C C8    . DG  A 12 ? 0.3861 0.3355 0.5107 0.1827  0.0497  0.0921  12  DG  A C8    
245 N N7    . DG  A 12 ? 0.3660 0.2971 0.4858 0.1710  0.0320  0.0798  12  DG  A N7    
246 C C5    . DG  A 12 ? 0.3392 0.2918 0.4845 0.1594  0.0227  0.0832  12  DG  A C5    
247 C C6    . DG  A 12 ? 0.3265 0.2742 0.4708 0.1501  0.0081  0.0769  12  DG  A C6    
248 O O6    . DG  A 12 ? 0.3317 0.2579 0.4588 0.1472  0.0013  0.0699  12  DG  A O6    
249 N N1    . DG  A 12 ? 0.3124 0.2848 0.4829 0.1460  0.0039  0.0834  12  DG  A N1    
250 C C2    . DG  A 12 ? 0.3075 0.3078 0.5129 0.1461  0.0112  0.0960  12  DG  A C2    
251 N N2    . DG  A 12 ? 0.2974 0.3210 0.5386 0.1402  0.0015  0.1017  12  DG  A N2    
252 N N3    . DG  A 12 ? 0.3255 0.3343 0.5371 0.1527  0.0274  0.1056  12  DG  A N3    
253 C C4    . DG  A 12 ? 0.3334 0.3163 0.5081 0.1611  0.0330  0.0977  12  DG  A C4    
254 O "O5'" . DG  B 1  ? 0.5431 0.8501 0.4917 0.1728  -0.0437 0.1497  1   DG  B "O5'" 
255 C "C5'" . DG  B 1  ? 0.3856 0.7015 0.3432 0.1603  -0.0510 0.1049  1   DG  B "C5'" 
256 C "C4'" . DG  B 1  ? 0.5025 0.8108 0.4982 0.1540  -0.0664 0.0801  1   DG  B "C4'" 
257 O "O4'" . DG  B 1  ? 0.5185 0.7751 0.5435 0.1376  -0.0521 0.0808  1   DG  B "O4'" 
258 C "C3'" . DG  B 1  ? 0.4932 0.8222 0.5012 0.1714  -0.0814 0.0958  1   DG  B "C3'" 
259 O "O3'" . DG  B 1  ? 0.4116 0.7726 0.4444 0.1686  -0.1035 0.0623  1   DG  B "O3'" 
260 C "C2'" . DG  B 1  ? 0.4766 0.7550 0.5148 0.1668  -0.0654 0.1144  1   DG  B "C2'" 
261 C "C1'" . DG  B 1  ? 0.5441 0.7911 0.5962 0.1430  -0.0557 0.0869  1   DG  B "C1'" 
262 N N9    . DG  B 1  ? 0.3877 0.5787 0.4525 0.1338  -0.0388 0.0970  1   DG  B N9    
263 C C8    . DG  B 1  ? 0.4540 0.6093 0.5074 0.1274  -0.0252 0.1168  1   DG  B C8    
264 N N7    . DG  B 1  ? 0.3724 0.4784 0.4380 0.1193  -0.0166 0.1154  1   DG  B N7    
265 C C5    . DG  B 1  ? 0.3044 0.4153 0.3873 0.1224  -0.0199 0.0966  1   DG  B C5    
266 C C6    . DG  B 1  ? 0.3401 0.4126 0.4339 0.1195  -0.0105 0.0870  1   DG  B C6    
267 O O6    . DG  B 1  ? 0.5299 0.5513 0.6146 0.1142  -0.0014 0.0890  1   DG  B O6    
268 N N1    . DG  B 1  ? 0.3040 0.4038 0.4206 0.1232  -0.0120 0.0725  1   DG  B N1    
269 C C2    . DG  B 1  ? 0.3601 0.5160 0.4929 0.1264  -0.0265 0.0645  1   DG  B C2    
270 N N2    . DG  B 1  ? 0.2673 0.4454 0.4340 0.1251  -0.0261 0.0511  1   DG  B N2    
271 N N3    . DG  B 1  ? 0.4288 0.6178 0.5454 0.1301  -0.0403 0.0684  1   DG  B N3    
272 C C4    . DG  B 1  ? 0.3295 0.4940 0.4190 0.1292  -0.0336 0.0861  1   DG  B C4    
273 P P     . DT  B 2  ? 0.7558 1.1628 0.7964 0.1854  -0.1290 0.0651  2   DT  B P     
274 O OP1   . DT  B 2  ? 0.8256 1.2649 0.8775 0.1741  -0.1521 0.0216  2   DT  B OP1   
275 O OP2   . DT  B 2  ? 0.9454 1.3536 0.9398 0.2030  -0.1249 0.0996  2   DT  B OP2   
276 O "O5'" . DT  B 2  ? 0.7496 1.1410 0.8464 0.1868  -0.1230 0.0766  2   DT  B "O5'" 
277 C "C5'" . DT  B 2  ? 0.5886 0.9728 0.7332 0.1699  -0.1179 0.0520  2   DT  B "C5'" 
278 C "C4'" . DT  B 2  ? 0.5749 0.9501 0.7652 0.1790  -0.1067 0.0677  2   DT  B "C4'" 
279 O "O4'" . DT  B 2  ? 0.5760 0.9021 0.7431 0.1909  -0.0863 0.0998  2   DT  B "O4'" 
280 C "C3'" . DT  B 2  ? 0.6930 1.1093 0.9137 0.1910  -0.1262 0.0711  2   DT  B "C3'" 
281 O "O3'" . DT  B 2  ? 0.4236 0.8501 0.7083 0.1884  -0.1168 0.0642  2   DT  B "O3'" 
282 C "C2'" . DT  B 2  ? 0.4844 0.8761 0.6732 0.2133  -0.1205 0.1076  2   DT  B "C2'" 
283 C "C1'" . DT  B 2  ? 0.4657 0.7983 0.6455 0.2114  -0.0907 0.1213  2   DT  B "C1'" 
284 N N1    . DT  B 2  ? 0.5021 0.7948 0.6401 0.2219  -0.0807 0.1545  2   DT  B N1    
285 C C2    . DT  B 2  ? 0.6683 0.9139 0.8173 0.2334  -0.0644 0.1747  2   DT  B C2    
286 O O2    . DT  B 2  ? 0.5229 0.7604 0.7099 0.2388  -0.0558 0.1658  2   DT  B O2    
287 N N3    . DT  B 2  ? 0.7482 0.9556 0.8636 0.2379  -0.0560 0.2046  2   DT  B N3    
288 C C4    . DT  B 2  ? 0.6083 0.8253 0.6815 0.2331  -0.0584 0.2196  2   DT  B C4    
289 O O4    . DT  B 2  ? 0.7366 0.9186 0.7888 0.2350  -0.0466 0.2493  2   DT  B O4    
290 C C5    . DT  B 2  ? 0.5671 0.8372 0.6248 0.2250  -0.0736 0.1960  2   DT  B C5    
291 C C7    . DT  B 2  ? 0.5818 0.8693 0.5900 0.2228  -0.0727 0.2069  2   DT  B C7    
292 C C6    . DT  B 2  ? 0.5750 0.8767 0.6653 0.2192  -0.0858 0.1631  2   DT  B C6    
293 P P     . DG  B 3  ? 0.5403 0.9945 0.8749 0.1631  -0.1191 0.0309  3   DG  B P     
294 O OP1   . DG  B 3  ? 0.7249 1.1916 1.0282 0.1477  -0.1418 0.0058  3   DG  B OP1   
295 O OP2   . DG  B 3  ? 0.3619 0.8542 0.7673 0.1646  -0.1213 0.0301  3   DG  B OP2   
296 O "O5'" . DG  B 3  ? 0.4152 0.8040 0.7367 0.1490  -0.0830 0.0310  3   DG  B "O5'" 
297 C "C5'" . DG  B 3  ? 0.3043 0.6848 0.6572 0.1230  -0.0710 0.0102  3   DG  B "C5'" 
298 C "C4'" . DG  B 3  ? 0.2809 0.6358 0.6586 0.1260  -0.0369 0.0215  3   DG  B "C4'" 
299 O "O4'" . DG  B 3  ? 0.4510 0.7412 0.7733 0.1356  -0.0177 0.0363  3   DG  B "O4'" 
300 C "C3'" . DG  B 3  ? 0.2886 0.6924 0.7243 0.1486  -0.0346 0.0342  3   DG  B "C3'" 
301 O "O3'" . DG  B 3  ? 0.4363 0.8389 0.9156 0.1418  -0.0027 0.0332  3   DG  B "O3'" 
302 C "C2'" . DG  B 3  ? 0.3086 0.6751 0.7018 0.1772  -0.0276 0.0580  3   DG  B "C2'" 
303 C "C1'" . DG  B 3  ? 0.5265 0.8159 0.8631 0.1623  -0.0052 0.0547  3   DG  B "C1'" 
304 N N9    . DG  B 3  ? 0.3260 0.5669 0.6100 0.1748  -0.0050 0.0710  3   DG  B N9    
305 C C8    . DG  B 3  ? 0.3380 0.5894 0.5951 0.1827  -0.0263 0.0837  3   DG  B C8    
306 N N7    . DG  B 3  ? 0.5763 0.7747 0.7958 0.1892  -0.0174 0.1002  3   DG  B N7    
307 C C5    . DG  B 3  ? 0.4001 0.5487 0.6176 0.1862  0.0073  0.0930  3   DG  B C5    
308 C C6    . DG  B 3  ? 0.4367 0.5151 0.6222 0.1885  0.0221  0.0989  3   DG  B C6    
309 O O6    . DG  B 3  ? 0.7073 0.7531 0.8685 0.1907  0.0178  0.1153  3   DG  B O6    
310 N N1    . DG  B 3  ? 0.5399 0.5853 0.7234 0.1866  0.0441  0.0836  3   DG  B N1    
311 C C2    . DG  B 3  ? 0.3829 0.4604 0.5947 0.1825  0.0558  0.0705  3   DG  B C2    
312 N N2    . DG  B 3  ? 0.4056 0.4441 0.6014 0.1837  0.0810  0.0598  3   DG  B N2    
313 N N3    . DG  B 3  ? 0.3543 0.4975 0.6069 0.1767  0.0436  0.0675  3   DG  B N3    
314 C C4    . DG  B 3  ? 0.3452 0.5199 0.5972 0.1792  0.0172  0.0765  3   DG  B C4    
315 P P     . DG  B 4  ? 0.2395 0.6337 0.7398 0.1062  0.0106  0.0165  4   DG  B P     
316 O OP1   . DG  B 4  ? 0.2308 0.6617 0.7526 0.0855  -0.0246 -0.0042 4   DG  B OP1   
317 O OP2   . DG  B 4  ? 0.2468 0.6632 0.8051 0.1084  0.0442  0.0241  4   DG  B OP2   
318 O "O5'" . DG  B 4  ? 0.2450 0.5541 0.6651 0.0983  0.0290  0.0178  4   DG  B "O5'" 
319 C "C5'" . DG  B 4  ? 0.4046 0.6808 0.8199 0.0753  0.0507  0.0131  4   DG  B "C5'" 
320 C "C4'" . DG  B 4  ? 0.3208 0.5328 0.6783 0.0850  0.0809  0.0234  4   DG  B "C4'" 
321 O "O4'" . DG  B 4  ? 0.2756 0.4409 0.5669 0.0889  0.0651  0.0223  4   DG  B "O4'" 
322 C "C3'" . DG  B 4  ? 0.2909 0.5082 0.6585 0.1129  0.1048  0.0347  4   DG  B "C3'" 
323 O "O3'" . DG  B 4  ? 0.4037 0.5802 0.7426 0.1129  0.1417  0.0382  4   DG  B "O3'" 
324 C "C2'" . DG  B 4  ? 0.2954 0.4793 0.6135 0.1317  0.0882  0.0386  4   DG  B "C2'" 
325 C "C1'" . DG  B 4  ? 0.2909 0.4255 0.5516 0.1116  0.0780  0.0315  4   DG  B "C1'" 
326 N N9    . DG  B 4  ? 0.2865 0.4000 0.5094 0.1168  0.0559  0.0341  4   DG  B N9    
327 C C8    . DG  B 4  ? 0.2682 0.4164 0.5001 0.1166  0.0288  0.0347  4   DG  B C8    
328 N N7    . DG  B 4  ? 0.2902 0.4098 0.4831 0.1208  0.0198  0.0419  4   DG  B N7    
329 C C5    . DG  B 4  ? 0.2960 0.3570 0.4561 0.1218  0.0375  0.0426  4   DG  B C5    
330 C C6    . DG  B 4  ? 0.3141 0.3253 0.4347 0.1221  0.0354  0.0476  4   DG  B C6    
331 O O6    . DG  B 4  ? 0.3121 0.3225 0.4220 0.1211  0.0220  0.0570  4   DG  B O6    
332 N N1    . DG  B 4  ? 0.3438 0.3032 0.4363 0.1228  0.0519  0.0405  4   DG  B N1    
333 C C2    . DG  B 4  ? 0.3570 0.3142 0.4523 0.1257  0.0729  0.0332  4   DG  B C2    
334 N N2    . DG  B 4  ? 0.3977 0.3006 0.4504 0.1291  0.0867  0.0253  4   DG  B N2    
335 N N3    . DG  B 4  ? 0.3384 0.3440 0.4756 0.1244  0.0803  0.0335  4   DG  B N3    
336 C C4    . DG  B 4  ? 0.3067 0.3622 0.4778 0.1213  0.0595  0.0368  4   DG  B C4    
337 P P     . DT  B 5  ? 0.4577 0.6546 0.8289 0.1363  0.1807  0.0459  5   DT  B P     
338 O OP1   . DT  B 5  ? 0.4034 0.5655 0.7413 0.1274  0.2180  0.0492  5   DT  B OP1   
339 O OP2   . DT  B 5  ? 0.3275 0.6085 0.7931 0.1398  0.1722  0.0489  5   DT  B OP2   
340 O "O5'" . DT  B 5  ? 0.5266 0.6798 0.8496 0.1678  0.1797  0.0457  5   DT  B "O5'" 
341 C "C5'" . DT  B 5  ? 0.4309 0.5073 0.6695 0.1658  0.1767  0.0395  5   DT  B "C5'" 
342 C "C4'" . DT  B 5  ? 0.4821 0.5219 0.6955 0.1935  0.1736  0.0388  5   DT  B "C4'" 
343 O "O4'" . DT  B 5  ? 0.3961 0.4659 0.6400 0.1979  0.1416  0.0476  5   DT  B "O4'" 
344 C "C3'" . DT  B 5  ? 0.4660 0.5127 0.7028 0.2262  0.2071  0.0391  5   DT  B "C3'" 
345 O "O3'" . DT  B 5  ? 0.5207 0.4923 0.6919 0.2407  0.2128  0.0281  5   DT  B "O3'" 
346 C "C2'" . DT  B 5  ? 0.4445 0.5482 0.7441 0.2377  0.1838  0.0496  5   DT  B "C2'" 
347 C "C1'" . DT  B 5  ? 0.4173 0.5027 0.6958 0.2307  0.1496  0.0557  5   DT  B "C1'" 
348 N N1    . DT  B 5  ? 0.3858 0.5360 0.7154 0.2328  0.1194  0.0673  5   DT  B N1    
349 C C2    . DT  B 5  ? 0.4003 0.5341 0.7151 0.2462  0.0970  0.0792  5   DT  B C2    
350 O O2    . DT  B 5  ? 0.4347 0.5025 0.7062 0.2543  0.1012  0.0807  5   DT  B O2    
351 N N3    . DT  B 5  ? 0.3817 0.5766 0.7320 0.2479  0.0682  0.0885  5   DT  B N3    
352 C C4    . DT  B 5  ? 0.3506 0.6199 0.7526 0.2360  0.0559  0.0822  5   DT  B C4    
353 O O4    . DT  B 5  ? 0.3462 0.6637 0.7699 0.2388  0.0257  0.0865  5   DT  B O4    
354 C C5    . DT  B 5  ? 0.3336 0.6157 0.7595 0.2183  0.0804  0.0695  5   DT  B C5    
355 C C7    . DT  B 5  ? 0.3066 0.6626 0.7962 0.1985  0.0688  0.0608  5   DT  B C7    
356 C C6    . DT  B 5  ? 0.3522 0.5748 0.7393 0.2183  0.1126  0.0653  5   DT  B C6    
357 P P     . DG  B 6  ? 0.6012 0.5084 0.6915 0.2353  0.2347  0.0126  6   DG  B P     
358 O OP1   . DG  B 6  ? 0.7513 0.6983 0.8590 0.2250  0.2638  0.0185  6   DG  B OP1   
359 O OP2   . DG  B 6  ? 0.6482 0.4994 0.6936 0.2538  0.2394  -0.0027 6   DG  B OP2   
360 O "O5'" . DG  B 6  ? 0.6713 0.5438 0.7176 0.2054  0.1977  0.0102  6   DG  B "O5'" 
361 C "C5'" . DG  B 6  ? 0.7757 0.5917 0.7461 0.1940  0.1979  -0.0024 6   DG  B "C5'" 
362 C "C4'" . DG  B 6  ? 0.7374 0.4882 0.6622 0.1960  0.1750  -0.0161 6   DG  B "C4'" 
363 O "O4'" . DG  B 6  ? 0.5753 0.3428 0.5336 0.1811  0.1424  -0.0048 6   DG  B "O4'" 
364 C "C3'" . DG  B 6  ? 0.6840 0.3971 0.6028 0.2262  0.1899  -0.0276 6   DG  B "C3'" 
365 O "O3'" . DG  B 6  ? 0.9950 0.6367 0.8499 0.2207  0.1740  -0.0495 6   DG  B "O3'" 
366 C "C2'" . DG  B 6  ? 0.8915 0.6338 0.8730 0.2300  0.1711  -0.0099 6   DG  B "C2'" 
367 C "C1'" . DG  B 6  ? 0.8427 0.5884 0.8181 0.1990  0.1382  -0.0027 6   DG  B "C1'" 
368 N N9    . DG  B 6  ? 0.6206 0.4167 0.6499 0.1949  0.1203  0.0188  6   DG  B N9    
369 C C8    . DG  B 6  ? 0.4977 0.3657 0.5802 0.1988  0.1235  0.0319  6   DG  B C8    
370 N N7    . DG  B 6  ? 0.4651 0.3650 0.5762 0.1957  0.1014  0.0478  6   DG  B N7    
371 C C5    . DG  B 6  ? 0.5515 0.3985 0.6307 0.1881  0.0871  0.0494  6   DG  B C5    
372 C C6    . DG  B 6  ? 0.5176 0.3697 0.6052 0.1822  0.0668  0.0678  6   DG  B C6    
373 O O6    . DG  B 6  ? 0.6630 0.5671 0.7781 0.1857  0.0552  0.0852  6   DG  B O6    
374 N N1    . DG  B 6  ? 0.7190 0.5086 0.7775 0.1710  0.0602  0.0648  6   DG  B N1    
375 C C2    . DG  B 6  ? 0.5532 0.2825 0.5750 0.1667  0.0663  0.0418  6   DG  B C2    
376 N N2    . DG  B 6  ? 0.5799 0.2569 0.5857 0.1522  0.0534  0.0394  6   DG  B N2    
377 N N3    . DG  B 6  ? 0.6561 0.3784 0.6576 0.1755  0.0839  0.0227  6   DG  B N3    
378 C C4    . DG  B 6  ? 0.5624 0.3458 0.5961 0.1858  0.0962  0.0301  6   DG  B C4    
379 P P     . DG  B 7  ? 1.0017 0.6026 0.7747 0.2083  0.1710  -0.0668 7   DG  B P     
380 O OP1   . DG  B 7  ? 1.0866 0.7182 0.8454 0.2165  0.2064  -0.0605 7   DG  B OP1   
381 O OP2   . DG  B 7  ? 1.1805 0.7209 0.9063 0.2088  0.1549  -0.0928 7   DG  B OP2   
382 O "O5'" . DG  B 7  ? 0.9520 0.5698 0.7384 0.1757  0.1341  -0.0548 7   DG  B "O5'" 
383 C "C5'" . DG  B 7  ? 0.7858 0.3656 0.5161 0.1586  0.1088  -0.0683 7   DG  B "C5'" 
384 C "C4'" . DG  B 7  ? 0.7937 0.3568 0.5469 0.1401  0.0730  -0.0695 7   DG  B "C4'" 
385 O "O4'" . DG  B 7  ? 0.9592 0.5799 0.7720 0.1251  0.0627  -0.0449 7   DG  B "O4'" 
386 C "C3'" . DG  B 7  ? 0.8303 0.3541 0.6017 0.1520  0.0732  -0.0771 7   DG  B "C3'" 
387 O "O3'" . DG  B 7  ? 1.0058 0.4837 0.7609 0.1333  0.0419  -0.0927 7   DG  B "O3'" 
388 C "C2'" . DG  B 7  ? 0.7058 0.2825 0.5501 0.1513  0.0745  -0.0475 7   DG  B "C2'" 
389 C "C1'" . DG  B 7  ? 0.9236 0.5437 0.7797 0.1257  0.0551  -0.0353 7   DG  B "C1'" 
390 N N9    . DG  B 7  ? 0.6392 0.3241 0.5492 0.1244  0.0578  -0.0113 7   DG  B N9    
391 C C8    . DG  B 7  ? 0.8768 0.6099 0.8099 0.1340  0.0765  -0.0030 7   DG  B C8    
392 N N7    . DG  B 7  ? 0.7156 0.5009 0.6936 0.1296  0.0687  0.0137  7   DG  B N7    
393 C C5    . DG  B 7  ? 0.5740 0.3458 0.5552 0.1181  0.0481  0.0201  7   DG  B C5    
394 C C6    . DG  B 7  ? 0.6569 0.4686 0.6697 0.1115  0.0351  0.0380  7   DG  B C6    
395 O O6    . DG  B 7  ? 0.4116 0.2775 0.4520 0.1153  0.0345  0.0479  7   DG  B O6    
396 N N1    . DG  B 7  ? 0.4624 0.2464 0.4715 0.0988  0.0217  0.0433  7   DG  B N1    
397 C C2    . DG  B 7  ? 0.6018 0.3270 0.5863 0.0908  0.0159  0.0294  7   DG  B C2    
398 N N2    . DG  B 7  ? 0.5163 0.2267 0.5140 0.0746  0.0026  0.0380  7   DG  B N2    
399 N N3    . DG  B 7  ? 0.6752 0.3600 0.6241 0.0977  0.0228  0.0077  7   DG  B N3    
400 C C4    . DG  B 7  ? 0.5525 0.2641 0.4990 0.1127  0.0412  0.0059  7   DG  B C4    
401 P P     . DT  B 8  ? 1.1953 0.6396 0.9838 0.1319  0.0343  -0.0976 8   DT  B P     
402 O OP1   . DT  B 8  ? 1.3771 0.7740 1.1275 0.1180  0.0121  -0.1286 8   DT  B OP1   
403 O OP2   . DT  B 8  ? 1.3817 0.8377 1.1942 0.1602  0.0630  -0.0906 8   DT  B OP2   
404 O "O5'" . DT  B 8  ? 1.0667 0.5302 0.9112 0.1126  0.0173  -0.0694 8   DT  B "O5'" 
405 C "C5'" . DT  B 8  ? 1.1258 0.5589 1.0062 0.1006  0.0055  -0.0652 8   DT  B "C5'" 
406 C "C4'" . DT  B 8  ? 1.1311 0.5926 1.0644 0.1069  0.0139  -0.0272 8   DT  B "C4'" 
407 O "O4'" . DT  B 8  ? 0.8778 0.3816 0.8154 0.1349  0.0371  -0.0157 8   DT  B "O4'" 
408 C "C3'" . DT  B 8  ? 0.9011 0.3261 0.8722 0.1075  0.0121  -0.0178 8   DT  B "C3'" 
409 O "O3'" . DT  B 8  ? 0.8622 0.2956 0.8688 0.0879  0.0010  0.0139  8   DT  B "O3'" 
410 C "C2'" . DT  B 8  ? 0.8856 0.3304 0.8670 0.1419  0.0314  -0.0061 8   DT  B "C2'" 
411 C "C1'" . DT  B 8  ? 0.8141 0.3246 0.7914 0.1499  0.0430  0.0071  8   DT  B "C1'" 
412 N N1    . DT  B 8  ? 0.8092 0.3527 0.7920 0.1804  0.0649  0.0066  8   DT  B N1    
413 C C2    . DT  B 8  ? 0.8976 0.4783 0.9197 0.1981  0.0692  0.0344  8   DT  B C2    
414 O O2    . DT  B 8  ? 0.7848 0.3707 0.8287 0.1913  0.0577  0.0611  8   DT  B O2    
415 N N3    . DT  B 8  ? 0.8055 0.4213 0.8398 0.2240  0.0879  0.0312  8   DT  B N3    
416 C C4    . DT  B 8  ? 0.9451 0.5622 0.9559 0.2334  0.1073  0.0063  8   DT  B C4    
417 O O4    . DT  B 8  ? 1.0298 0.6853 1.0624 0.2553  0.1259  0.0077  8   DT  B O4    
418 C C5    . DT  B 8  ? 0.8266 0.4002 0.7853 0.2153  0.1036  -0.0199 8   DT  B C5    
419 C C7    . DT  B 8  ? 0.8550 0.4261 0.7731 0.2246  0.1254  -0.0440 8   DT  B C7    
420 C C6    . DT  B 8  ? 0.8275 0.3675 0.7755 0.1900  0.0802  -0.0198 8   DT  B C6    
421 P P     . DG  B 9  ? 0.8816 0.3072 0.8897 0.0488  -0.0160 0.0084  9   DG  B P     
422 O OP1   . DG  B 9  ? 0.8661 0.2628 0.8381 0.0403  -0.0295 -0.0353 9   DG  B OP1   
423 O OP2   . DG  B 9  ? 0.8911 0.2997 0.9310 0.0322  -0.0166 0.0348  9   DG  B OP2   
424 O "O5'" . DG  B 9  ? 0.7978 0.3010 0.8158 0.0423  -0.0216 0.0256  9   DG  B "O5'" 
425 C "C5'" . DG  B 9  ? 0.6698 0.2058 0.7172 0.0123  -0.0367 0.0365  9   DG  B "C5'" 
426 C "C4'" . DG  B 9  ? 0.6339 0.2195 0.7195 0.0121  -0.0238 0.0795  9   DG  B "C4'" 
427 O "O4'" . DG  B 9  ? 0.5838 0.2226 0.6551 0.0372  -0.0104 0.0889  9   DG  B "O4'" 
428 C "C3'" . DG  B 9  ? 0.7628 0.3071 0.8721 0.0156  -0.0130 0.1069  9   DG  B "C3'" 
429 O "O3'" . DG  B 9  ? 0.6894 0.2722 0.8352 -0.0011 -0.0073 0.1445  9   DG  B "O3'" 
430 C "C2'" . DG  B 9  ? 0.6764 0.2327 0.7673 0.0528  0.0030  0.1165  9   DG  B "C2'" 
431 C "C1'" . DG  B 9  ? 0.7331 0.3688 0.8172 0.0571  0.0038  0.1184  9   DG  B "C1'" 
432 N N9    . DG  B 9  ? 0.5800 0.2405 0.6470 0.0863  0.0131  0.1120  9   DG  B N9    
433 C C8    . DG  B 9  ? 0.6034 0.2312 0.6485 0.1033  0.0189  0.0856  9   DG  B C8    
434 N N7    . DG  B 9  ? 0.6936 0.3637 0.7396 0.1260  0.0291  0.0882  9   DG  B N7    
435 C C5    . DG  B 9  ? 0.5332 0.2647 0.5979 0.1240  0.0254  0.1146  9   DG  B C5    
436 C C6    . DG  B 9  ? 0.4956 0.2923 0.5714 0.1408  0.0273  0.1248  9   DG  B C6    
437 O O6    . DG  B 9  ? 0.6673 0.4849 0.7491 0.1592  0.0342  0.1153  9   DG  B O6    
438 N N1    . DG  B 9  ? 0.4726 0.3155 0.5549 0.1343  0.0201  0.1475  9   DG  B N1    
439 C C2    . DG  B 9  ? 0.4870 0.3188 0.5700 0.1144  0.0175  0.1625  9   DG  B C2    
440 N N2    . DG  B 9  ? 0.4647 0.3493 0.5479 0.1142  0.0156  0.1838  9   DG  B N2    
441 N N3    . DG  B 9  ? 0.5121 0.2877 0.5965 0.0957  0.0166  0.1558  9   DG  B N3    
442 C C4    . DG  B 9  ? 0.5372 0.2631 0.6104 0.1016  0.0180  0.1299  9   DG  B C4    
443 P P     . DG  B 10 ? 0.9977 0.6212 1.1765 -0.0346 -0.0185 0.1451  10  DG  B P     
444 O OP1   . DG  B 10 ? 0.6614 0.2419 0.8407 -0.0562 -0.0425 0.1065  10  DG  B OP1   
445 O OP2   . DG  B 10 ? 0.6454 0.2912 0.8617 -0.0473 -0.0034 0.1884  10  DG  B OP2   
446 O "O5'" . DG  B 10 ? 0.5736 0.2751 0.7293 -0.0204 -0.0167 0.1383  10  DG  B "O5'" 
447 C "C5'" . DG  B 10 ? 0.7445 0.5078 0.9237 -0.0358 -0.0180 0.1457  10  DG  B "C5'" 
448 C "C4'" . DG  B 10 ? 0.5654 0.3938 0.7294 -0.0149 -0.0034 0.1628  10  DG  B "C4'" 
449 O "O4'" . DG  B 10 ? 0.5433 0.3798 0.6712 0.0046  -0.0088 0.1366  10  DG  B "O4'" 
450 C "C3'" . DG  B 10 ? 0.4980 0.3277 0.6582 0.0019  0.0145  0.2005  10  DG  B "C3'" 
451 O "O3'" . DG  B 10 ? 0.4875 0.3838 0.6491 0.0061  0.0270  0.2234  10  DG  B "O3'" 
452 C "C2'" . DG  B 10 ? 0.4889 0.3092 0.6154 0.0300  0.0123  0.1855  10  DG  B "C2'" 
453 C "C1'" . DG  B 10 ? 0.4380 0.2951 0.5506 0.0287  0.0028  0.1536  10  DG  B "C1'" 
454 N N9    . DG  B 10 ? 0.4259 0.2729 0.5140 0.0459  -0.0004 0.1301  10  DG  B N9    
455 C C8    . DG  B 10 ? 0.5059 0.3021 0.5792 0.0460  -0.0053 0.1054  10  DG  B C8    
456 N N7    . DG  B 10 ? 0.4692 0.2748 0.5253 0.0632  -0.0012 0.0918  10  DG  B N7    
457 C C5    . DG  B 10 ? 0.3979 0.2631 0.4618 0.0729  0.0019  0.1054  10  DG  B C5    
458 C C6    . DG  B 10 ? 0.3722 0.2749 0.4341 0.0884  0.0043  0.0986  10  DG  B C6    
459 O O6    . DG  B 10 ? 0.3721 0.2655 0.4288 0.0967  0.0091  0.0829  10  DG  B O6    
460 N N1    . DG  B 10 ? 0.3510 0.3093 0.4193 0.0935  0.0013  0.1115  10  DG  B N1    
461 C C2    . DG  B 10 ? 0.3565 0.3330 0.4264 0.0873  0.0017  0.1315  10  DG  B C2    
462 N N2    . DG  B 10 ? 0.3449 0.3759 0.4095 0.0969  -0.0008 0.1388  10  DG  B N2    
463 N N3    . DG  B 10 ? 0.3778 0.3232 0.4552 0.0721  0.0045  0.1427  10  DG  B N3    
464 C C4    . DG  B 10 ? 0.3964 0.2861 0.4733 0.0644  0.0022  0.1276  10  DG  B C4    
465 P P     . DT  B 11 ? 0.5163 0.4236 0.6776 0.0157  0.0471  0.2740  11  DT  B P     
466 O OP1   . DT  B 11 ? 0.4949 0.4764 0.6490 0.0191  0.0593  0.2863  11  DT  B OP1   
467 O OP2   . DT  B 11 ? 0.5715 0.4185 0.7672 -0.0046 0.0522  0.2965  11  DT  B OP2   
468 O "O5'" . DT  B 11 ? 0.5220 0.4231 0.6483 0.0493  0.0436  0.2765  11  DT  B "O5'" 
469 C "C5'" . DT  B 11 ? 0.5414 0.4966 0.6397 0.0688  0.0369  0.2574  11  DT  B "C5'" 
470 C "C4'" . DT  B 11 ? 0.5367 0.4963 0.6152 0.0993  0.0345  0.2737  11  DT  B "C4'" 
471 O "O4'" . DT  B 11 ? 0.5101 0.4162 0.5972 0.1068  0.0285  0.2573  11  DT  B "O4'" 
472 C "C3'" . DT  B 11 ? 0.5584 0.5135 0.6310 0.1100  0.0466  0.3242  11  DT  B "C3'" 
473 O "O3'" . DT  B 11 ? 0.5631 0.5706 0.6048 0.1365  0.0402  0.3309  11  DT  B "O3'" 
474 C "C2'" . DT  B 11 ? 0.6008 0.4838 0.6897 0.1093  0.0454  0.3213  11  DT  B "C2'" 
475 C "C1'" . DT  B 11 ? 0.5644 0.4386 0.6531 0.1221  0.0334  0.2858  11  DT  B "C1'" 
476 N N1    . DT  B 11 ? 0.5932 0.3938 0.6950 0.1162  0.0326  0.2658  11  DT  B N1    
477 C C2    . DT  B 11 ? 0.6005 0.3872 0.6991 0.1393  0.0290  0.2490  11  DT  B C2    
478 O O2    . DT  B 11 ? 0.5808 0.4153 0.6748 0.1618  0.0248  0.2506  11  DT  B O2    
479 N N3    . DT  B 11 ? 0.6370 0.3548 0.7396 0.1349  0.0299  0.2279  11  DT  B N3    
480 C C4    . DT  B 11 ? 0.6684 0.3298 0.7770 0.1082  0.0290  0.2192  11  DT  B C4    
481 O O4    . DT  B 11 ? 0.7102 0.3101 0.8140 0.1075  0.0264  0.1952  11  DT  B O4    
482 C C5    . DT  B 11 ? 0.6542 0.3378 0.7759 0.0815  0.0306  0.2383  11  DT  B C5    
483 C C7    . DT  B 11 ? 0.6863 0.3222 0.8268 0.0480  0.0270  0.2293  11  DT  B C7    
484 C C6    . DT  B 11 ? 0.6169 0.3690 0.7350 0.0878  0.0347  0.2618  11  DT  B C6    
485 P P     . DG  B 12 ? 0.6326 0.7159 0.6427 0.1424  0.0419  0.3343  12  DG  B P     
486 O OP1   . DG  B 12 ? 0.7276 0.8128 0.7474 0.1204  0.0632  0.3551  12  DG  B OP1   
487 O OP2   . DG  B 12 ? 0.7393 0.8589 0.7174 0.1677  0.0328  0.3422  12  DG  B OP2   
488 O "O5'" . DG  B 12 ? 0.5286 0.6357 0.5432 0.1356  0.0270  0.2794  12  DG  B "O5'" 
489 C "C5'" . DG  B 12 ? 0.5316 0.6983 0.5220 0.1395  0.0226  0.2587  12  DG  B "C5'" 
490 C "C4'" . DG  B 12 ? 0.5201 0.7188 0.4990 0.1577  0.0002  0.2330  12  DG  B "C4'" 
491 O "O4'" . DG  B 12 ? 0.4669 0.6341 0.4770 0.1488  -0.0076 0.2036  12  DG  B "O4'" 
492 C "C3'" . DG  B 12 ? 0.5094 0.7231 0.4717 0.1854  -0.0096 0.2628  12  DG  B "C3'" 
493 O "O3'" . DG  B 12 ? 0.6655 0.9366 0.6044 0.1994  -0.0300 0.2399  12  DG  B "O3'" 
494 C "C2'" . DG  B 12 ? 0.5458 0.7152 0.5445 0.1880  -0.0140 0.2590  12  DG  B "C2'" 
495 C "C1'" . DG  B 12 ? 0.8138 0.9772 0.8335 0.1679  -0.0172 0.2122  12  DG  B "C1'" 
496 N N9    . DG  B 12 ? 0.4616 0.5684 0.5090 0.1599  -0.0104 0.2041  12  DG  B N9    
497 C C8    . DG  B 12 ? 0.4484 0.4972 0.5038 0.1457  0.0028  0.2155  12  DG  B C8    
498 N N7    . DG  B 12 ? 0.4449 0.4498 0.5161 0.1437  0.0048  0.1989  12  DG  B N7    
499 C C5    . DG  B 12 ? 0.4214 0.4605 0.5002 0.1567  -0.0036 0.1793  12  DG  B C5    
500 C C6    . DG  B 12 ? 0.4124 0.4336 0.5084 0.1619  -0.0003 0.1586  12  DG  B C6    
501 O O6    . DG  B 12 ? 0.4283 0.3949 0.5260 0.1588  0.0099  0.1503  12  DG  B O6    
502 N N1    . DG  B 12 ? 0.3892 0.4650 0.5011 0.1716  -0.0094 0.1458  12  DG  B N1    
503 C C2    . DG  B 12 ? 0.3977 0.5338 0.5050 0.1758  -0.0253 0.1474  12  DG  B C2    
504 N N2    . DG  B 12 ? 0.4027 0.5860 0.5355 0.1814  -0.0365 0.1301  12  DG  B N2    
505 N N3    . DG  B 12 ? 0.4437 0.5943 0.5237 0.1743  -0.0292 0.1635  12  DG  B N3    
506 C C4    . DG  B 12 ? 0.4264 0.5282 0.4954 0.1648  -0.0153 0.1813  12  DG  B C4    
507 K K     . K   C .  ? 0.3317 0.2823 0.3574 0.1513  0.0608  0.0837  101 K   A K     
508 K K     . K   D .  ? 0.3127 0.2180 0.4977 0.1116  -0.0771 0.0295  102 K   A K     
509 K K     . K   E .  ? 0.3841 0.3071 0.4333 0.1467  0.0561  0.1042  101 K   B K     
510 O O     . HOH F .  ? 0.3950 0.6510 0.5115 0.2677  0.0743  0.1579  201 HOH A O     
511 O O     . HOH F .  ? 0.3470 0.2281 0.5973 -0.0921 -0.1697 0.0790  202 HOH A O     
512 O O     . HOH F .  ? 0.2460 0.2611 0.3474 0.1353  0.0698  -0.0087 203 HOH A O     
513 O O     . HOH F .  ? 0.3343 0.3441 0.4277 0.0734  -0.0132 0.2076  204 HOH A O     
514 O O     . HOH F .  ? 0.4797 0.1374 0.4645 0.0149  0.0033  -0.0752 205 HOH A O     
515 O O     . HOH G .  ? 0.3892 0.1210 0.4080 0.0721  -0.0042 0.0123  201 HOH B O     
516 O O     . HOH G .  ? 0.2625 0.2762 0.6085 0.1052  0.0580  0.0930  202 HOH B O     
517 O O     . HOH G .  ? 0.2365 0.4120 0.3160 0.1497  -0.0755 0.0052  203 HOH B O     
518 O O     . HOH G .  ? 0.2830 0.1205 0.2616 0.0474  -0.0210 0.0767  204 HOH B O     
519 O O     . HOH G .  ? 0.3562 0.4168 0.3292 0.1866  0.0300  0.1455  205 HOH B O     
520 O O     . HOH G .  ? 0.1342 0.2053 0.4371 0.0396  -0.0491 -0.0528 206 HOH B O     
521 O O     . HOH G .  ? 0.2722 0.1396 0.3581 0.0549  -0.0479 -0.0819 207 HOH B O     
# 
